data_7VYX
#
_entry.id   7VYX
#
_cell.length_a   93.127
_cell.length_b   149.850
_cell.length_c   173.246
_cell.angle_alpha   90.000
_cell.angle_beta   91.590
_cell.angle_gamma   90.000
#
_symmetry.space_group_name_H-M   'P 1 21 1'
#
loop_
_entity.id
_entity.type
_entity.pdbx_description
1 polymer 'Selenomethionine (SeMet)-labeled Cas12c1 D969A mutant'
2 polymer sgRNA
3 polymer 'Target DNA strand'
4 polymer 'Non-target DNA strand'
5 non-polymer 'ZINC ION'
#
loop_
_entity_poly.entity_id
_entity_poly.type
_entity_poly.pdbx_seq_one_letter_code
_entity_poly.pdbx_strand_id
1 'polypeptide(L)'
;(MSE)QTKKTHLHLISAKASRKYRRTIACLSDTAKKDLERRKQSGAADPAQELSCLKTIKFKLEVPEGSKLPSFDRISQI
YNALETIEKGSLSYLLFALILSGFRIFPNSSAAKTFASSSCYKNDQFASQIKEIFGE(MSE)VKNFIPSELESILKKGRR
KNNKDWTEENIKRVLNSEFGRKNSEGSSALFDSFLSKFSQELFRKFDSWNEVNKKYLEAAELLDS(MSE)LASYGPFDSV
CK(MSE)IGDSDSRNSLPDKSTIAFTNNAEITVDIESSV(MSE)PY(MSE)AIAALLREYRQSKSKAAPVAYVQSHLTTT
NGNGLSWFFKFGLDLIRKAPVSSKQSTSDGSKSLQELFSVPDDKLDGLKFIKEACEALPEASLLCGEKGELLGYQDFRTS
FAGHIDSWVANYVNRLFELIELVNQLPESIKLPSILTQKNHNLVASLGLQEAEVSHSLELFEGLVKNVRQTLKKLAGIDI
SSSPNEQDIKEFYAFSDVLNRLGSIRNQIENAVQTAKKDKIDLESAIEWKEWKKLKKLPKLNGLGGGVPKQQELLDKALE
SVKQIRHYQRIDFERVIQWAVNEHCLETVPKFLVDAEKKKINKESSTDFAAKENAVRFLLEGIGAAARGKTDSVSKAAYN
WFVVNNFLAKKDLNRYFINCQGCIYKPPYSKRRSLAFALRSDNKDTIEVVWEKFETFYKEISKEIEKFNIFSQEFQTFLH
LENLR(MSE)KLLLRRIQKPIPAEIAFFSLPQEYYDSLPPNVAFLALNQEITPSEYITQFNLYSSFLNGNLILLRRSRSY
LRAKFSWVGNSKLIYAAKEARLWKIPNAYWKSDEWK(MSE)ILDSNVLVFDKAGNVLPAPTLKKVCEREGDLRLFYPLLR
QLPHDWCYRNPFVKSVGREKNVIEVNKEGEPKVASALPGSLFRLIGPAPFKSLLDDCFFNPLDKDLREC(MSE)LIVDQE
ISQKVEAQKVEASLESCTYSIAVPIRYHLEEPKVSNQFENVLAIAQGEAGLAYAVFSLKSIGEAETKPIAVGTIRIPSIR
RLIHSVSTYRKKKQRLQNFKQNYDSTAFI(MSE)RENVTGDVCAKIVGL(MSE)KEFNAFPVLEYDVKNLESGSRQLSAV
YKAVNSHFLYFKEPGRDALRKQLWYGGDSWTIDGIEIVTRERKEDGKEGVEKIVPLKVFPGRSVSARFTSKTCSCCGRNV
FDWLFTEKKAKTNKKFNVNSKGELTTADGVIQLFEADRSKGPKFYARRKERTPLTKPIAKGSYSLEEIERRVRTNLRRAP
KSKQSRDTSQSQYFCVYKDCALHFSG(MSE)QADENAAINIGRRFLTALRKNRRSDFPSNVKISDRLLDNLEHHHHHH
;
A,B
2 'polyribonucleotide'
;GGAAACUCCCGACUUCCUCAGGAUGAAGUUGAUUCUUUAUCCAUACCUUGGUGCCGGGACGCCGAUUGAGGAAUGGGCGG
CGCCUUCCAAAUUUAUUGGAAGGGUUUAUAAGGCAACAUCGAACAUAUAACAAGCU
;
C,D
3 'polydeoxyribonucleotide'
;(DA)(DG)(DC)(DT)(DT)(DG)(DT)(DT)(DA)(DT)(DA)(DT)(DG)(DT)(DT)(DC)(DG)(DA)(DT)(DG)
(DT)(DT)(DG)(DC)(DA)(DC)(DT)(DA)(DG)(DA)(DC)
;
E,F
4 'polydeoxyribonucleotide'
;(DG)(DT)(DC)(DT)(DA)(DG)(DT)(DG)(DC)(DA)(DA)(DC)(DA)(DA)(DA)(DA)(DA)(DA)(DA)(DA)
(DA)(DA)(DA)
;
G,H
#
loop_
_chem_comp.id
_chem_comp.type
_chem_comp.name
_chem_comp.formula
A RNA linking ADENOSINE-5'-MONOPHOSPHATE 'C10 H14 N5 O7 P'
C RNA linking CYTIDINE-5'-MONOPHOSPHATE 'C9 H14 N3 O8 P'
DA DNA linking 2'-DEOXYADENOSINE-5'-MONOPHOSPHATE 'C10 H14 N5 O6 P'
DC DNA linking 2'-DEOXYCYTIDINE-5'-MONOPHOSPHATE 'C9 H14 N3 O7 P'
DG DNA linking 2'-DEOXYGUANOSINE-5'-MONOPHOSPHATE 'C10 H14 N5 O7 P'
DT DNA linking THYMIDINE-5'-MONOPHOSPHATE 'C10 H15 N2 O8 P'
G RNA linking GUANOSINE-5'-MONOPHOSPHATE 'C10 H14 N5 O8 P'
U RNA linking URIDINE-5'-MONOPHOSPHATE 'C9 H13 N2 O9 P'
ZN non-polymer 'ZINC ION' 'Zn 2'
#
# COMPACT_ATOMS: atom_id res chain seq x y z
N HIS A 7 25.73 18.59 55.67
CA HIS A 7 25.01 18.95 56.87
C HIS A 7 24.22 17.75 57.36
N LEU A 8 22.93 17.78 57.11
CA LEU A 8 22.05 16.68 57.41
C LEU A 8 21.35 16.60 56.10
N HIS A 9 21.96 15.93 55.13
CA HIS A 9 21.40 15.89 53.81
C HIS A 9 20.59 14.64 53.56
N LEU A 10 19.32 14.87 53.26
CA LEU A 10 18.31 13.86 53.04
C LEU A 10 18.23 13.24 51.68
N ILE A 11 17.55 12.12 51.61
CA ILE A 11 17.45 11.44 50.37
C ILE A 11 16.46 12.09 49.51
N SER A 12 16.78 12.10 48.23
CA SER A 12 15.94 12.70 47.23
C SER A 12 16.08 11.92 45.94
N ALA A 13 15.18 12.22 45.02
CA ALA A 13 15.11 11.62 43.74
C ALA A 13 15.02 10.15 43.74
N LYS A 14 15.85 9.49 42.95
CA LYS A 14 15.83 8.03 42.85
C LYS A 14 16.03 7.27 44.17
N ALA A 15 16.82 7.84 45.07
CA ALA A 15 17.10 7.22 46.33
C ALA A 15 15.93 7.12 47.24
N SER A 16 15.01 8.05 47.11
CA SER A 16 13.79 8.12 47.86
C SER A 16 12.73 7.31 47.21
N ARG A 17 12.88 7.05 45.94
CA ARG A 17 11.90 6.29 45.27
C ARG A 17 12.30 4.95 45.63
N LYS A 18 13.59 4.72 45.72
CA LYS A 18 14.00 3.35 46.06
C LYS A 18 13.63 3.01 47.50
N TYR A 19 13.79 3.98 48.39
CA TYR A 19 13.48 3.77 49.81
C TYR A 19 11.99 3.50 50.01
N ARG A 20 11.15 4.25 49.31
CA ARG A 20 9.71 4.09 49.41
C ARG A 20 9.25 2.75 48.85
N ARG A 21 9.81 2.38 47.70
CA ARG A 21 9.47 1.13 47.06
C ARG A 21 9.87 0.01 47.93
N THR A 22 11.02 0.09 48.53
CA THR A 22 11.53 -1.00 49.33
C THR A 22 10.64 -1.23 50.47
N ILE A 23 10.18 -0.14 51.04
CA ILE A 23 9.30 -0.10 52.18
C ILE A 23 7.96 -0.68 51.86
N ALA A 24 7.55 -0.53 50.63
CA ALA A 24 6.28 -1.06 50.23
C ALA A 24 6.33 -2.50 50.43
N CYS A 25 7.45 -3.08 50.06
CA CYS A 25 7.65 -4.49 50.12
C CYS A 25 7.67 -5.01 51.51
N LEU A 26 7.77 -4.11 52.47
CA LEU A 26 7.79 -4.52 53.84
C LEU A 26 6.44 -4.35 54.48
N SER A 27 5.50 -3.90 53.70
CA SER A 27 4.16 -3.65 54.16
C SER A 27 3.53 -4.95 54.52
N ASP A 28 2.46 -4.88 55.27
CA ASP A 28 1.85 -6.07 55.79
C ASP A 28 1.41 -7.00 54.73
N THR A 29 0.79 -6.47 53.71
CA THR A 29 0.33 -7.32 52.63
C THR A 29 1.42 -7.99 51.84
N ALA A 30 2.49 -7.26 51.60
CA ALA A 30 3.60 -7.74 50.83
C ALA A 30 4.24 -8.91 51.47
N LYS A 31 4.33 -8.85 52.79
CA LYS A 31 4.92 -9.89 53.60
C LYS A 31 4.08 -11.13 53.42
N LYS A 32 2.78 -10.93 53.31
CA LYS A 32 1.85 -11.99 53.11
C LYS A 32 2.08 -12.64 51.79
N ASP A 33 2.31 -11.81 50.80
CA ASP A 33 2.48 -12.28 49.46
C ASP A 33 3.67 -13.18 49.37
N LEU A 34 4.77 -12.77 49.99
CA LEU A 34 5.98 -13.54 49.98
C LEU A 34 5.76 -14.88 50.63
N GLU A 35 5.03 -14.88 51.75
CA GLU A 35 4.74 -16.08 52.53
C GLU A 35 3.99 -17.01 51.67
N ARG A 36 3.06 -16.47 50.94
CA ARG A 36 2.26 -17.23 50.04
C ARG A 36 3.10 -17.92 49.00
N ARG A 37 4.17 -17.27 48.65
CA ARG A 37 4.99 -17.85 47.62
C ARG A 37 5.68 -19.09 48.05
N LYS A 38 6.06 -19.13 49.32
CA LYS A 38 6.71 -20.30 49.89
C LYS A 38 5.73 -21.46 49.74
N GLN A 39 4.54 -21.29 50.32
CA GLN A 39 3.50 -22.32 50.25
C GLN A 39 2.87 -22.37 48.86
N SER A 40 2.80 -21.21 48.20
CA SER A 40 2.22 -21.11 46.87
C SER A 40 3.20 -21.60 45.81
N GLY A 41 4.48 -21.29 46.00
CA GLY A 41 5.51 -21.69 45.08
C GLY A 41 5.69 -20.70 43.93
N ALA A 42 4.72 -20.68 43.02
CA ALA A 42 4.78 -19.78 41.88
C ALA A 42 3.99 -18.49 42.15
N ALA A 43 4.59 -17.35 41.82
CA ALA A 43 3.95 -16.07 42.04
C ALA A 43 3.25 -15.47 40.83
N ASP A 44 1.99 -15.10 40.98
CA ASP A 44 1.25 -14.49 39.88
C ASP A 44 1.51 -13.03 39.92
N PRO A 45 1.77 -12.43 38.78
CA PRO A 45 2.07 -11.02 38.60
C PRO A 45 0.92 -10.16 39.01
N ALA A 46 -0.27 -10.65 38.72
CA ALA A 46 -1.48 -9.94 38.98
C ALA A 46 -2.09 -10.21 40.30
N GLN A 47 -1.53 -11.16 41.03
CA GLN A 47 -2.09 -11.51 42.30
C GLN A 47 -1.24 -11.09 43.45
N GLU A 48 -0.38 -10.12 43.23
CA GLU A 48 0.51 -9.60 44.22
C GLU A 48 0.53 -8.09 44.18
N LEU A 49 1.05 -7.45 45.20
CA LEU A 49 1.05 -6.01 45.26
C LEU A 49 1.77 -5.47 44.06
N SER A 50 1.19 -4.44 43.47
CA SER A 50 1.71 -3.71 42.33
C SER A 50 1.08 -2.35 42.28
N CYS A 51 1.61 -1.50 41.45
CA CYS A 51 1.07 -0.17 41.22
C CYS A 51 1.40 0.29 39.86
N LEU A 52 0.74 1.31 39.36
CA LEU A 52 1.04 1.77 38.03
C LEU A 52 1.70 3.10 38.12
N LYS A 53 2.80 3.29 37.39
CA LYS A 53 3.49 4.58 37.36
C LYS A 53 3.50 5.05 35.91
N THR A 54 2.68 6.04 35.58
CA THR A 54 2.58 6.52 34.20
C THR A 54 3.58 7.60 33.82
N ILE A 55 4.27 7.43 32.71
CA ILE A 55 5.24 8.38 32.20
C ILE A 55 4.83 8.85 30.85
N LYS A 56 4.99 10.12 30.57
CA LYS A 56 4.56 10.65 29.31
C LYS A 56 5.73 11.10 28.56
N PHE A 57 5.81 10.71 27.31
CA PHE A 57 6.90 11.05 26.48
C PHE A 57 6.31 11.68 25.29
N LYS A 58 6.77 12.84 24.95
CA LYS A 58 6.35 13.40 23.72
C LYS A 58 6.99 12.55 22.62
N LEU A 59 6.47 12.55 21.41
CA LEU A 59 7.09 11.72 20.42
C LEU A 59 7.71 12.57 19.36
N GLU A 60 8.96 12.33 19.05
CA GLU A 60 9.60 13.11 18.04
C GLU A 60 9.37 12.54 16.68
N VAL A 61 8.22 12.78 16.12
CA VAL A 61 7.92 12.28 14.79
C VAL A 61 8.85 12.93 13.84
N PRO A 62 9.49 12.16 12.96
CA PRO A 62 10.32 12.79 11.98
C PRO A 62 9.41 13.42 10.99
N GLU A 63 9.78 14.59 10.52
CA GLU A 63 9.00 15.30 9.54
C GLU A 63 9.17 14.55 8.23
N GLY A 64 8.27 14.78 7.30
CA GLY A 64 8.30 13.97 6.11
C GLY A 64 7.53 12.71 6.45
N SER A 65 6.47 12.90 7.21
CA SER A 65 5.60 11.81 7.60
C SER A 65 4.22 12.20 7.18
N LYS A 66 3.45 11.19 6.86
CA LYS A 66 2.11 11.38 6.41
C LYS A 66 1.20 11.50 7.58
N LEU A 67 1.19 12.64 8.22
CA LEU A 67 0.34 12.85 9.37
C LEU A 67 -0.83 13.65 8.89
N PRO A 68 -1.99 13.33 9.40
CA PRO A 68 -3.30 13.87 9.09
C PRO A 68 -3.63 15.16 9.75
N SER A 69 -4.62 15.81 9.23
CA SER A 69 -5.00 17.03 9.83
C SER A 69 -5.66 16.72 11.11
N PHE A 70 -5.56 17.65 12.03
CA PHE A 70 -6.14 17.48 13.32
C PHE A 70 -7.61 17.32 13.17
N ASP A 71 -8.14 17.96 12.16
CA ASP A 71 -9.55 17.82 11.95
C ASP A 71 -9.81 16.41 11.61
N ARG A 72 -8.94 15.80 10.83
CA ARG A 72 -9.11 14.39 10.49
C ARG A 72 -8.94 13.55 11.70
N ILE A 73 -7.97 13.89 12.52
CA ILE A 73 -7.74 13.23 13.78
C ILE A 73 -8.88 13.55 14.69
N SER A 74 -9.34 14.77 14.66
CA SER A 74 -10.45 15.20 15.48
C SER A 74 -11.72 14.47 15.14
N GLN A 75 -11.93 14.17 13.88
CA GLN A 75 -13.15 13.54 13.46
C GLN A 75 -13.40 12.14 13.96
N ILE A 76 -12.34 11.35 14.00
CA ILE A 76 -12.36 9.97 14.45
C ILE A 76 -12.68 9.92 15.87
N TYR A 77 -12.00 10.74 16.63
CA TYR A 77 -12.09 10.79 18.06
C TYR A 77 -13.46 10.99 18.47
N ASN A 78 -14.20 11.76 17.72
CA ASN A 78 -15.58 12.05 17.98
C ASN A 78 -16.50 10.94 17.70
N ALA A 79 -16.03 10.09 16.81
CA ALA A 79 -16.75 8.94 16.41
C ALA A 79 -16.80 8.12 17.62
N LEU A 80 -15.66 8.01 18.25
CA LEU A 80 -15.53 7.26 19.46
C LEU A 80 -16.26 7.77 20.67
N GLU A 81 -16.10 9.04 20.99
CA GLU A 81 -16.67 9.60 22.20
C GLU A 81 -17.92 10.43 22.29
N THR A 82 -18.46 10.81 21.19
CA THR A 82 -19.62 11.66 21.15
C THR A 82 -20.92 10.90 21.07
N ILE A 83 -21.97 11.39 21.69
CA ILE A 83 -23.21 10.65 21.67
C ILE A 83 -24.14 11.00 20.55
N GLU A 84 -23.65 11.78 19.62
CA GLU A 84 -24.38 12.15 18.43
C GLU A 84 -24.44 11.01 17.46
N LYS A 85 -25.29 11.16 16.48
CA LYS A 85 -25.49 10.16 15.48
C LYS A 85 -24.17 10.12 14.79
N GLY A 86 -23.70 8.96 14.39
CA GLY A 86 -22.41 8.89 13.78
C GLY A 86 -21.26 8.64 14.71
N SER A 87 -21.62 8.22 15.92
CA SER A 87 -20.73 7.91 17.00
C SER A 87 -21.14 6.60 17.53
N LEU A 88 -20.20 5.92 18.13
CA LEU A 88 -20.38 4.60 18.66
C LEU A 88 -21.41 4.57 19.72
N SER A 89 -21.47 5.58 20.56
CA SER A 89 -22.43 5.60 21.64
C SER A 89 -23.83 5.60 21.20
N TYR A 90 -24.11 6.23 20.09
CA TYR A 90 -25.44 6.32 19.51
C TYR A 90 -25.96 4.98 19.05
N LEU A 91 -25.09 4.27 18.36
CA LEU A 91 -25.35 2.97 17.80
C LEU A 91 -25.63 1.97 18.87
N LEU A 92 -24.83 1.96 19.91
CA LEU A 92 -25.07 1.04 20.97
C LEU A 92 -26.40 1.41 21.54
N PHE A 93 -26.68 2.69 21.65
CA PHE A 93 -27.95 3.15 22.17
C PHE A 93 -29.07 2.82 21.22
N ALA A 94 -28.79 2.99 19.95
CA ALA A 94 -29.75 2.69 18.93
C ALA A 94 -30.06 1.25 18.97
N LEU A 95 -29.06 0.43 19.20
CA LEU A 95 -29.29 -0.99 19.21
C LEU A 95 -30.28 -1.38 20.25
N ILE A 96 -30.08 -1.01 21.49
CA ILE A 96 -31.02 -1.36 22.54
C ILE A 96 -32.36 -0.74 22.28
N LEU A 97 -32.33 0.51 21.90
CA LEU A 97 -33.56 1.21 21.67
C LEU A 97 -34.29 0.56 20.57
N SER A 98 -33.60 0.25 19.49
CA SER A 98 -34.25 -0.31 18.35
C SER A 98 -34.42 -1.79 18.46
N GLY A 99 -34.84 -2.27 19.61
CA GLY A 99 -35.06 -3.69 19.84
C GLY A 99 -34.05 -4.79 19.69
N PHE A 100 -32.90 -4.69 20.32
CA PHE A 100 -31.89 -5.73 20.21
C PHE A 100 -31.14 -5.87 21.50
N ARG A 101 -30.43 -6.98 21.67
CA ARG A 101 -29.68 -7.20 22.88
C ARG A 101 -28.26 -7.64 22.64
N ILE A 102 -27.36 -7.27 23.51
CA ILE A 102 -25.98 -7.62 23.33
C ILE A 102 -25.51 -8.48 24.49
N PHE A 103 -24.78 -9.54 24.16
CA PHE A 103 -24.27 -10.49 25.12
C PHE A 103 -22.80 -10.68 24.89
N PRO A 104 -22.06 -11.14 25.89
CA PRO A 104 -20.61 -11.29 25.87
C PRO A 104 -20.07 -12.28 24.87
N ASN A 105 -20.84 -13.33 24.66
CA ASN A 105 -20.43 -14.38 23.76
C ASN A 105 -21.52 -14.76 22.78
N SER A 106 -21.09 -15.47 21.76
CA SER A 106 -21.92 -15.97 20.71
C SER A 106 -22.96 -16.90 21.19
N SER A 107 -22.58 -17.77 22.09
CA SER A 107 -23.52 -18.74 22.56
C SER A 107 -24.69 -18.20 23.26
N ALA A 108 -24.49 -17.26 24.16
CA ALA A 108 -25.57 -16.71 24.92
C ALA A 108 -26.56 -16.05 24.05
N ALA A 109 -26.10 -15.60 22.90
CA ALA A 109 -26.91 -14.97 21.88
C ALA A 109 -27.89 -15.91 21.25
N LYS A 110 -27.41 -17.07 20.83
CA LYS A 110 -28.22 -18.04 20.15
C LYS A 110 -29.31 -18.49 21.05
N THR A 111 -28.99 -18.83 22.27
CA THR A 111 -30.01 -19.29 23.17
C THR A 111 -31.04 -18.23 23.40
N PHE A 112 -30.63 -16.99 23.52
CA PHE A 112 -31.59 -15.97 23.83
C PHE A 112 -32.60 -15.86 22.77
N ALA A 113 -32.12 -15.86 21.55
CA ALA A 113 -33.00 -15.70 20.44
C ALA A 113 -33.95 -16.85 20.46
N SER A 114 -33.41 -18.04 20.56
CA SER A 114 -34.24 -19.22 20.56
C SER A 114 -34.65 -19.45 21.96
N SER A 115 -35.37 -18.51 22.51
CA SER A 115 -35.81 -18.63 23.88
C SER A 115 -36.78 -19.75 24.03
N SER A 116 -37.58 -19.94 23.01
CA SER A 116 -38.66 -20.92 22.97
C SER A 116 -38.25 -22.37 23.08
N CYS A 117 -37.16 -22.72 22.42
CA CYS A 117 -36.64 -24.08 22.37
C CYS A 117 -36.23 -24.67 23.70
N TYR A 118 -35.91 -23.82 24.66
CA TYR A 118 -35.48 -24.23 25.99
C TYR A 118 -36.48 -23.80 27.04
N LYS A 119 -37.09 -24.77 27.70
CA LYS A 119 -38.09 -24.50 28.71
C LYS A 119 -37.42 -24.45 30.03
N ASN A 120 -36.73 -23.36 30.28
CA ASN A 120 -36.00 -23.22 31.50
C ASN A 120 -36.90 -23.16 32.69
N ASP A 121 -38.05 -22.55 32.56
CA ASP A 121 -38.88 -22.36 33.73
C ASP A 121 -39.30 -23.62 34.43
N GLN A 122 -39.78 -24.60 33.67
CA GLN A 122 -40.21 -25.85 34.25
C GLN A 122 -39.12 -26.69 34.83
N PHE A 123 -38.04 -26.78 34.10
CA PHE A 123 -36.91 -27.62 34.45
C PHE A 123 -36.37 -27.25 35.79
N ALA A 124 -36.26 -25.97 36.05
CA ALA A 124 -35.80 -25.50 37.32
C ALA A 124 -36.80 -25.90 38.33
N SER A 125 -38.06 -25.88 37.96
CA SER A 125 -39.10 -26.23 38.89
C SER A 125 -38.92 -27.63 39.33
N GLN A 126 -38.72 -28.49 38.36
CA GLN A 126 -38.53 -29.91 38.58
C GLN A 126 -37.29 -30.17 39.37
N ILE A 127 -36.23 -29.44 39.06
CA ILE A 127 -34.99 -29.66 39.75
C ILE A 127 -35.12 -29.43 41.21
N LYS A 128 -35.91 -28.46 41.59
CA LYS A 128 -36.11 -28.17 42.98
C LYS A 128 -36.78 -29.29 43.72
N GLU A 129 -37.82 -29.84 43.10
CA GLU A 129 -38.55 -30.90 43.74
C GLU A 129 -37.70 -32.12 43.96
N ILE A 130 -37.02 -32.55 42.92
CA ILE A 130 -36.10 -33.68 42.98
C ILE A 130 -34.83 -33.47 43.78
N PHE A 131 -34.15 -32.38 43.56
CA PHE A 131 -32.96 -32.14 44.33
C PHE A 131 -33.26 -31.29 45.53
N GLY A 132 -34.45 -30.74 45.55
CA GLY A 132 -34.92 -29.98 46.67
C GLY A 132 -34.15 -28.76 47.06
N GLU A 133 -33.52 -28.16 46.07
CA GLU A 133 -32.80 -26.95 46.26
C GLU A 133 -32.62 -26.36 44.90
N MSE A 134 -32.57 -25.04 44.77
CA MSE A 134 -32.33 -24.46 43.48
C MSE A 134 -30.85 -24.43 43.26
O MSE A 134 -30.10 -24.07 44.17
CB MSE A 134 -32.92 -23.06 43.56
CG MSE A 134 -34.12 -22.88 42.67
SE MSE A 134 -35.37 -21.70 43.59
CE MSE A 134 -34.86 -22.16 45.43
N VAL A 135 -30.40 -24.76 42.06
CA VAL A 135 -28.99 -24.82 41.73
C VAL A 135 -28.56 -23.70 40.84
N LYS A 136 -27.42 -23.10 41.12
CA LYS A 136 -27.00 -21.99 40.32
C LYS A 136 -26.67 -22.44 38.94
N ASN A 137 -27.25 -21.76 37.98
CA ASN A 137 -27.03 -22.00 36.58
C ASN A 137 -27.23 -23.38 36.05
N PHE A 138 -28.26 -24.08 36.46
CA PHE A 138 -28.46 -25.41 35.98
C PHE A 138 -29.79 -25.46 35.33
N ILE A 139 -29.79 -24.91 34.14
CA ILE A 139 -30.92 -24.86 33.27
C ILE A 139 -30.36 -25.24 31.92
N PRO A 140 -31.23 -25.74 31.07
CA PRO A 140 -30.78 -26.26 29.79
C PRO A 140 -30.12 -25.19 29.00
N SER A 141 -30.67 -24.00 29.09
CA SER A 141 -30.14 -22.93 28.32
C SER A 141 -28.72 -22.72 28.70
N GLU A 142 -28.45 -22.48 29.97
CA GLU A 142 -27.08 -22.29 30.43
C GLU A 142 -26.23 -23.51 30.34
N LEU A 143 -26.86 -24.67 30.37
CA LEU A 143 -26.11 -25.90 30.28
C LEU A 143 -25.43 -26.01 28.96
N GLU A 144 -26.14 -25.66 27.89
CA GLU A 144 -25.60 -25.75 26.54
C GLU A 144 -24.33 -24.93 26.36
N SER A 145 -24.30 -23.73 26.95
CA SER A 145 -23.16 -22.86 26.82
C SER A 145 -21.95 -23.40 27.55
N ILE A 146 -22.19 -23.95 28.70
CA ILE A 146 -21.16 -24.51 29.50
C ILE A 146 -20.50 -25.67 28.83
N LEU A 147 -21.27 -26.56 28.23
CA LEU A 147 -20.68 -27.68 27.53
C LEU A 147 -19.92 -27.16 26.34
N LYS A 148 -20.57 -26.28 25.60
CA LYS A 148 -20.00 -25.63 24.42
C LYS A 148 -18.80 -24.74 24.66
N LYS A 149 -18.76 -24.09 25.83
CA LYS A 149 -17.68 -23.19 26.18
C LYS A 149 -16.36 -23.95 26.24
N GLY A 150 -15.25 -23.22 26.20
CA GLY A 150 -13.97 -23.85 26.26
C GLY A 150 -13.18 -23.36 27.42
N ARG A 151 -12.26 -24.16 27.88
CA ARG A 151 -11.48 -23.85 29.03
C ARG A 151 -10.05 -23.55 28.72
N ARG A 152 -9.45 -22.70 29.54
CA ARG A 152 -8.09 -22.31 29.34
C ARG A 152 -7.27 -22.49 30.61
N LYS A 153 -5.98 -22.23 30.47
CA LYS A 153 -5.03 -22.35 31.53
C LYS A 153 -4.97 -23.72 32.06
N ASN A 154 -5.09 -23.85 33.37
CA ASN A 154 -5.01 -25.15 33.97
C ASN A 154 -6.35 -25.75 34.19
N ASN A 155 -7.36 -25.20 33.52
CA ASN A 155 -8.72 -25.70 33.61
C ASN A 155 -8.93 -26.74 32.54
N LYS A 156 -8.02 -26.73 31.58
CA LYS A 156 -8.02 -27.69 30.49
C LYS A 156 -7.54 -29.09 30.84
N ASP A 157 -6.90 -29.20 32.00
CA ASP A 157 -6.31 -30.46 32.40
C ASP A 157 -7.47 -31.39 32.52
N TRP A 158 -7.37 -32.53 31.87
CA TRP A 158 -8.42 -33.54 31.88
C TRP A 158 -8.26 -34.60 32.93
N THR A 159 -8.48 -34.24 34.16
CA THR A 159 -8.45 -35.16 35.26
C THR A 159 -9.85 -35.18 35.87
N GLU A 160 -10.18 -36.20 36.63
CA GLU A 160 -11.52 -36.24 37.15
C GLU A 160 -11.73 -35.09 38.03
N GLU A 161 -10.70 -34.78 38.79
CA GLU A 161 -10.77 -33.72 39.76
C GLU A 161 -11.02 -32.36 39.16
N ASN A 162 -10.29 -32.04 38.11
CA ASN A 162 -10.45 -30.74 37.49
C ASN A 162 -11.80 -30.62 36.94
N ILE A 163 -12.32 -31.67 36.35
CA ILE A 163 -13.63 -31.57 35.75
C ILE A 163 -14.63 -31.26 36.81
N LYS A 164 -14.53 -31.93 37.94
CA LYS A 164 -15.42 -31.67 39.02
C LYS A 164 -15.23 -30.29 39.51
N ARG A 165 -14.00 -29.82 39.52
CA ARG A 165 -13.73 -28.50 40.05
C ARG A 165 -14.46 -27.45 39.28
N VAL A 166 -14.39 -27.53 37.97
CA VAL A 166 -15.05 -26.55 37.15
C VAL A 166 -16.54 -26.60 37.28
N LEU A 167 -17.06 -27.80 37.22
CA LEU A 167 -18.47 -27.99 37.29
C LEU A 167 -18.94 -27.51 38.62
N ASN A 168 -18.09 -27.64 39.61
CA ASN A 168 -18.53 -27.22 40.89
C ASN A 168 -18.72 -25.76 40.81
N SER A 169 -17.73 -25.05 40.30
CA SER A 169 -17.77 -23.60 40.23
C SER A 169 -18.89 -23.10 39.41
N GLU A 170 -19.10 -23.72 38.28
CA GLU A 170 -20.12 -23.31 37.36
C GLU A 170 -21.44 -23.39 37.99
N PHE A 171 -21.62 -24.40 38.79
CA PHE A 171 -22.88 -24.64 39.41
C PHE A 171 -22.91 -24.16 40.80
N GLY A 172 -21.97 -23.31 41.14
CA GLY A 172 -21.98 -22.72 42.44
C GLY A 172 -22.06 -23.76 43.49
N ARG A 173 -21.39 -24.88 43.25
CA ARG A 173 -21.35 -25.97 44.20
C ARG A 173 -20.11 -25.81 45.08
N LYS A 174 -20.31 -25.73 46.39
CA LYS A 174 -19.21 -25.58 47.33
C LYS A 174 -18.52 -26.91 47.59
N ASN A 175 -17.26 -26.84 48.03
CA ASN A 175 -16.49 -28.04 48.32
C ASN A 175 -17.14 -28.85 49.45
N SER A 176 -18.06 -29.72 49.09
CA SER A 176 -18.76 -30.55 50.06
C SER A 176 -18.65 -32.04 49.77
N GLU A 177 -17.43 -32.56 49.82
CA GLU A 177 -17.17 -33.97 49.56
C GLU A 177 -17.96 -34.88 50.50
N GLY A 178 -17.91 -34.56 51.80
CA GLY A 178 -18.61 -35.34 52.80
C GLY A 178 -20.11 -35.25 52.65
N SER A 179 -20.59 -34.06 52.28
CA SER A 179 -22.02 -33.84 52.09
C SER A 179 -22.60 -34.83 51.08
N SER A 180 -23.71 -35.47 51.46
CA SER A 180 -24.36 -36.44 50.59
C SER A 180 -25.54 -35.81 49.85
N ALA A 181 -25.31 -34.65 49.26
CA ALA A 181 -26.34 -33.94 48.52
C ALA A 181 -26.72 -34.64 47.22
N LEU A 182 -28.02 -34.67 46.92
CA LEU A 182 -28.52 -35.30 45.70
C LEU A 182 -27.82 -34.82 44.44
N PHE A 183 -27.77 -33.50 44.28
CA PHE A 183 -27.12 -32.89 43.11
C PHE A 183 -25.59 -32.93 43.18
N ASP A 184 -25.05 -32.86 44.39
CA ASP A 184 -23.60 -32.89 44.59
C ASP A 184 -23.07 -34.23 44.12
N SER A 185 -23.76 -35.31 44.50
CA SER A 185 -23.35 -36.66 44.11
C SER A 185 -23.64 -36.94 42.64
N PHE A 186 -24.35 -36.02 42.00
CA PHE A 186 -24.68 -36.18 40.61
C PHE A 186 -23.62 -35.59 39.76
N LEU A 187 -22.91 -34.62 40.29
CA LEU A 187 -21.85 -33.99 39.55
C LEU A 187 -20.70 -34.94 39.57
N SER A 188 -20.52 -35.63 40.66
CA SER A 188 -19.44 -36.59 40.72
C SER A 188 -19.67 -37.72 39.77
N LYS A 189 -20.88 -38.21 39.73
CA LYS A 189 -21.20 -39.28 38.83
C LYS A 189 -21.02 -38.76 37.46
N PHE A 190 -21.58 -37.59 37.20
CA PHE A 190 -21.50 -37.02 35.89
C PHE A 190 -20.10 -36.70 35.51
N SER A 191 -19.40 -36.06 36.41
CA SER A 191 -18.04 -35.71 36.12
C SER A 191 -17.28 -37.00 35.95
N GLN A 192 -17.52 -37.96 36.83
CA GLN A 192 -16.82 -39.22 36.72
C GLN A 192 -17.21 -39.87 35.42
N GLU A 193 -18.46 -39.80 35.03
CA GLU A 193 -18.84 -40.45 33.80
C GLU A 193 -18.51 -39.66 32.57
N LEU A 194 -17.83 -38.54 32.71
CA LEU A 194 -17.48 -37.71 31.58
C LEU A 194 -16.02 -37.86 31.32
N PHE A 195 -15.28 -38.03 32.39
CA PHE A 195 -13.85 -38.22 32.33
C PHE A 195 -13.66 -39.45 31.50
N ARG A 196 -14.38 -40.48 31.87
CA ARG A 196 -14.29 -41.74 31.18
C ARG A 196 -14.40 -41.62 29.68
N LYS A 197 -15.57 -41.17 29.23
CA LYS A 197 -15.95 -41.12 27.81
C LYS A 197 -15.50 -40.09 26.79
N PHE A 198 -14.77 -39.06 27.18
CA PHE A 198 -14.28 -38.06 26.25
C PHE A 198 -12.84 -37.87 26.61
N ASP A 199 -11.94 -37.71 25.65
CA ASP A 199 -10.54 -37.60 26.08
C ASP A 199 -9.96 -36.22 26.33
N SER A 200 -10.77 -35.19 26.19
CA SER A 200 -10.40 -33.80 26.42
C SER A 200 -11.54 -32.85 26.41
N TRP A 201 -11.31 -31.65 26.92
CA TRP A 201 -12.34 -30.62 26.97
C TRP A 201 -12.70 -30.14 25.59
N ASN A 202 -11.72 -30.15 24.69
CA ASN A 202 -11.93 -29.71 23.32
C ASN A 202 -12.91 -30.67 22.63
N GLU A 203 -12.85 -31.94 23.02
CA GLU A 203 -13.72 -32.95 22.45
C GLU A 203 -15.13 -32.80 23.02
N VAL A 204 -15.21 -32.30 24.24
CA VAL A 204 -16.50 -32.10 24.91
C VAL A 204 -17.32 -31.05 24.19
N ASN A 205 -16.67 -29.98 23.76
CA ASN A 205 -17.34 -28.89 23.05
C ASN A 205 -17.82 -29.38 21.68
N LYS A 206 -16.93 -30.00 20.94
CA LYS A 206 -17.26 -30.52 19.62
C LYS A 206 -18.44 -31.47 19.71
N LYS A 207 -18.33 -32.46 20.59
CA LYS A 207 -19.39 -33.42 20.79
C LYS A 207 -20.28 -32.92 21.87
N TYR A 208 -21.15 -31.98 21.57
CA TYR A 208 -21.95 -31.42 22.64
C TYR A 208 -23.31 -31.99 22.82
N LEU A 209 -23.77 -32.77 21.88
CA LEU A 209 -25.07 -33.39 22.10
C LEU A 209 -24.84 -34.73 22.78
N GLU A 210 -23.69 -35.31 22.56
CA GLU A 210 -23.34 -36.54 23.19
C GLU A 210 -23.23 -36.24 24.66
N ALA A 211 -22.61 -35.11 24.98
CA ALA A 211 -22.44 -34.72 26.36
C ALA A 211 -23.79 -34.39 26.90
N ALA A 212 -24.59 -33.78 26.06
CA ALA A 212 -25.91 -33.39 26.46
C ALA A 212 -26.68 -34.59 26.77
N GLU A 213 -26.51 -35.60 25.94
CA GLU A 213 -27.23 -36.84 26.07
C GLU A 213 -26.92 -37.53 27.35
N LEU A 214 -25.63 -37.60 27.66
CA LEU A 214 -25.12 -38.28 28.82
C LEU A 214 -25.72 -37.66 30.01
N LEU A 215 -25.74 -36.36 30.00
CA LEU A 215 -26.30 -35.63 31.09
C LEU A 215 -27.74 -35.98 31.23
N ASP A 216 -28.45 -35.99 30.13
CA ASP A 216 -29.84 -36.32 30.25
C ASP A 216 -29.98 -37.74 30.72
N SER A 217 -29.06 -38.59 30.33
CA SER A 217 -29.12 -39.97 30.74
C SER A 217 -28.98 -40.12 32.21
N MSE A 218 -28.03 -39.43 32.83
CA MSE A 218 -27.82 -39.54 34.26
C MSE A 218 -28.97 -39.07 35.04
O MSE A 218 -29.26 -39.63 36.08
CB MSE A 218 -26.72 -38.64 34.70
CG MSE A 218 -25.47 -39.11 34.02
SE MSE A 218 -24.39 -39.98 35.38
CE MSE A 218 -23.12 -40.82 34.14
N LEU A 219 -29.52 -37.96 34.59
CA LEU A 219 -30.65 -37.27 35.17
C LEU A 219 -31.85 -38.13 35.09
N ALA A 220 -31.87 -38.98 34.08
CA ALA A 220 -32.96 -39.87 33.86
C ALA A 220 -33.09 -40.76 35.05
N SER A 221 -31.97 -41.20 35.57
CA SER A 221 -32.08 -42.07 36.68
C SER A 221 -32.73 -41.36 37.84
N TYR A 222 -32.28 -40.18 38.21
CA TYR A 222 -32.91 -39.52 39.34
C TYR A 222 -34.35 -39.11 39.18
N GLY A 223 -34.71 -38.53 38.05
CA GLY A 223 -36.05 -38.06 37.86
C GLY A 223 -36.46 -37.88 36.42
N PRO A 224 -37.70 -37.44 36.19
CA PRO A 224 -38.11 -37.26 34.82
C PRO A 224 -37.91 -35.81 34.41
N PHE A 225 -36.99 -35.61 33.49
CA PHE A 225 -36.65 -34.31 32.97
C PHE A 225 -36.67 -34.42 31.48
N ASP A 226 -36.98 -33.34 30.79
CA ASP A 226 -37.00 -33.37 29.34
C ASP A 226 -35.64 -33.44 28.72
N SER A 227 -35.59 -33.69 27.42
CA SER A 227 -34.31 -33.84 26.76
C SER A 227 -33.55 -32.60 26.45
N VAL A 228 -32.46 -32.40 27.14
CA VAL A 228 -31.71 -31.20 26.94
C VAL A 228 -31.29 -31.18 25.51
N CYS A 229 -30.72 -32.29 25.06
CA CYS A 229 -30.15 -32.37 23.74
C CYS A 229 -31.19 -32.06 22.72
N LYS A 230 -32.40 -32.50 22.97
CA LYS A 230 -33.46 -32.25 22.05
C LYS A 230 -33.62 -30.78 21.99
N MSE A 231 -33.57 -30.15 23.16
CA MSE A 231 -33.77 -28.73 23.26
C MSE A 231 -32.70 -28.10 22.48
O MSE A 231 -32.94 -27.16 21.73
CB MSE A 231 -33.57 -28.28 24.69
CG MSE A 231 -34.32 -29.15 25.67
SE MSE A 231 -34.92 -27.97 27.08
CE MSE A 231 -35.90 -29.15 28.26
N ILE A 232 -31.51 -28.58 22.70
CA ILE A 232 -30.38 -28.04 22.05
C ILE A 232 -30.53 -28.21 20.57
N GLY A 233 -30.97 -29.37 20.15
CA GLY A 233 -31.12 -29.59 18.73
C GLY A 233 -32.20 -28.69 18.21
N ASP A 234 -33.24 -28.55 18.99
CA ASP A 234 -34.37 -27.77 18.56
C ASP A 234 -33.99 -26.32 18.30
N SER A 235 -33.29 -25.71 19.23
CA SER A 235 -32.85 -24.35 19.06
C SER A 235 -31.85 -24.34 17.94
N ASP A 236 -31.03 -25.35 17.90
CA ASP A 236 -29.99 -25.44 16.92
C ASP A 236 -30.61 -25.44 15.55
N SER A 237 -31.73 -26.12 15.40
CA SER A 237 -32.38 -26.16 14.11
C SER A 237 -32.89 -24.83 13.68
N ARG A 238 -33.37 -24.06 14.63
CA ARG A 238 -33.98 -22.80 14.29
C ARG A 238 -33.09 -21.60 14.32
N ASN A 239 -31.80 -21.80 14.43
CA ASN A 239 -30.91 -20.67 14.47
C ASN A 239 -30.70 -20.11 13.11
N SER A 240 -30.94 -18.81 13.01
CA SER A 240 -30.78 -18.07 11.79
C SER A 240 -29.67 -17.05 11.87
N LEU A 241 -29.22 -16.79 13.07
CA LEU A 241 -28.23 -15.76 13.37
C LEU A 241 -26.93 -15.93 12.69
N PRO A 242 -26.30 -14.82 12.37
CA PRO A 242 -25.03 -14.83 11.68
C PRO A 242 -24.01 -15.48 12.53
N ASP A 243 -22.97 -16.05 11.94
CA ASP A 243 -21.99 -16.77 12.72
C ASP A 243 -21.34 -15.90 13.73
N LYS A 244 -21.50 -16.30 14.98
CA LYS A 244 -20.96 -15.67 16.14
C LYS A 244 -21.57 -14.39 16.59
N SER A 245 -22.77 -14.08 16.13
CA SER A 245 -23.38 -12.84 16.48
C SER A 245 -23.52 -12.77 17.92
N THR A 246 -23.16 -11.63 18.49
CA THR A 246 -23.29 -11.39 19.88
C THR A 246 -24.52 -10.55 20.17
N ILE A 247 -25.39 -10.43 19.18
CA ILE A 247 -26.61 -9.65 19.24
C ILE A 247 -27.79 -10.50 18.89
N ALA A 248 -28.95 -10.12 19.39
CA ALA A 248 -30.16 -10.85 19.13
C ALA A 248 -31.32 -9.91 19.19
N PHE A 249 -32.43 -10.32 18.61
CA PHE A 249 -33.63 -9.52 18.57
C PHE A 249 -34.69 -10.04 19.49
N THR A 250 -35.35 -9.15 20.20
CA THR A 250 -36.38 -9.55 21.11
C THR A 250 -37.71 -9.03 20.74
N ASN A 251 -38.65 -9.92 20.58
CA ASN A 251 -40.02 -9.59 20.26
C ASN A 251 -40.70 -8.93 21.42
N ASN A 252 -40.31 -9.32 22.61
CA ASN A 252 -40.89 -8.81 23.83
C ASN A 252 -40.51 -7.38 24.07
N ALA A 253 -39.54 -6.93 23.31
CA ALA A 253 -39.02 -5.58 23.45
C ALA A 253 -39.98 -4.57 22.93
N GLU A 254 -39.70 -3.32 23.28
CA GLU A 254 -40.45 -2.16 22.84
C GLU A 254 -39.46 -1.38 22.00
N ILE A 255 -39.90 -0.87 20.87
CA ILE A 255 -39.02 -0.17 19.98
C ILE A 255 -39.25 1.31 20.05
N THR A 256 -38.18 2.10 20.08
CA THR A 256 -38.31 3.53 20.14
C THR A 256 -37.39 4.20 19.14
N VAL A 257 -37.62 4.02 17.86
CA VAL A 257 -36.75 4.63 16.87
C VAL A 257 -36.99 6.09 16.66
N ASP A 258 -36.10 6.74 15.94
CA ASP A 258 -36.31 8.13 15.65
C ASP A 258 -36.69 8.91 16.87
N ILE A 259 -35.73 9.03 17.78
CA ILE A 259 -35.90 9.72 19.05
C ILE A 259 -34.72 10.66 19.28
N GLU A 260 -34.81 11.56 20.24
CA GLU A 260 -33.76 12.55 20.47
C GLU A 260 -32.41 12.03 20.89
N SER A 261 -31.35 12.52 20.26
CA SER A 261 -29.99 12.10 20.57
C SER A 261 -29.61 12.45 21.97
N SER A 262 -30.06 13.58 22.44
CA SER A 262 -29.75 14.05 23.76
C SER A 262 -30.30 13.16 24.82
N VAL A 263 -31.49 12.64 24.62
CA VAL A 263 -32.14 11.81 25.62
C VAL A 263 -32.17 10.33 25.40
N MSE A 264 -31.61 9.85 24.30
CA MSE A 264 -31.64 8.44 24.01
C MSE A 264 -30.99 7.65 25.08
O MSE A 264 -31.41 6.53 25.32
CB MSE A 264 -30.92 8.15 22.72
CG MSE A 264 -31.68 8.73 21.57
SE MSE A 264 -30.62 8.39 19.99
CE MSE A 264 -30.96 6.49 19.94
N PRO A 265 -29.97 8.18 25.71
CA PRO A 265 -29.31 7.36 26.69
C PRO A 265 -30.26 7.07 27.77
N TYR A 266 -31.11 8.06 28.07
CA TYR A 266 -32.10 7.92 29.14
C TYR A 266 -32.98 6.69 28.98
N MSE A 267 -33.47 6.46 27.77
CA MSE A 267 -34.32 5.35 27.52
C MSE A 267 -33.68 4.03 27.60
O MSE A 267 -34.22 3.16 28.30
CB MSE A 267 -34.70 5.45 26.07
CG MSE A 267 -34.92 6.89 25.70
SE MSE A 267 -36.57 7.42 26.55
CE MSE A 267 -35.93 7.94 28.32
N ALA A 268 -32.53 3.86 26.97
CA ALA A 268 -31.89 2.57 26.93
C ALA A 268 -31.60 2.13 28.33
N ILE A 269 -31.16 2.99 29.18
CA ILE A 269 -30.90 2.57 30.52
C ILE A 269 -32.23 2.20 31.11
N ALA A 270 -33.24 2.97 30.81
CA ALA A 270 -34.55 2.73 31.35
C ALA A 270 -35.12 1.44 30.87
N ALA A 271 -34.93 1.14 29.60
CA ALA A 271 -35.41 -0.09 28.99
C ALA A 271 -34.79 -1.33 29.59
N LEU A 272 -33.48 -1.28 29.75
CA LEU A 272 -32.72 -2.35 30.33
C LEU A 272 -33.08 -2.49 31.76
N LEU A 273 -33.17 -1.36 32.43
CA LEU A 273 -33.46 -1.36 33.83
C LEU A 273 -34.78 -2.00 34.11
N ARG A 274 -35.72 -1.78 33.21
CA ARG A 274 -37.06 -2.32 33.34
C ARG A 274 -37.08 -3.82 33.34
N GLU A 275 -36.24 -4.40 32.47
CA GLU A 275 -36.07 -5.84 32.30
C GLU A 275 -35.34 -6.42 33.47
N TYR A 276 -34.64 -5.58 34.19
CA TYR A 276 -33.86 -6.04 35.31
C TYR A 276 -34.85 -6.64 36.21
N ARG A 277 -35.96 -5.95 36.37
CA ARG A 277 -37.04 -6.43 37.19
C ARG A 277 -37.78 -7.65 36.67
N GLN A 278 -37.93 -7.74 35.35
CA GLN A 278 -38.61 -8.86 34.75
C GLN A 278 -37.84 -10.10 35.02
N SER A 279 -36.53 -9.99 35.00
CA SER A 279 -35.68 -11.13 35.22
C SER A 279 -35.48 -11.47 36.67
N LYS A 280 -35.90 -10.58 37.55
CA LYS A 280 -35.81 -10.79 38.97
C LYS A 280 -34.38 -11.05 39.38
N SER A 281 -33.48 -10.31 38.75
CA SER A 281 -32.06 -10.46 38.98
C SER A 281 -31.68 -10.13 40.39
N LYS A 282 -30.62 -10.77 40.87
CA LYS A 282 -30.08 -10.53 42.19
C LYS A 282 -28.98 -9.51 42.14
N ALA A 283 -28.48 -9.22 40.97
CA ALA A 283 -27.37 -8.31 40.80
C ALA A 283 -27.80 -6.88 41.03
N ALA A 284 -26.85 -5.99 41.21
CA ALA A 284 -27.17 -4.61 41.42
C ALA A 284 -27.57 -4.02 40.12
N PRO A 285 -28.36 -2.96 40.17
CA PRO A 285 -28.85 -2.42 38.93
C PRO A 285 -27.72 -1.87 38.16
N VAL A 286 -26.79 -1.23 38.83
CA VAL A 286 -25.67 -0.63 38.16
C VAL A 286 -24.96 -1.66 37.32
N ALA A 287 -24.78 -2.84 37.87
CA ALA A 287 -24.09 -3.86 37.15
C ALA A 287 -24.84 -4.65 36.16
N TYR A 288 -26.17 -4.60 36.24
CA TYR A 288 -27.03 -5.34 35.33
C TYR A 288 -27.02 -4.72 33.93
N VAL A 289 -26.95 -3.40 33.91
CA VAL A 289 -26.93 -2.65 32.68
C VAL A 289 -25.58 -2.66 32.02
N GLN A 290 -24.52 -2.66 32.79
CA GLN A 290 -23.19 -2.64 32.23
C GLN A 290 -22.94 -3.97 31.58
N SER A 291 -23.48 -5.17 32.25
CA SER A 291 -23.48 -6.51 31.73
C SER A 291 -24.12 -6.54 30.36
N HIS A 292 -25.27 -5.87 30.32
CA HIS A 292 -26.15 -5.70 29.19
C HIS A 292 -26.14 -4.57 28.27
N LEU A 293 -25.18 -3.68 28.39
CA LEU A 293 -25.07 -2.61 27.46
C LEU A 293 -23.75 -2.75 26.80
N THR A 294 -22.68 -2.40 27.48
CA THR A 294 -21.34 -2.56 26.92
C THR A 294 -20.98 -4.04 26.73
N THR A 295 -21.45 -4.87 27.66
CA THR A 295 -21.08 -6.26 27.75
C THR A 295 -19.79 -6.83 28.24
N THR A 296 -19.47 -6.76 29.51
CA THR A 296 -18.34 -7.48 30.06
C THR A 296 -17.03 -7.44 29.39
N ASN A 297 -16.26 -6.39 29.59
CA ASN A 297 -14.95 -6.11 28.98
C ASN A 297 -15.07 -5.73 27.49
N GLY A 298 -16.03 -4.94 27.09
CA GLY A 298 -16.11 -4.78 25.65
C GLY A 298 -16.08 -6.02 24.76
N ASN A 299 -16.38 -7.18 25.33
CA ASN A 299 -16.38 -8.43 24.58
C ASN A 299 -17.49 -8.56 23.53
N GLY A 300 -18.64 -7.96 23.83
CA GLY A 300 -19.75 -8.01 22.92
C GLY A 300 -19.52 -7.24 21.68
N LEU A 301 -18.87 -6.13 21.82
CA LEU A 301 -18.58 -5.21 20.81
C LEU A 301 -17.46 -5.70 20.00
N SER A 302 -16.87 -6.82 20.23
CA SER A 302 -15.70 -7.20 19.53
C SER A 302 -16.05 -7.69 18.16
N TRP A 303 -17.25 -8.24 18.04
CA TRP A 303 -17.82 -8.76 16.82
C TRP A 303 -18.72 -7.68 16.33
N PHE A 304 -19.63 -7.22 17.16
CA PHE A 304 -20.55 -6.16 16.80
C PHE A 304 -20.02 -4.92 16.16
N PHE A 305 -18.83 -4.48 16.51
CA PHE A 305 -18.22 -3.32 15.93
C PHE A 305 -17.40 -3.69 14.73
N LYS A 306 -17.14 -4.97 14.49
CA LYS A 306 -16.35 -5.30 13.34
C LYS A 306 -17.01 -6.15 12.34
N PHE A 307 -17.85 -7.05 12.78
CA PHE A 307 -18.51 -7.88 11.82
C PHE A 307 -19.95 -7.59 11.77
N GLY A 308 -20.49 -7.15 12.88
CA GLY A 308 -21.88 -6.83 12.90
C GLY A 308 -22.11 -5.54 12.21
N LEU A 309 -21.14 -4.63 12.25
CA LEU A 309 -21.30 -3.35 11.61
C LEU A 309 -21.22 -3.53 10.14
N ASP A 310 -20.17 -4.18 9.67
CA ASP A 310 -19.94 -4.43 8.25
C ASP A 310 -21.14 -5.04 7.62
N LEU A 311 -21.57 -6.12 8.20
CA LEU A 311 -22.71 -6.86 7.72
C LEU A 311 -24.00 -6.10 7.72
N ILE A 312 -24.20 -5.20 8.67
CA ILE A 312 -25.44 -4.44 8.77
C ILE A 312 -25.56 -3.22 7.92
N ARG A 313 -24.59 -3.00 7.06
CA ARG A 313 -24.60 -1.90 6.17
C ARG A 313 -24.89 -2.53 4.85
N LYS A 314 -24.16 -3.59 4.54
CA LYS A 314 -24.29 -4.30 3.28
C LYS A 314 -25.60 -5.01 2.99
N ALA A 315 -26.30 -5.53 3.98
CA ALA A 315 -27.56 -6.18 3.73
C ALA A 315 -28.70 -5.23 3.94
N PRO A 316 -29.83 -5.50 3.31
CA PRO A 316 -31.00 -4.64 3.38
C PRO A 316 -31.93 -5.08 4.46
N VAL A 317 -32.70 -4.16 5.00
CA VAL A 317 -33.60 -4.50 6.07
C VAL A 317 -34.56 -5.62 5.76
N SER A 318 -35.12 -5.69 4.56
CA SER A 318 -36.07 -6.75 4.24
C SER A 318 -36.03 -7.11 2.79
N SER A 319 -35.63 -8.32 2.47
CA SER A 319 -35.58 -8.70 1.07
C SER A 319 -35.70 -10.20 0.91
N GLY A 326 -28.45 -12.38 2.59
CA GLY A 326 -29.63 -12.72 3.35
C GLY A 326 -30.29 -11.48 3.87
N SER A 327 -31.61 -11.46 3.90
CA SER A 327 -32.27 -10.28 4.37
C SER A 327 -32.14 -10.23 5.84
N LYS A 328 -31.78 -9.06 6.35
CA LYS A 328 -31.61 -8.87 7.78
C LYS A 328 -32.92 -9.08 8.54
N SER A 329 -33.89 -9.70 7.87
CA SER A 329 -35.19 -9.96 8.48
C SER A 329 -35.23 -11.34 9.12
N LEU A 330 -34.91 -12.36 8.33
CA LEU A 330 -34.92 -13.74 8.81
C LEU A 330 -33.67 -14.04 9.65
N GLN A 331 -32.60 -13.30 9.39
CA GLN A 331 -31.35 -13.48 10.12
C GLN A 331 -31.49 -13.03 11.57
N GLU A 332 -32.27 -11.99 11.79
CA GLU A 332 -32.49 -11.46 13.13
C GLU A 332 -33.90 -11.80 13.63
N LEU A 333 -34.59 -12.63 12.88
CA LEU A 333 -35.95 -13.05 13.21
C LEU A 333 -36.86 -11.87 13.55
N PHE A 334 -37.10 -11.01 12.57
CA PHE A 334 -37.96 -9.84 12.77
C PHE A 334 -39.42 -10.21 12.69
N SER A 335 -40.30 -9.26 13.04
CA SER A 335 -41.74 -9.49 13.00
C SER A 335 -42.03 -9.66 11.52
N VAL A 336 -42.92 -10.59 11.19
CA VAL A 336 -43.32 -10.79 9.80
C VAL A 336 -44.02 -9.60 9.09
N PRO A 337 -44.82 -8.88 9.88
CA PRO A 337 -45.50 -7.67 9.43
C PRO A 337 -44.35 -6.70 9.70
N ASP A 338 -44.68 -5.42 9.85
CA ASP A 338 -43.69 -4.41 10.20
C ASP A 338 -44.14 -3.82 11.61
N ASP A 339 -44.38 -4.82 12.47
CA ASP A 339 -44.86 -4.57 13.81
C ASP A 339 -43.63 -3.86 14.38
N LYS A 340 -42.46 -4.49 14.22
CA LYS A 340 -41.21 -3.92 14.70
C LYS A 340 -40.01 -3.86 13.76
N LEU A 341 -40.26 -3.49 12.51
CA LEU A 341 -39.19 -3.28 11.54
C LEU A 341 -38.70 -1.79 11.33
N ASP A 342 -39.50 -0.93 11.96
CA ASP A 342 -39.20 0.50 12.01
C ASP A 342 -37.85 0.44 12.72
N GLY A 343 -37.66 -0.59 13.53
CA GLY A 343 -36.44 -0.77 14.28
C GLY A 343 -35.13 -1.00 13.56
N LEU A 344 -35.16 -1.76 12.48
CA LEU A 344 -33.96 -2.06 11.71
C LEU A 344 -33.53 -0.83 10.90
N LYS A 345 -34.50 -0.02 10.50
CA LYS A 345 -34.23 1.19 9.74
C LYS A 345 -33.40 2.16 10.55
N PHE A 346 -33.71 2.28 11.84
CA PHE A 346 -33.00 3.17 12.74
C PHE A 346 -31.55 2.74 13.02
N ILE A 347 -31.32 1.44 13.06
CA ILE A 347 -29.99 0.90 13.29
C ILE A 347 -29.16 0.79 12.01
N LYS A 348 -29.86 0.60 10.90
CA LYS A 348 -29.22 0.50 9.59
C LYS A 348 -28.69 1.92 9.39
N GLU A 349 -29.50 2.91 9.76
CA GLU A 349 -29.10 4.31 9.65
C GLU A 349 -27.88 4.60 10.51
N ALA A 350 -27.90 4.07 11.73
CA ALA A 350 -26.80 4.23 12.66
C ALA A 350 -25.45 3.71 12.17
N CYS A 351 -25.47 2.60 11.43
CA CYS A 351 -24.28 2.01 10.91
C CYS A 351 -23.63 2.74 9.79
N GLU A 352 -24.41 3.24 8.84
CA GLU A 352 -23.85 4.00 7.72
C GLU A 352 -23.37 5.36 8.15
N ALA A 353 -24.09 5.90 9.13
CA ALA A 353 -23.78 7.20 9.67
C ALA A 353 -22.43 7.17 10.29
N LEU A 354 -22.14 6.14 11.05
CA LEU A 354 -20.84 5.98 11.68
C LEU A 354 -19.90 5.80 10.55
N PRO A 355 -18.91 6.63 10.51
CA PRO A 355 -17.99 6.49 9.43
C PRO A 355 -17.20 5.28 9.60
N GLU A 356 -16.63 4.81 8.52
CA GLU A 356 -15.80 3.65 8.56
C GLU A 356 -14.57 4.04 9.31
N ALA A 357 -13.92 3.10 9.99
CA ALA A 357 -12.75 3.43 10.76
C ALA A 357 -11.72 3.90 9.83
N SER A 358 -10.98 4.91 10.23
CA SER A 358 -10.00 5.49 9.36
C SER A 358 -8.78 6.01 9.96
N LEU A 359 -7.73 5.88 9.19
CA LEU A 359 -6.40 6.42 9.40
C LEU A 359 -5.60 6.05 10.57
N LEU A 360 -5.99 5.02 11.29
CA LEU A 360 -5.15 4.57 12.38
C LEU A 360 -4.92 3.15 12.02
N CYS A 361 -3.68 2.70 12.04
CA CYS A 361 -3.47 1.35 11.65
C CYS A 361 -2.39 0.67 12.40
N GLY A 362 -2.33 -0.62 12.24
CA GLY A 362 -1.34 -1.40 12.93
C GLY A 362 -0.06 -1.37 12.17
N GLU A 363 0.91 -2.15 12.65
CA GLU A 363 2.21 -2.28 12.02
C GLU A 363 1.97 -3.00 10.74
N LYS A 364 2.83 -2.76 9.77
CA LYS A 364 2.61 -3.32 8.43
C LYS A 364 1.17 -2.97 8.29
N GLY A 365 0.94 -1.70 8.47
CA GLY A 365 -0.39 -1.24 8.64
C GLY A 365 -1.48 -1.48 7.71
N GLU A 366 -2.52 -1.95 8.35
CA GLU A 366 -3.81 -2.21 7.83
C GLU A 366 -4.69 -1.52 8.86
N LEU A 367 -5.79 -0.95 8.43
CA LEU A 367 -6.61 -0.17 9.31
C LEU A 367 -7.15 -0.84 10.53
N LEU A 368 -7.23 -0.07 11.60
CA LEU A 368 -7.78 -0.50 12.88
C LEU A 368 -9.26 -0.35 12.82
N GLY A 369 -9.95 -1.05 13.67
CA GLY A 369 -11.38 -1.00 13.64
C GLY A 369 -11.93 -0.65 14.95
N TYR A 370 -13.23 -0.42 14.97
CA TYR A 370 -13.96 0.05 16.12
C TYR A 370 -14.01 -0.91 17.22
N GLN A 371 -13.60 -2.11 16.90
CA GLN A 371 -13.57 -3.19 17.84
C GLN A 371 -12.31 -3.17 18.62
N ASP A 372 -11.37 -2.36 18.20
CA ASP A 372 -10.14 -2.29 18.92
C ASP A 372 -10.24 -1.30 20.04
N PHE A 373 -11.34 -0.59 20.10
CA PHE A 373 -11.51 0.41 21.09
C PHE A 373 -12.58 0.01 22.06
N ARG A 374 -12.96 -1.27 22.05
CA ARG A 374 -14.05 -1.77 22.89
C ARG A 374 -13.87 -1.62 24.40
N THR A 375 -12.64 -1.76 24.87
CA THR A 375 -12.34 -1.69 26.28
C THR A 375 -12.48 -0.34 26.86
N SER A 376 -11.86 0.64 26.25
CA SER A 376 -11.96 1.98 26.69
C SER A 376 -13.32 2.53 26.52
N PHE A 377 -13.95 2.24 25.41
CA PHE A 377 -15.27 2.74 25.13
C PHE A 377 -16.20 2.25 26.16
N ALA A 378 -16.15 1.00 26.49
CA ALA A 378 -17.01 0.42 27.46
C ALA A 378 -16.76 1.05 28.81
N GLY A 379 -15.54 1.30 29.13
CA GLY A 379 -15.22 1.92 30.39
C GLY A 379 -15.80 3.28 30.46
N HIS A 380 -15.81 4.00 29.37
CA HIS A 380 -16.37 5.34 29.37
C HIS A 380 -17.82 5.23 29.61
N ILE A 381 -18.47 4.39 28.85
CA ILE A 381 -19.89 4.21 28.97
C ILE A 381 -20.36 3.70 30.26
N ASP A 382 -19.73 2.65 30.78
CA ASP A 382 -20.13 2.04 32.04
C ASP A 382 -19.94 2.94 33.26
N SER A 383 -19.01 3.87 33.14
CA SER A 383 -18.70 4.81 34.19
C SER A 383 -19.87 5.67 34.40
N TRP A 384 -20.44 6.11 33.29
CA TRP A 384 -21.63 6.93 33.18
C TRP A 384 -22.84 6.18 33.64
N VAL A 385 -22.91 4.94 33.25
CA VAL A 385 -24.01 4.08 33.61
C VAL A 385 -24.05 3.93 35.08
N ALA A 386 -22.91 3.80 35.72
CA ALA A 386 -22.93 3.67 37.14
C ALA A 386 -23.43 4.91 37.79
N ASN A 387 -22.90 6.02 37.37
CA ASN A 387 -23.26 7.30 37.90
C ASN A 387 -24.68 7.70 37.66
N TYR A 388 -25.17 7.54 36.43
CA TYR A 388 -26.54 7.88 36.09
C TYR A 388 -27.56 7.04 36.82
N VAL A 389 -27.34 5.77 36.82
CA VAL A 389 -28.24 4.89 37.49
C VAL A 389 -28.23 5.20 38.97
N ASN A 390 -27.13 5.56 39.57
CA ASN A 390 -27.15 5.87 40.98
C ASN A 390 -27.95 7.11 41.29
N ARG A 391 -28.05 7.99 40.32
CA ARG A 391 -28.77 9.21 40.47
C ARG A 391 -30.23 9.00 40.63
N LEU A 392 -30.79 8.17 39.77
CA LEU A 392 -32.21 7.99 39.75
C LEU A 392 -32.63 7.55 41.08
N PHE A 393 -31.99 6.51 41.56
CA PHE A 393 -32.34 5.95 42.81
C PHE A 393 -32.22 7.02 43.81
N GLU A 394 -31.25 7.88 43.67
CA GLU A 394 -31.18 8.96 44.61
C GLU A 394 -32.35 9.83 44.36
N LEU A 395 -32.67 9.98 43.10
CA LEU A 395 -33.75 10.87 42.82
C LEU A 395 -35.05 10.40 43.41
N ILE A 396 -35.42 9.13 43.21
CA ILE A 396 -36.71 8.64 43.62
C ILE A 396 -36.95 8.81 45.09
N GLU A 397 -35.97 8.43 45.87
CA GLU A 397 -36.08 8.59 47.29
C GLU A 397 -36.08 10.04 47.60
N LEU A 398 -35.46 10.81 46.73
CA LEU A 398 -35.39 12.21 46.95
C LEU A 398 -36.80 12.69 46.96
N VAL A 399 -37.58 12.18 46.02
CA VAL A 399 -38.98 12.55 45.92
C VAL A 399 -39.82 11.88 46.97
N ASN A 400 -39.69 10.56 47.08
CA ASN A 400 -40.46 9.80 48.06
C ASN A 400 -40.10 10.38 49.43
N GLN A 401 -38.81 10.33 49.76
CA GLN A 401 -38.33 10.86 51.04
C GLN A 401 -37.68 12.23 50.90
N SER A 431 -48.55 33.49 44.75
CA SER A 431 -47.93 32.21 45.02
C SER A 431 -48.80 31.11 44.47
N HIS A 432 -49.08 31.14 43.19
CA HIS A 432 -49.88 30.09 42.56
C HIS A 432 -49.13 28.79 42.43
N SER A 433 -47.82 28.95 42.48
CA SER A 433 -46.86 27.93 42.21
C SER A 433 -47.06 26.73 43.07
N LEU A 434 -47.35 27.00 44.34
CA LEU A 434 -47.53 25.94 45.32
C LEU A 434 -48.66 25.12 44.79
N GLU A 435 -49.58 25.79 44.14
CA GLU A 435 -50.67 25.04 43.58
C GLU A 435 -50.02 24.08 42.62
N LEU A 436 -49.08 24.57 41.84
CA LEU A 436 -48.41 23.75 40.87
C LEU A 436 -47.58 22.53 41.34
N PHE A 437 -46.97 22.66 42.50
CA PHE A 437 -46.10 21.62 43.03
C PHE A 437 -46.74 20.29 43.29
N GLU A 438 -47.80 20.27 44.09
CA GLU A 438 -48.43 19.00 44.40
C GLU A 438 -49.01 18.33 43.19
N GLY A 439 -49.74 19.10 42.41
CA GLY A 439 -50.28 18.52 41.21
C GLY A 439 -49.24 17.90 40.32
N LEU A 440 -48.20 18.69 40.16
CA LEU A 440 -47.00 18.35 39.43
C LEU A 440 -45.92 17.40 40.04
N VAL A 441 -46.01 17.31 41.35
CA VAL A 441 -45.10 16.46 42.11
C VAL A 441 -45.31 15.01 41.74
N LYS A 442 -46.51 14.52 41.86
CA LYS A 442 -46.69 13.11 41.67
C LYS A 442 -46.28 12.71 40.31
N ASN A 443 -46.59 13.54 39.32
CA ASN A 443 -46.23 13.27 37.94
C ASN A 443 -44.72 13.02 37.87
N VAL A 444 -43.99 13.54 38.84
CA VAL A 444 -42.55 13.38 38.91
C VAL A 444 -42.21 11.94 39.27
N ARG A 445 -43.06 11.33 40.09
CA ARG A 445 -42.86 9.95 40.50
C ARG A 445 -42.85 9.04 39.27
N GLN A 446 -43.82 9.26 38.38
CA GLN A 446 -43.92 8.48 37.16
C GLN A 446 -42.66 8.66 36.33
N THR A 447 -42.22 9.91 36.20
CA THR A 447 -41.01 10.22 35.44
C THR A 447 -39.85 9.43 36.01
N LEU A 448 -39.64 9.55 37.31
CA LEU A 448 -38.58 8.84 37.97
C LEU A 448 -38.78 7.38 37.90
N LYS A 449 -39.98 6.95 38.23
CA LYS A 449 -40.26 5.52 38.21
C LYS A 449 -40.16 4.88 36.84
N LYS A 450 -40.67 5.54 35.83
CA LYS A 450 -40.60 4.99 34.50
C LYS A 450 -39.19 5.02 33.98
N LEU A 451 -38.46 6.02 34.40
CA LEU A 451 -37.07 6.20 34.00
C LEU A 451 -36.29 5.06 34.56
N ALA A 452 -36.61 4.73 35.79
CA ALA A 452 -35.97 3.65 36.51
C ALA A 452 -36.45 2.30 36.03
N GLY A 453 -37.47 2.31 35.22
CA GLY A 453 -38.00 1.09 34.66
C GLY A 453 -38.97 0.42 35.59
N ILE A 454 -39.39 1.12 36.63
CA ILE A 454 -40.36 0.50 37.52
C ILE A 454 -41.82 0.70 37.15
N ASP A 455 -42.10 1.41 36.08
CA ASP A 455 -43.48 1.59 35.69
C ASP A 455 -43.66 1.07 34.29
N ILE A 456 -44.62 0.18 34.15
CA ILE A 456 -44.92 -0.39 32.86
C ILE A 456 -46.12 0.24 32.15
N SER A 457 -46.49 1.40 32.66
CA SER A 457 -47.59 2.15 32.11
C SER A 457 -47.27 2.74 30.73
N SER A 458 -46.03 3.19 30.61
CA SER A 458 -45.51 3.66 29.35
C SER A 458 -44.02 3.76 29.45
N SER A 459 -43.37 3.86 28.31
CA SER A 459 -41.92 4.03 28.30
C SER A 459 -41.73 5.52 28.12
N PRO A 460 -40.84 6.13 28.90
CA PRO A 460 -40.74 7.59 28.95
C PRO A 460 -40.54 8.40 27.70
N ASN A 461 -41.38 9.41 27.61
CA ASN A 461 -41.44 10.36 26.54
C ASN A 461 -40.38 11.39 26.73
N GLU A 462 -40.01 12.06 25.66
CA GLU A 462 -39.01 13.12 25.71
C GLU A 462 -39.56 14.19 26.61
N GLN A 463 -40.85 14.43 26.50
CA GLN A 463 -41.50 15.43 27.30
C GLN A 463 -41.48 15.03 28.75
N ASP A 464 -41.33 13.75 29.00
CA ASP A 464 -41.31 13.27 30.35
C ASP A 464 -40.13 13.94 31.01
N ILE A 465 -39.03 13.91 30.28
CA ILE A 465 -37.77 14.45 30.71
C ILE A 465 -37.85 15.92 30.94
N LYS A 466 -38.46 16.64 30.03
CA LYS A 466 -38.51 18.08 30.13
C LYS A 466 -39.20 18.49 31.39
N GLU A 467 -40.24 17.76 31.71
CA GLU A 467 -41.03 18.06 32.85
C GLU A 467 -40.22 18.00 34.09
N PHE A 468 -39.33 17.05 34.18
CA PHE A 468 -38.62 16.86 35.42
C PHE A 468 -37.84 18.08 35.82
N TYR A 469 -37.11 18.63 34.91
CA TYR A 469 -36.30 19.76 35.23
C TYR A 469 -37.13 20.93 35.70
N ALA A 470 -38.18 21.18 34.94
CA ALA A 470 -39.05 22.32 35.15
C ALA A 470 -39.53 22.23 36.55
N PHE A 471 -39.92 21.03 36.92
CA PHE A 471 -40.40 20.81 38.25
C PHE A 471 -39.25 21.25 39.10
N SER A 472 -38.06 20.85 38.69
CA SER A 472 -36.89 21.20 39.47
C SER A 472 -36.85 22.68 39.53
N ASP A 473 -37.27 23.28 38.44
CA ASP A 473 -37.26 24.69 38.36
C ASP A 473 -38.14 25.22 39.44
N VAL A 474 -39.34 24.69 39.50
CA VAL A 474 -40.35 25.12 40.45
C VAL A 474 -40.04 24.90 41.92
N LEU A 475 -39.61 23.71 42.26
CA LEU A 475 -39.39 23.39 43.65
C LEU A 475 -38.38 24.31 44.20
N ASN A 476 -37.44 24.65 43.35
CA ASN A 476 -36.37 25.44 43.83
C ASN A 476 -36.84 26.77 44.32
N ARG A 477 -37.76 27.41 43.61
CA ARG A 477 -38.16 28.74 44.01
C ARG A 477 -38.73 28.70 45.36
N LEU A 478 -39.62 27.75 45.52
CA LEU A 478 -40.36 27.64 46.73
C LEU A 478 -39.43 27.46 47.88
N GLY A 479 -38.31 26.80 47.64
CA GLY A 479 -37.42 26.54 48.73
C GLY A 479 -36.94 27.85 49.28
N SER A 480 -36.57 28.74 48.37
CA SER A 480 -36.00 30.01 48.76
C SER A 480 -36.96 30.81 49.54
N ILE A 481 -38.22 30.65 49.17
CA ILE A 481 -39.26 31.40 49.79
C ILE A 481 -39.12 30.86 51.18
N ARG A 482 -38.73 29.59 51.29
CA ARG A 482 -38.59 29.03 52.61
C ARG A 482 -37.78 29.97 53.50
N ASN A 483 -36.61 30.20 52.97
CA ASN A 483 -35.74 31.18 53.54
C ASN A 483 -36.25 32.63 53.59
N GLN A 484 -37.29 32.87 52.81
CA GLN A 484 -37.87 34.19 52.74
C GLN A 484 -38.36 34.75 54.06
N ILE A 485 -39.11 33.97 54.80
CA ILE A 485 -39.54 34.45 56.08
C ILE A 485 -38.87 33.87 57.32
N GLU A 486 -37.86 33.06 57.07
CA GLU A 486 -37.14 32.45 58.16
C GLU A 486 -36.16 33.39 58.93
N ASN A 487 -35.69 34.41 58.22
CA ASN A 487 -34.82 35.38 58.91
C ASN A 487 -35.70 36.49 59.40
N ALA A 488 -36.95 36.49 58.95
CA ALA A 488 -37.86 37.48 59.44
C ALA A 488 -37.67 37.26 60.92
N VAL A 489 -37.95 36.04 61.34
CA VAL A 489 -37.78 35.62 62.72
C VAL A 489 -36.30 35.64 63.08
N LYS A 509 -40.51 22.26 55.02
CA LYS A 509 -39.26 21.53 55.01
C LYS A 509 -38.39 22.08 53.91
N LYS A 510 -37.45 21.27 53.48
CA LYS A 510 -36.61 21.73 52.44
C LYS A 510 -37.25 21.31 51.15
N LEU A 511 -37.79 22.29 50.45
CA LEU A 511 -38.28 22.07 49.12
C LEU A 511 -37.01 22.42 48.41
N LYS A 512 -35.97 21.66 48.70
CA LYS A 512 -34.66 21.87 48.11
C LYS A 512 -34.66 21.40 46.67
N LYS A 513 -33.77 21.98 45.87
CA LYS A 513 -33.69 21.61 44.48
C LYS A 513 -33.29 20.18 44.28
N LEU A 514 -33.80 19.54 43.24
CA LEU A 514 -33.30 18.21 42.99
C LEU A 514 -32.23 18.08 41.97
N PRO A 515 -31.33 17.12 42.11
CA PRO A 515 -30.13 17.03 41.30
C PRO A 515 -30.52 16.73 39.91
N LYS A 516 -29.60 17.00 39.02
CA LYS A 516 -29.69 16.89 37.60
C LYS A 516 -29.63 15.48 37.13
N LEU A 517 -29.96 15.28 35.89
CA LEU A 517 -29.90 13.99 35.31
C LEU A 517 -28.66 14.12 34.47
N ASN A 518 -27.75 13.18 34.58
CA ASN A 518 -26.50 13.28 33.89
C ASN A 518 -26.59 13.21 32.39
N GLY A 519 -25.50 13.59 31.76
CA GLY A 519 -25.34 13.60 30.33
C GLY A 519 -23.99 13.05 29.93
N LEU A 520 -23.77 12.86 28.65
CA LEU A 520 -22.50 12.42 28.15
C LEU A 520 -22.06 13.40 27.12
N GLY A 521 -20.80 13.43 26.85
CA GLY A 521 -20.28 14.38 25.90
C GLY A 521 -18.91 13.96 25.46
N GLY A 522 -18.25 14.82 24.73
CA GLY A 522 -16.92 14.47 24.32
C GLY A 522 -16.67 14.84 22.90
N GLY A 523 -15.44 14.67 22.48
CA GLY A 523 -15.01 15.01 21.15
C GLY A 523 -14.36 16.37 21.21
N VAL A 524 -13.46 16.67 20.30
CA VAL A 524 -12.80 17.94 20.34
C VAL A 524 -13.85 19.00 20.18
N PRO A 525 -13.73 20.07 20.96
CA PRO A 525 -14.66 21.18 20.93
C PRO A 525 -14.51 21.94 19.66
N LYS A 526 -15.56 22.61 19.25
CA LYS A 526 -15.48 23.35 18.04
C LYS A 526 -14.99 24.68 18.48
N GLN A 527 -13.72 24.94 18.33
CA GLN A 527 -13.16 26.16 18.81
C GLN A 527 -13.71 27.42 18.19
N GLN A 528 -13.78 27.50 16.88
CA GLN A 528 -14.25 28.71 16.28
C GLN A 528 -15.66 29.00 16.63
N GLU A 529 -16.51 28.00 16.54
CA GLU A 529 -17.91 28.19 16.75
C GLU A 529 -18.18 28.70 18.11
N LEU A 530 -17.49 28.17 19.09
CA LEU A 530 -17.70 28.57 20.46
C LEU A 530 -17.25 29.95 20.66
N LEU A 531 -16.18 30.31 20.00
CA LEU A 531 -15.66 31.65 20.11
C LEU A 531 -16.62 32.66 19.53
N ASP A 532 -17.17 32.37 18.38
CA ASP A 532 -18.09 33.26 17.76
C ASP A 532 -19.27 33.45 18.63
N LYS A 533 -19.73 32.41 19.27
CA LYS A 533 -20.91 32.56 20.09
C LYS A 533 -20.62 33.52 21.17
N ALA A 534 -19.40 33.50 21.65
CA ALA A 534 -19.03 34.39 22.70
C ALA A 534 -19.07 35.78 22.18
N LEU A 535 -18.55 35.98 20.99
CA LEU A 535 -18.50 37.33 20.50
C LEU A 535 -19.87 37.86 20.43
N GLU A 536 -20.77 37.13 19.82
CA GLU A 536 -22.13 37.61 19.74
C GLU A 536 -22.70 37.70 21.12
N SER A 537 -22.29 36.83 22.02
CA SER A 537 -22.83 36.92 23.35
C SER A 537 -22.42 38.20 23.96
N VAL A 538 -21.18 38.57 23.75
CA VAL A 538 -20.67 39.79 24.32
C VAL A 538 -21.32 41.04 23.78
N LYS A 539 -21.55 41.08 22.49
CA LYS A 539 -22.15 42.24 21.93
C LYS A 539 -23.49 42.38 22.55
N GLN A 540 -24.28 41.34 22.52
CA GLN A 540 -25.61 41.39 23.07
C GLN A 540 -25.69 41.66 24.55
N ILE A 541 -24.75 41.16 25.33
CA ILE A 541 -24.81 41.40 26.75
C ILE A 541 -24.59 42.83 27.14
N ARG A 542 -23.71 43.50 26.41
CA ARG A 542 -23.39 44.90 26.64
C ARG A 542 -24.62 45.70 26.25
N HIS A 543 -25.16 45.34 25.11
CA HIS A 543 -26.29 46.03 24.48
C HIS A 543 -27.42 46.02 25.40
N TYR A 544 -27.76 44.87 25.92
CA TYR A 544 -28.86 44.84 26.86
C TYR A 544 -28.43 45.34 28.18
N GLN A 545 -27.15 45.57 28.33
CA GLN A 545 -26.69 46.05 29.60
C GLN A 545 -27.27 47.40 29.82
N ARG A 546 -27.14 48.21 28.79
CA ARG A 546 -27.55 49.59 28.80
C ARG A 546 -28.99 49.79 29.03
N ILE A 547 -29.78 49.03 28.31
CA ILE A 547 -31.18 49.25 28.39
C ILE A 547 -31.69 49.08 29.81
N ASP A 548 -31.26 48.07 30.49
CA ASP A 548 -31.69 47.91 31.86
C ASP A 548 -31.13 49.02 32.69
N PHE A 549 -29.93 49.47 32.37
CA PHE A 549 -29.40 50.57 33.12
C PHE A 549 -30.12 51.87 32.79
N GLU A 550 -30.30 52.15 31.51
CA GLU A 550 -30.91 53.38 31.14
C GLU A 550 -32.29 53.62 31.72
N ARG A 551 -33.14 52.61 31.53
CA ARG A 551 -34.53 52.67 31.96
C ARG A 551 -34.76 52.82 33.44
N VAL A 552 -33.95 52.15 34.26
CA VAL A 552 -34.16 52.24 35.68
C VAL A 552 -33.81 53.63 36.16
N ILE A 553 -32.76 54.23 35.64
CA ILE A 553 -32.48 55.59 36.06
C ILE A 553 -33.59 56.48 35.56
N GLN A 554 -34.03 56.23 34.34
CA GLN A 554 -35.06 57.04 33.74
C GLN A 554 -36.28 56.93 34.58
N TRP A 555 -36.57 55.74 35.05
CA TRP A 555 -37.74 55.54 35.86
C TRP A 555 -37.60 56.39 37.09
N ALA A 556 -36.40 56.44 37.61
CA ALA A 556 -36.15 57.19 38.81
C ALA A 556 -36.40 58.64 38.60
N VAL A 557 -36.00 59.13 37.45
CA VAL A 557 -36.11 60.54 37.15
C VAL A 557 -37.54 61.02 37.23
N ASN A 558 -38.42 60.26 36.63
CA ASN A 558 -39.83 60.54 36.62
C ASN A 558 -40.42 60.45 37.99
N GLU A 559 -39.99 59.49 38.77
CA GLU A 559 -40.54 59.43 40.10
C GLU A 559 -39.71 60.27 41.05
N HIS A 560 -38.64 60.84 40.51
CA HIS A 560 -37.78 61.78 41.22
C HIS A 560 -37.29 61.26 42.53
N CYS A 561 -36.88 60.01 42.57
CA CYS A 561 -36.42 59.39 43.80
C CYS A 561 -34.93 59.42 44.01
N LEU A 562 -34.18 60.00 43.09
CA LEU A 562 -32.73 60.03 43.20
C LEU A 562 -32.19 60.83 44.38
N GLU A 563 -31.32 60.21 45.16
CA GLU A 563 -30.71 60.83 46.31
C GLU A 563 -29.62 61.67 45.73
N THR A 564 -28.89 62.32 46.61
CA THR A 564 -27.80 63.18 46.15
C THR A 564 -26.86 62.24 45.52
N VAL A 565 -26.31 62.60 44.39
CA VAL A 565 -25.45 61.67 43.72
C VAL A 565 -24.26 61.25 44.59
N PRO A 566 -23.64 62.22 45.26
CA PRO A 566 -22.57 62.11 46.24
C PRO A 566 -22.90 62.15 47.71
N LYS A 567 -24.17 62.30 48.01
CA LYS A 567 -24.63 62.36 49.37
C LYS A 567 -24.67 60.98 49.88
N PHE A 568 -24.96 60.11 48.97
CA PHE A 568 -25.24 58.75 49.25
C PHE A 568 -24.13 58.23 50.10
N LEU A 569 -22.91 58.42 49.65
CA LEU A 569 -21.77 57.91 50.38
C LEU A 569 -21.63 58.52 51.75
N VAL A 570 -21.84 59.81 51.79
CA VAL A 570 -21.69 60.50 53.04
C VAL A 570 -22.68 59.91 53.97
N ASP A 571 -23.91 59.78 53.53
CA ASP A 571 -24.94 59.26 54.38
C ASP A 571 -24.59 57.87 54.74
N ALA A 572 -24.27 57.09 53.74
CA ALA A 572 -24.01 55.71 53.95
C ALA A 572 -22.82 55.56 54.85
N GLU A 573 -21.83 56.38 54.62
CA GLU A 573 -20.65 56.29 55.43
C GLU A 573 -20.91 56.60 56.89
N LYS A 574 -21.59 57.71 57.10
CA LYS A 574 -21.89 58.22 58.41
C LYS A 574 -22.70 57.25 59.18
N LYS A 575 -23.50 56.48 58.49
CA LYS A 575 -24.30 55.49 59.15
C LYS A 575 -23.33 54.54 59.81
N LYS A 576 -22.21 54.30 59.13
CA LYS A 576 -21.23 53.38 59.65
C LYS A 576 -20.67 53.83 60.97
N ILE A 577 -20.38 55.10 61.10
CA ILE A 577 -19.82 55.50 62.35
C ILE A 577 -20.98 55.99 63.18
N ASN A 578 -21.25 55.16 64.18
CA ASN A 578 -22.33 55.29 65.16
C ASN A 578 -22.01 56.29 66.25
N LYS A 579 -22.06 57.56 65.89
CA LYS A 579 -21.75 58.58 66.86
C LYS A 579 -22.03 59.94 66.26
N GLU A 580 -22.02 60.97 67.11
CA GLU A 580 -22.29 62.34 66.68
C GLU A 580 -21.31 62.83 65.62
N SER A 581 -20.03 62.86 65.98
CA SER A 581 -18.97 63.32 65.09
C SER A 581 -19.30 64.68 64.47
N SER A 582 -19.41 65.69 65.33
CA SER A 582 -19.74 67.06 64.92
C SER A 582 -20.97 67.10 64.02
N THR A 583 -20.88 67.84 62.92
CA THR A 583 -21.99 67.96 61.98
C THR A 583 -21.80 67.01 60.80
N ASP A 584 -20.83 67.33 59.95
CA ASP A 584 -20.55 66.51 58.78
C ASP A 584 -19.10 66.68 58.34
N PHE A 585 -18.17 66.30 59.20
CA PHE A 585 -16.74 66.41 58.91
C PHE A 585 -16.05 65.07 59.03
N ALA A 586 -16.35 64.35 60.11
CA ALA A 586 -15.76 63.04 60.36
C ALA A 586 -16.20 62.04 59.29
N ALA A 587 -17.44 62.13 58.86
CA ALA A 587 -17.98 61.24 57.85
C ALA A 587 -17.89 61.59 56.36
N LYS A 588 -17.42 62.80 56.12
CA LYS A 588 -17.23 63.29 54.77
C LYS A 588 -15.80 63.09 54.36
N GLU A 589 -14.88 62.94 55.31
CA GLU A 589 -13.52 62.69 54.90
C GLU A 589 -13.52 61.27 54.46
N ASN A 590 -14.23 60.42 55.19
CA ASN A 590 -14.33 59.00 54.88
C ASN A 590 -15.16 58.70 53.66
N ALA A 591 -16.04 59.62 53.32
CA ALA A 591 -16.83 59.55 52.13
C ALA A 591 -15.95 59.89 50.93
N VAL A 592 -14.95 60.75 51.14
CA VAL A 592 -14.03 61.12 50.09
C VAL A 592 -13.07 60.00 49.89
N ARG A 593 -12.79 59.26 50.94
CA ARG A 593 -11.90 58.16 50.80
C ARG A 593 -12.55 57.15 49.89
N PHE A 594 -13.73 56.72 50.30
CA PHE A 594 -14.43 55.68 49.61
C PHE A 594 -14.43 55.86 48.13
N LEU A 595 -14.70 57.05 47.66
CA LEU A 595 -14.75 57.25 46.24
C LEU A 595 -13.40 56.97 45.71
N LEU A 596 -12.40 57.44 46.41
CA LEU A 596 -11.04 57.28 45.98
C LEU A 596 -10.64 55.85 45.93
N GLU A 597 -10.97 55.11 46.96
CA GLU A 597 -10.56 53.73 46.97
C GLU A 597 -11.16 53.00 45.82
N GLY A 598 -12.45 53.09 45.67
CA GLY A 598 -13.13 52.34 44.65
C GLY A 598 -12.63 52.55 43.27
N ILE A 599 -12.51 53.81 42.92
CA ILE A 599 -11.96 54.20 41.65
C ILE A 599 -10.46 54.03 41.67
N GLY A 600 -9.94 54.04 42.88
CA GLY A 600 -8.52 53.84 43.08
C GLY A 600 -8.14 52.44 42.73
N ALA A 601 -8.97 51.50 43.10
CA ALA A 601 -8.74 50.11 42.87
C ALA A 601 -8.68 49.68 41.43
N ALA A 602 -9.50 50.27 40.60
CA ALA A 602 -9.56 49.80 39.24
C ALA A 602 -8.29 49.90 38.49
N ALA A 603 -7.57 50.98 38.68
CA ALA A 603 -6.34 51.21 37.99
C ALA A 603 -5.03 51.03 38.70
N ARG A 604 -5.10 50.51 39.92
CA ARG A 604 -3.88 50.27 40.70
C ARG A 604 -3.24 48.98 40.19
N GLY A 605 -1.96 49.06 39.83
CA GLY A 605 -1.26 47.91 39.30
C GLY A 605 -1.20 47.87 37.79
N LYS A 606 -2.33 48.17 37.15
CA LYS A 606 -2.40 48.17 35.70
C LYS A 606 -1.50 49.25 35.10
N THR A 607 -0.98 48.99 33.90
CA THR A 607 -0.11 49.93 33.22
C THR A 607 -0.72 50.40 31.90
N ASP A 608 -2.02 50.24 31.77
CA ASP A 608 -2.73 50.66 30.56
C ASP A 608 -2.98 52.17 30.55
N SER A 609 -3.40 52.68 29.40
CA SER A 609 -3.67 54.09 29.26
C SER A 609 -4.63 54.58 30.27
N VAL A 610 -5.68 53.83 30.46
CA VAL A 610 -6.68 54.27 31.39
C VAL A 610 -6.09 54.30 32.75
N SER A 611 -5.35 53.27 33.09
CA SER A 611 -4.80 53.16 34.41
C SER A 611 -3.87 54.30 34.66
N LYS A 612 -2.97 54.56 33.76
CA LYS A 612 -2.08 55.67 33.98
C LYS A 612 -2.89 56.93 33.99
N ALA A 613 -3.94 56.96 33.20
CA ALA A 613 -4.78 58.13 33.11
C ALA A 613 -5.39 58.42 34.42
N ALA A 614 -5.89 57.38 35.05
CA ALA A 614 -6.52 57.53 36.33
C ALA A 614 -5.51 58.05 37.27
N TYR A 615 -4.31 57.53 37.15
CA TYR A 615 -3.23 57.87 38.04
C TYR A 615 -3.00 59.32 37.93
N ASN A 616 -3.07 59.85 36.73
CA ASN A 616 -2.87 61.26 36.50
C ASN A 616 -3.89 62.06 37.23
N TRP A 617 -5.10 61.54 37.29
CA TRP A 617 -6.19 62.24 37.91
C TRP A 617 -5.78 62.44 39.33
N PHE A 618 -5.32 61.38 39.94
CA PHE A 618 -4.89 61.46 41.30
C PHE A 618 -3.72 62.39 41.39
N VAL A 619 -2.84 62.36 40.41
CA VAL A 619 -1.70 63.25 40.49
C VAL A 619 -1.99 64.73 40.35
N VAL A 620 -2.73 65.08 39.33
CA VAL A 620 -3.07 66.45 39.03
C VAL A 620 -3.89 67.08 40.09
N ASN A 621 -4.81 66.32 40.64
CA ASN A 621 -5.75 66.82 41.62
C ASN A 621 -5.24 66.79 43.04
N ASN A 622 -4.04 66.26 43.24
CA ASN A 622 -3.35 66.25 44.52
C ASN A 622 -4.02 65.68 45.77
N PHE A 623 -4.68 64.56 45.64
CA PHE A 623 -5.31 63.96 46.80
C PHE A 623 -4.31 63.50 47.85
N LEU A 624 -3.19 62.97 47.40
CA LEU A 624 -2.19 62.47 48.31
C LEU A 624 -0.79 62.83 47.92
N ALA A 625 0.11 62.62 48.86
CA ALA A 625 1.50 62.91 48.64
C ALA A 625 2.02 61.96 47.60
N LYS A 626 3.00 62.42 46.86
CA LYS A 626 3.51 61.66 45.75
C LYS A 626 4.03 60.36 46.23
N LYS A 627 4.69 60.34 47.36
CA LYS A 627 5.24 59.09 47.86
C LYS A 627 4.10 58.19 48.15
N ASP A 628 3.09 58.77 48.75
CA ASP A 628 1.90 58.06 49.11
C ASP A 628 1.19 57.53 47.91
N LEU A 629 1.06 58.33 46.88
CA LEU A 629 0.31 57.86 45.77
C LEU A 629 1.08 56.71 45.24
N ASN A 630 2.35 56.90 44.97
CA ASN A 630 3.08 55.80 44.43
C ASN A 630 2.84 54.52 45.19
N ARG A 631 3.08 54.52 46.48
CA ARG A 631 2.89 53.28 47.21
C ARG A 631 1.57 52.59 47.06
N TYR A 632 0.52 53.36 46.91
CA TYR A 632 -0.80 52.81 46.66
C TYR A 632 -0.99 52.26 45.28
N PHE A 633 -0.55 53.06 44.32
CA PHE A 633 -0.69 52.77 42.91
C PHE A 633 0.40 51.93 42.30
N ILE A 634 1.62 52.44 42.35
CA ILE A 634 2.75 51.71 41.77
C ILE A 634 3.26 50.48 42.49
N ASN A 635 3.57 50.61 43.78
CA ASN A 635 4.09 49.50 44.55
C ASN A 635 3.00 48.51 44.90
N CYS A 636 1.77 48.97 44.86
CA CYS A 636 0.63 48.16 45.15
C CYS A 636 0.44 47.64 46.52
N GLN A 637 0.76 48.51 47.47
CA GLN A 637 0.44 48.15 48.81
C GLN A 637 0.05 49.28 49.69
N GLY A 638 -0.92 48.96 50.52
CA GLY A 638 -1.55 49.94 51.35
C GLY A 638 -2.86 50.30 50.69
N CYS A 639 -3.73 50.96 51.44
CA CYS A 639 -5.01 51.33 50.89
C CYS A 639 -5.46 52.70 51.33
N ILE A 640 -6.26 53.33 50.51
CA ILE A 640 -6.83 54.64 50.78
C ILE A 640 -7.86 54.70 51.89
N TYR A 641 -8.74 53.72 51.97
CA TYR A 641 -9.78 53.75 52.99
C TYR A 641 -9.66 52.54 53.89
N LYS A 642 -9.67 52.82 55.17
CA LYS A 642 -9.62 51.81 56.19
C LYS A 642 -11.01 51.61 56.67
N PRO A 643 -11.38 50.37 56.94
CA PRO A 643 -12.72 50.21 57.50
C PRO A 643 -12.60 50.82 58.88
N PRO A 644 -13.55 51.68 59.26
CA PRO A 644 -13.55 52.38 60.54
C PRO A 644 -13.54 51.42 61.71
N TYR A 645 -12.90 51.85 62.80
CA TYR A 645 -12.69 51.01 63.96
C TYR A 645 -12.03 49.76 63.43
N SER A 646 -11.18 49.98 62.44
CA SER A 646 -10.41 48.89 61.87
C SER A 646 -9.79 47.96 62.91
N LYS A 647 -9.89 46.65 62.66
CA LYS A 647 -9.33 45.66 63.55
C LYS A 647 -7.84 45.45 63.23
N ARG A 648 -7.44 45.89 62.03
CA ARG A 648 -6.06 45.77 61.59
C ARG A 648 -5.37 47.14 61.58
N ARG A 649 -6.10 48.16 61.12
CA ARG A 649 -5.54 49.51 61.07
C ARG A 649 -4.07 49.51 60.64
N SER A 650 -3.83 49.12 59.38
CA SER A 650 -2.48 49.06 58.84
C SER A 650 -1.98 50.40 58.30
N LEU A 651 -1.86 51.38 59.19
CA LEU A 651 -1.38 52.71 58.82
C LEU A 651 -2.09 53.34 57.62
N ALA A 652 -3.32 53.78 57.84
CA ALA A 652 -4.10 54.42 56.79
C ALA A 652 -3.34 55.64 56.25
N PHE A 653 -3.26 55.75 54.93
CA PHE A 653 -2.55 56.85 54.30
C PHE A 653 -3.06 58.23 54.69
N ALA A 654 -2.31 59.24 54.36
CA ALA A 654 -2.74 60.55 54.69
C ALA A 654 -3.07 61.23 53.38
N LEU A 655 -4.33 61.53 53.14
CA LEU A 655 -4.64 62.30 51.94
C LEU A 655 -4.01 63.63 52.26
N ARG A 656 -3.53 64.33 51.24
CA ARG A 656 -2.83 65.56 51.48
C ARG A 656 -3.56 66.61 52.26
N SER A 657 -2.87 67.23 53.18
CA SER A 657 -3.46 68.30 53.95
C SER A 657 -3.79 69.50 53.08
N ASP A 658 -2.92 69.82 52.14
CA ASP A 658 -3.15 70.99 51.31
C ASP A 658 -4.40 70.97 50.45
N ASN A 659 -4.64 69.87 49.79
CA ASN A 659 -5.78 69.82 48.92
C ASN A 659 -7.03 70.01 49.76
N LYS A 660 -7.93 70.85 49.27
CA LYS A 660 -9.17 71.17 49.95
C LYS A 660 -10.44 70.69 49.24
N ASP A 661 -10.33 69.62 48.47
CA ASP A 661 -11.47 69.13 47.70
C ASP A 661 -12.56 68.70 48.63
N THR A 662 -13.78 68.89 48.19
CA THR A 662 -14.92 68.52 48.97
C THR A 662 -15.51 67.34 48.31
N ILE A 663 -16.19 66.55 49.10
CA ILE A 663 -16.72 65.32 48.62
C ILE A 663 -17.63 65.54 47.44
N GLU A 664 -18.42 66.58 47.45
CA GLU A 664 -19.32 66.79 46.33
C GLU A 664 -18.53 67.06 45.10
N VAL A 665 -17.44 67.78 45.27
CA VAL A 665 -16.57 68.17 44.17
C VAL A 665 -15.85 67.03 43.51
N VAL A 666 -15.38 66.10 44.31
CA VAL A 666 -14.61 65.01 43.79
C VAL A 666 -15.41 64.23 42.79
N TRP A 667 -16.62 63.87 43.19
CA TRP A 667 -17.54 63.20 42.31
C TRP A 667 -17.79 63.94 41.02
N GLU A 668 -17.76 65.27 41.10
CA GLU A 668 -17.93 66.12 39.94
C GLU A 668 -16.60 66.07 39.21
N LYS A 669 -15.53 66.07 40.01
CA LYS A 669 -14.20 65.97 39.49
C LYS A 669 -14.10 64.65 38.79
N PHE A 670 -14.40 63.58 39.51
CA PHE A 670 -14.28 62.25 38.97
C PHE A 670 -15.18 62.10 37.82
N GLU A 671 -16.37 62.61 37.95
CA GLU A 671 -17.36 62.46 36.93
C GLU A 671 -16.84 63.02 35.65
N THR A 672 -16.13 64.12 35.73
CA THR A 672 -15.56 64.73 34.53
C THR A 672 -14.50 63.90 33.87
N PHE A 673 -13.68 63.29 34.71
CA PHE A 673 -12.57 62.44 34.33
C PHE A 673 -13.12 61.27 33.64
N TYR A 674 -14.20 60.74 34.20
CA TYR A 674 -14.84 59.57 33.67
C TYR A 674 -15.31 59.83 32.29
N LYS A 675 -15.72 61.03 32.05
CA LYS A 675 -16.18 61.38 30.76
C LYS A 675 -15.07 61.31 29.77
N GLU A 676 -13.87 61.65 30.20
CA GLU A 676 -12.74 61.67 29.30
C GLU A 676 -12.40 60.32 28.75
N ILE A 677 -12.25 59.34 29.62
CA ILE A 677 -11.87 57.99 29.27
C ILE A 677 -12.88 57.31 28.40
N SER A 678 -14.13 57.71 28.53
CA SER A 678 -15.24 57.18 27.76
C SER A 678 -15.13 57.52 26.31
N LYS A 679 -14.54 58.67 26.03
CA LYS A 679 -14.30 59.08 24.67
C LYS A 679 -13.21 58.23 24.10
N GLU A 680 -12.18 58.05 24.92
CA GLU A 680 -10.98 57.26 24.62
C GLU A 680 -11.17 55.79 24.45
N ILE A 681 -11.98 55.20 25.30
CA ILE A 681 -12.17 53.78 25.26
C ILE A 681 -12.73 53.38 23.93
N GLU A 682 -13.25 54.35 23.24
CA GLU A 682 -13.84 54.11 21.95
C GLU A 682 -12.82 53.71 20.91
N LYS A 683 -11.57 53.99 21.15
CA LYS A 683 -10.57 53.70 20.15
C LYS A 683 -9.81 52.45 20.42
N PHE A 684 -10.28 51.67 21.38
CA PHE A 684 -9.61 50.45 21.78
C PHE A 684 -10.47 49.25 21.58
N ASN A 685 -9.80 48.11 21.62
CA ASN A 685 -10.33 46.79 21.46
C ASN A 685 -11.16 46.44 22.62
N ILE A 686 -12.22 45.68 22.43
CA ILE A 686 -13.05 45.28 23.54
C ILE A 686 -12.24 44.40 24.48
N PHE A 687 -11.45 43.53 23.90
CA PHE A 687 -10.62 42.65 24.68
C PHE A 687 -9.33 43.35 24.77
N SER A 688 -9.18 44.14 25.78
CA SER A 688 -7.97 44.87 25.89
C SER A 688 -7.72 45.24 27.30
N GLN A 689 -6.49 45.53 27.60
CA GLN A 689 -6.15 45.90 28.94
C GLN A 689 -6.85 47.15 29.33
N GLU A 690 -6.95 48.07 28.40
CA GLU A 690 -7.58 49.35 28.65
C GLU A 690 -9.03 49.19 28.96
N PHE A 691 -9.70 48.39 28.17
CA PHE A 691 -11.11 48.12 28.34
C PHE A 691 -11.35 47.40 29.64
N GLN A 692 -10.43 46.55 30.01
CA GLN A 692 -10.58 45.80 31.22
C GLN A 692 -10.65 46.72 32.35
N THR A 693 -9.81 47.72 32.36
CA THR A 693 -9.81 48.70 33.42
C THR A 693 -11.00 49.57 33.48
N PHE A 694 -11.45 49.99 32.31
CA PHE A 694 -12.58 50.88 32.13
C PHE A 694 -13.83 50.27 32.65
N LEU A 695 -13.97 48.99 32.41
CA LEU A 695 -15.09 48.23 32.88
C LEU A 695 -15.05 48.28 34.36
N HIS A 696 -13.89 48.27 34.91
CA HIS A 696 -13.79 48.31 36.33
C HIS A 696 -14.34 49.60 36.81
N LEU A 697 -13.97 50.68 36.18
CA LEU A 697 -14.47 51.99 36.56
C LEU A 697 -15.93 52.11 36.25
N GLU A 698 -16.31 51.62 35.10
CA GLU A 698 -17.68 51.72 34.68
C GLU A 698 -18.57 51.05 35.64
N ASN A 699 -18.22 49.89 36.12
CA ASN A 699 -19.07 49.23 37.06
C ASN A 699 -19.23 50.04 38.31
N LEU A 700 -18.17 50.61 38.81
CA LEU A 700 -18.27 51.33 40.05
C LEU A 700 -19.21 52.45 39.89
N ARG A 701 -19.06 53.21 38.85
CA ARG A 701 -19.92 54.33 38.63
C ARG A 701 -21.32 53.90 38.43
N MSE A 702 -21.55 52.93 37.59
CA MSE A 702 -22.88 52.50 37.28
C MSE A 702 -23.56 52.03 38.49
O MSE A 702 -24.75 52.17 38.60
CB MSE A 702 -22.85 51.37 36.28
CG MSE A 702 -22.70 51.77 34.82
SE MSE A 702 -23.06 50.14 33.84
CE MSE A 702 -23.47 50.79 32.06
N LYS A 703 -22.86 51.33 39.36
CA LYS A 703 -23.51 50.87 40.56
C LYS A 703 -23.85 52.05 41.44
N LEU A 704 -22.92 52.96 41.54
CA LEU A 704 -23.08 54.12 42.38
C LEU A 704 -24.22 54.87 41.83
N LEU A 705 -24.34 54.90 40.52
CA LEU A 705 -25.43 55.60 39.89
C LEU A 705 -26.73 54.93 40.20
N LEU A 706 -26.74 53.61 40.17
CA LEU A 706 -27.92 52.81 40.50
C LEU A 706 -28.26 52.93 41.95
N ARG A 707 -27.25 52.94 42.78
CA ARG A 707 -27.43 52.99 44.22
C ARG A 707 -28.07 54.24 44.76
N ARG A 708 -28.07 55.30 44.00
CA ARG A 708 -28.65 56.55 44.47
C ARG A 708 -30.16 56.58 44.25
N ILE A 709 -30.86 55.80 45.03
CA ILE A 709 -32.27 55.75 44.92
C ILE A 709 -32.76 55.47 46.31
N GLN A 710 -33.70 56.24 46.81
CA GLN A 710 -34.18 55.94 48.15
C GLN A 710 -35.50 55.14 48.19
N LYS A 711 -35.99 54.67 47.04
CA LYS A 711 -37.26 53.93 46.97
C LYS A 711 -37.19 52.57 46.27
N PRO A 712 -38.11 51.66 46.61
CA PRO A 712 -38.13 50.34 45.99
C PRO A 712 -38.52 50.38 44.52
N ILE A 713 -38.22 49.32 43.78
CA ILE A 713 -38.45 49.27 42.36
C ILE A 713 -39.54 48.36 41.92
N PRO A 714 -40.28 48.82 40.91
CA PRO A 714 -41.36 48.12 40.23
C PRO A 714 -40.76 47.01 39.44
N ALA A 715 -41.32 45.83 39.62
CA ALA A 715 -40.82 44.66 38.97
C ALA A 715 -40.85 44.78 37.49
N GLU A 716 -41.86 45.39 36.94
CA GLU A 716 -41.93 45.49 35.51
C GLU A 716 -40.76 46.28 35.03
N ILE A 717 -40.35 47.24 35.82
CA ILE A 717 -39.21 48.03 35.42
C ILE A 717 -37.92 47.26 35.38
N ALA A 718 -37.64 46.50 36.42
CA ALA A 718 -36.39 45.77 36.47
C ALA A 718 -36.64 44.32 36.24
N PHE A 719 -36.48 43.86 35.01
CA PHE A 719 -36.73 42.45 34.76
C PHE A 719 -35.61 41.67 34.11
N PHE A 720 -34.40 42.22 34.10
CA PHE A 720 -33.27 41.51 33.52
C PHE A 720 -33.59 41.03 32.15
N SER A 721 -33.76 41.97 31.25
CA SER A 721 -34.17 41.67 29.90
C SER A 721 -33.09 41.24 28.96
N LEU A 722 -32.60 40.02 29.17
CA LEU A 722 -31.58 39.44 28.34
C LEU A 722 -32.07 38.14 27.81
N PRO A 723 -31.85 37.88 26.54
CA PRO A 723 -32.30 36.63 25.96
C PRO A 723 -31.59 35.43 26.58
N GLN A 724 -32.28 34.31 26.49
CA GLN A 724 -31.83 33.07 27.03
C GLN A 724 -30.59 32.55 26.38
N GLU A 725 -30.48 32.77 25.07
CA GLU A 725 -29.37 32.19 24.36
C GLU A 725 -28.06 32.68 24.87
N TYR A 726 -28.04 33.96 25.17
CA TYR A 726 -26.88 34.64 25.67
C TYR A 726 -26.50 34.24 27.08
N TYR A 727 -27.43 33.70 27.84
CA TYR A 727 -27.10 33.34 29.21
C TYR A 727 -27.57 31.94 29.60
N ASP A 728 -27.16 31.47 30.77
CA ASP A 728 -27.57 30.13 31.19
C ASP A 728 -28.35 30.04 32.50
N SER A 729 -27.68 30.31 33.60
CA SER A 729 -28.29 30.19 34.89
C SER A 729 -28.04 31.41 35.76
N LEU A 730 -28.97 31.66 36.63
CA LEU A 730 -28.87 32.75 37.51
C LEU A 730 -28.82 32.10 38.83
N PRO A 731 -27.89 32.53 39.64
CA PRO A 731 -27.98 31.86 40.91
C PRO A 731 -29.22 32.38 41.60
N PRO A 732 -29.45 31.80 42.77
CA PRO A 732 -30.48 31.81 43.78
C PRO A 732 -30.56 33.21 44.28
N ASN A 733 -29.52 34.00 44.08
CA ASN A 733 -29.67 35.36 44.52
C ASN A 733 -30.86 35.86 43.74
N VAL A 734 -30.86 35.60 42.45
CA VAL A 734 -31.99 36.00 41.62
C VAL A 734 -33.12 35.01 41.42
N ALA A 735 -33.85 34.70 42.49
CA ALA A 735 -34.92 33.73 42.41
C ALA A 735 -36.25 34.39 42.57
N PHE A 736 -36.38 35.58 42.01
CA PHE A 736 -37.65 36.26 42.18
C PHE A 736 -37.94 37.34 41.19
N LEU A 737 -39.23 37.46 40.90
CA LEU A 737 -39.79 38.48 40.03
C LEU A 737 -41.30 38.51 40.23
N ASN A 740 -46.81 39.05 44.28
CA ASN A 740 -46.81 39.40 45.70
C ASN A 740 -45.44 39.61 46.29
N GLN A 741 -45.23 40.78 46.88
CA GLN A 741 -43.94 41.10 47.49
C GLN A 741 -42.71 40.92 46.61
N GLU A 742 -42.62 41.70 45.55
CA GLU A 742 -41.44 41.74 44.68
C GLU A 742 -40.74 43.16 44.34
N ILE A 743 -41.19 44.07 45.19
CA ILE A 743 -40.63 45.43 45.16
C ILE A 743 -39.30 45.15 45.85
N THR A 744 -38.20 45.55 45.21
CA THR A 744 -36.87 45.26 45.74
C THR A 744 -36.19 46.53 46.21
N PRO A 745 -36.02 46.67 47.54
CA PRO A 745 -35.38 47.84 48.13
C PRO A 745 -33.87 47.87 47.85
N SER A 746 -33.47 48.61 46.83
CA SER A 746 -32.06 48.72 46.43
C SER A 746 -31.40 47.35 46.31
N GLU A 747 -32.04 46.46 45.57
CA GLU A 747 -31.52 45.11 45.37
C GLU A 747 -31.26 44.83 43.89
N TYR A 748 -31.35 45.88 43.07
CA TYR A 748 -31.13 45.76 41.63
C TYR A 748 -29.63 45.60 41.39
N ILE A 749 -28.83 46.12 42.30
CA ILE A 749 -27.38 46.03 42.18
C ILE A 749 -26.82 44.63 41.91
N THR A 750 -27.19 43.69 42.78
CA THR A 750 -26.77 42.30 42.59
C THR A 750 -27.21 41.58 41.31
N GLN A 751 -28.50 41.68 41.02
CA GLN A 751 -29.06 41.10 39.80
C GLN A 751 -28.36 41.84 38.66
N PHE A 752 -28.11 43.14 38.87
CA PHE A 752 -27.46 43.95 37.89
C PHE A 752 -26.04 43.51 37.64
N ASN A 753 -25.40 43.02 38.67
CA ASN A 753 -24.00 42.64 38.58
C ASN A 753 -23.80 41.47 37.67
N LEU A 754 -24.88 40.85 37.27
CA LEU A 754 -24.78 39.69 36.44
C LEU A 754 -24.17 39.97 35.11
N TYR A 755 -24.52 41.07 34.52
CA TYR A 755 -24.06 41.38 33.20
C TYR A 755 -22.57 41.41 33.14
N SER A 756 -21.94 42.00 34.13
CA SER A 756 -20.51 42.07 34.15
C SER A 756 -19.91 40.70 34.26
N SER A 757 -20.37 39.94 35.22
CA SER A 757 -19.84 38.62 35.46
C SER A 757 -20.05 37.82 34.25
N PHE A 758 -21.24 37.87 33.71
CA PHE A 758 -21.54 37.14 32.50
C PHE A 758 -20.67 37.70 31.43
N LEU A 759 -20.50 38.98 31.41
CA LEU A 759 -19.68 39.58 30.37
C LEU A 759 -18.28 39.11 30.48
N ASN A 760 -17.81 38.99 31.70
CA ASN A 760 -16.46 38.59 31.99
C ASN A 760 -16.13 37.21 31.55
N GLY A 761 -17.04 36.29 31.69
CA GLY A 761 -16.71 34.96 31.30
C GLY A 761 -16.37 34.87 29.85
N ASN A 762 -17.21 35.37 28.98
CA ASN A 762 -16.95 35.34 27.55
C ASN A 762 -15.76 36.13 27.24
N LEU A 763 -15.59 37.22 27.95
CA LEU A 763 -14.49 38.07 27.66
C LEU A 763 -13.23 37.35 27.88
N ILE A 764 -13.18 36.55 28.90
CA ILE A 764 -11.98 35.81 29.20
C ILE A 764 -11.61 34.85 28.13
N LEU A 765 -12.60 34.17 27.62
CA LEU A 765 -12.36 33.17 26.63
C LEU A 765 -11.75 33.75 25.44
N LEU A 766 -12.20 34.93 25.08
CA LEU A 766 -11.71 35.54 23.88
C LEU A 766 -10.43 36.25 24.06
N ARG A 767 -10.05 36.47 25.29
CA ARG A 767 -8.81 37.14 25.55
C ARG A 767 -7.68 36.19 25.75
N ARG A 768 -7.97 34.91 25.78
CA ARG A 768 -6.97 33.89 26.00
C ARG A 768 -6.24 33.66 24.70
N SER A 769 -4.96 33.97 24.69
CA SER A 769 -4.10 33.84 23.54
C SER A 769 -3.82 32.44 23.05
N ARG A 770 -3.63 31.52 23.98
CA ARG A 770 -3.28 30.14 23.70
C ARG A 770 -4.02 29.13 24.49
N SER A 771 -4.31 28.05 23.82
CA SER A 771 -4.96 26.90 24.35
C SER A 771 -4.66 25.70 23.50
N TYR A 772 -5.09 24.52 23.88
CA TYR A 772 -4.89 23.36 23.04
C TYR A 772 -6.08 22.50 23.07
N LEU A 773 -6.30 21.72 22.04
CA LEU A 773 -7.43 20.83 21.98
C LEU A 773 -6.86 19.45 22.03
N ARG A 774 -7.49 18.52 22.70
CA ARG A 774 -6.91 17.20 22.83
C ARG A 774 -7.71 16.04 22.32
N ALA A 775 -7.04 15.14 21.62
CA ALA A 775 -7.63 13.94 21.12
C ALA A 775 -6.78 12.83 21.63
N LYS A 776 -7.34 11.83 22.29
CA LYS A 776 -6.59 10.73 22.84
C LYS A 776 -7.15 9.44 22.42
N PHE A 777 -6.30 8.45 22.17
CA PHE A 777 -6.73 7.13 21.73
C PHE A 777 -6.09 5.98 22.46
N SER A 778 -6.85 5.04 22.99
CA SER A 778 -6.27 3.87 23.60
C SER A 778 -6.86 2.64 22.96
N TRP A 779 -6.06 1.81 22.32
CA TRP A 779 -6.53 0.61 21.67
C TRP A 779 -5.87 -0.62 22.22
N VAL A 780 -6.60 -1.70 22.31
CA VAL A 780 -6.07 -2.89 22.88
C VAL A 780 -4.90 -3.29 22.08
N GLY A 781 -3.85 -3.76 22.70
CA GLY A 781 -2.72 -4.17 21.95
C GLY A 781 -1.76 -3.07 21.60
N ASN A 782 -1.97 -1.91 22.19
CA ASN A 782 -1.11 -0.77 21.97
C ASN A 782 -0.07 -0.72 23.01
N SER A 783 0.61 -1.82 23.23
CA SER A 783 1.63 -1.83 24.22
C SER A 783 2.97 -2.05 23.66
N LYS A 784 3.17 -1.77 22.38
CA LYS A 784 4.44 -2.07 21.81
C LYS A 784 5.30 -0.92 21.56
N LEU A 785 6.45 -0.97 22.20
CA LEU A 785 7.51 0.01 22.12
C LEU A 785 8.64 -0.70 21.46
N ILE A 786 9.37 0.01 20.63
CA ILE A 786 10.46 -0.52 19.82
C ILE A 786 11.82 -0.12 20.26
N TYR A 787 12.77 -1.06 20.19
CA TYR A 787 14.17 -0.85 20.55
C TYR A 787 14.96 -0.76 19.31
N ALA A 788 15.52 0.40 19.05
CA ALA A 788 16.26 0.65 17.88
C ALA A 788 17.65 1.10 18.25
N ALA A 789 18.57 0.97 17.32
CA ALA A 789 19.93 1.32 17.58
C ALA A 789 20.21 2.68 17.05
N LYS A 790 21.12 3.39 17.66
CA LYS A 790 21.43 4.69 17.15
C LYS A 790 22.44 4.42 16.06
N GLU A 791 21.95 4.38 14.84
CA GLU A 791 22.73 4.07 13.65
C GLU A 791 23.85 4.99 13.28
N ALA A 792 23.68 6.25 13.56
CA ALA A 792 24.64 7.25 13.14
C ALA A 792 25.83 7.47 14.00
N ARG A 793 26.03 6.66 15.01
CA ARG A 793 27.12 6.92 15.91
C ARG A 793 28.09 5.80 16.06
N LEU A 794 29.32 6.17 16.42
CA LEU A 794 30.39 5.22 16.62
C LEU A 794 30.72 5.16 18.08
N TRP A 795 30.69 3.96 18.63
CA TRP A 795 30.91 3.74 20.04
C TRP A 795 32.23 3.17 20.40
N LYS A 796 32.95 3.87 21.26
CA LYS A 796 34.25 3.38 21.71
C LYS A 796 34.12 2.72 23.08
N ILE A 797 33.98 1.40 23.10
CA ILE A 797 33.84 0.70 24.34
C ILE A 797 35.05 0.98 25.13
N PRO A 798 34.89 1.31 26.40
CA PRO A 798 36.07 1.59 27.18
C PRO A 798 36.87 0.34 27.32
N ASN A 799 38.17 0.50 27.46
CA ASN A 799 39.09 -0.60 27.54
C ASN A 799 38.79 -1.48 28.71
N ALA A 800 38.48 -0.86 29.84
CA ALA A 800 38.24 -1.57 31.07
C ALA A 800 37.01 -2.39 31.06
N TYR A 801 36.40 -2.52 29.90
CA TYR A 801 35.19 -3.28 29.85
C TYR A 801 35.47 -4.74 29.73
N TRP A 802 36.66 -5.06 29.25
CA TRP A 802 37.01 -6.42 29.04
C TRP A 802 37.60 -7.12 30.22
N LYS A 803 37.62 -6.51 31.38
CA LYS A 803 38.13 -7.22 32.53
C LYS A 803 37.00 -8.00 33.19
N SER A 804 35.77 -7.69 32.82
CA SER A 804 34.62 -8.37 33.41
C SER A 804 34.31 -9.59 32.59
N ASP A 805 33.90 -10.68 33.23
CA ASP A 805 33.68 -11.88 32.49
C ASP A 805 32.62 -11.76 31.41
N GLU A 806 31.60 -10.98 31.67
CA GLU A 806 30.53 -10.83 30.70
C GLU A 806 30.95 -10.25 29.38
N TRP A 807 31.65 -9.13 29.44
CA TRP A 807 32.13 -8.46 28.25
C TRP A 807 33.18 -9.27 27.54
N LYS A 808 33.88 -10.08 28.31
CA LYS A 808 34.90 -10.95 27.77
C LYS A 808 34.14 -11.89 26.88
N MSE A 809 33.02 -12.34 27.41
CA MSE A 809 32.17 -13.26 26.72
C MSE A 809 31.65 -12.65 25.48
O MSE A 809 31.40 -13.36 24.51
CB MSE A 809 31.00 -13.59 27.62
CG MSE A 809 29.97 -14.44 26.89
SE MSE A 809 28.65 -13.23 26.10
CE MSE A 809 27.04 -14.31 26.31
N ILE A 810 31.43 -11.37 25.48
CA ILE A 810 30.83 -10.76 24.34
C ILE A 810 31.59 -10.81 23.05
N LEU A 811 32.89 -10.59 23.13
CA LEU A 811 33.71 -10.54 21.93
C LEU A 811 33.66 -11.82 21.15
N ASP A 812 33.58 -12.92 21.88
CA ASP A 812 33.59 -14.24 21.32
C ASP A 812 32.46 -14.52 20.40
N SER A 813 31.29 -14.03 20.78
CA SER A 813 30.05 -14.27 20.06
C SER A 813 30.01 -13.65 18.68
N ASN A 814 30.94 -12.75 18.44
CA ASN A 814 31.06 -12.05 17.20
C ASN A 814 29.82 -11.31 16.89
N VAL A 815 29.15 -10.83 17.91
CA VAL A 815 28.00 -10.03 17.64
C VAL A 815 28.46 -8.69 17.10
N LEU A 816 29.49 -8.16 17.72
CA LEU A 816 30.02 -6.85 17.39
C LEU A 816 30.60 -6.64 16.02
N VAL A 817 30.41 -5.46 15.45
CA VAL A 817 31.03 -5.19 14.19
C VAL A 817 31.81 -3.90 14.24
N PHE A 818 33.11 -3.94 14.04
CA PHE A 818 33.86 -2.72 14.14
C PHE A 818 34.10 -1.92 12.91
N ASP A 819 34.44 -0.70 13.21
CA ASP A 819 34.87 0.24 12.24
C ASP A 819 36.33 -0.07 12.01
N LYS A 820 36.83 0.42 10.90
CA LYS A 820 38.22 0.22 10.56
C LYS A 820 39.03 0.81 11.70
N ALA A 821 38.40 1.79 12.33
CA ALA A 821 38.96 2.54 13.44
C ALA A 821 38.73 1.86 14.75
N GLY A 822 38.06 0.72 14.72
CA GLY A 822 37.80 0.01 15.95
C GLY A 822 36.61 0.54 16.71
N ASN A 823 35.76 1.29 16.02
CA ASN A 823 34.58 1.85 16.63
C ASN A 823 33.38 0.97 16.27
N VAL A 824 32.69 0.43 17.26
CA VAL A 824 31.57 -0.45 16.99
C VAL A 824 30.47 0.27 16.26
N LEU A 825 29.78 -0.42 15.35
CA LEU A 825 28.71 0.19 14.62
C LEU A 825 27.45 -0.37 15.17
N PRO A 826 26.61 0.49 15.72
CA PRO A 826 25.41 -0.01 16.37
C PRO A 826 24.36 -0.71 15.55
N ALA A 827 23.87 -0.13 14.49
CA ALA A 827 22.81 -0.78 13.79
C ALA A 827 23.24 -2.14 13.30
N PRO A 828 24.41 -2.19 12.68
CA PRO A 828 24.99 -3.39 12.11
C PRO A 828 25.19 -4.43 13.14
N THR A 829 25.64 -4.03 14.30
CA THR A 829 25.85 -4.96 15.38
C THR A 829 24.55 -5.48 15.90
N LEU A 830 23.54 -4.63 15.80
CA LEU A 830 22.25 -4.94 16.35
C LEU A 830 21.76 -6.12 15.66
N LYS A 831 21.97 -6.19 14.37
CA LYS A 831 21.48 -7.29 13.57
C LYS A 831 22.04 -8.61 14.01
N LYS A 832 23.28 -8.60 14.43
CA LYS A 832 23.92 -9.81 14.87
C LYS A 832 23.25 -10.42 16.05
N VAL A 833 22.92 -9.57 16.98
CA VAL A 833 22.32 -9.99 18.21
C VAL A 833 20.97 -10.64 18.04
N CYS A 834 20.22 -10.18 17.06
CA CYS A 834 18.92 -10.72 16.82
C CYS A 834 18.96 -12.16 16.37
N GLU A 835 19.84 -12.43 15.41
CA GLU A 835 19.94 -13.73 14.79
C GLU A 835 20.69 -14.85 15.47
N ARG A 836 21.68 -14.56 16.29
CA ARG A 836 22.42 -15.63 16.94
C ARG A 836 21.46 -16.36 17.82
N GLU A 837 21.04 -17.52 17.33
CA GLU A 837 20.05 -18.34 17.98
C GLU A 837 20.14 -18.53 19.48
N GLY A 838 18.98 -18.42 20.11
CA GLY A 838 18.85 -18.61 21.53
C GLY A 838 18.12 -17.52 22.28
N ASP A 839 18.37 -17.53 23.57
CA ASP A 839 17.85 -16.57 24.50
C ASP A 839 18.53 -15.31 24.12
N LEU A 840 17.78 -14.24 23.96
CA LEU A 840 18.35 -12.96 23.68
C LEU A 840 18.97 -12.43 24.92
N ARG A 841 18.62 -13.05 26.03
CA ARG A 841 19.02 -12.60 27.32
C ARG A 841 20.49 -12.62 27.49
N LEU A 842 21.16 -13.28 26.58
CA LEU A 842 22.58 -13.36 26.71
C LEU A 842 23.14 -11.99 26.57
N PHE A 843 22.56 -11.24 25.66
CA PHE A 843 23.07 -9.93 25.31
C PHE A 843 22.34 -8.80 25.95
N TYR A 844 21.59 -9.11 26.97
CA TYR A 844 20.83 -8.09 27.59
C TYR A 844 21.79 -7.07 28.12
N PRO A 845 22.89 -7.49 28.75
CA PRO A 845 23.82 -6.53 29.29
C PRO A 845 24.42 -5.62 28.25
N LEU A 846 24.74 -6.18 27.11
CA LEU A 846 25.24 -5.43 25.99
C LEU A 846 24.19 -4.54 25.45
N LEU A 847 23.00 -5.10 25.31
CA LEU A 847 21.85 -4.36 24.78
C LEU A 847 21.58 -3.11 25.61
N ARG A 848 21.95 -3.18 26.90
CA ARG A 848 21.74 -2.05 27.80
C ARG A 848 22.84 -1.01 27.64
N GLN A 849 23.96 -1.43 27.05
CA GLN A 849 25.09 -0.53 26.83
C GLN A 849 25.11 -0.03 25.39
N LEU A 850 24.82 -0.93 24.45
CA LEU A 850 24.80 -0.57 23.03
C LEU A 850 23.86 0.60 22.79
N PRO A 851 24.39 1.69 22.22
CA PRO A 851 23.60 2.88 21.94
C PRO A 851 22.34 2.48 21.30
N HIS A 852 21.24 2.83 21.93
CA HIS A 852 19.93 2.52 21.44
C HIS A 852 18.98 3.63 21.75
N ASP A 853 17.82 3.61 21.12
CA ASP A 853 16.78 4.58 21.28
C ASP A 853 15.48 3.86 21.49
N TRP A 854 14.51 4.45 22.19
CA TRP A 854 13.21 3.82 22.37
C TRP A 854 12.33 4.60 21.50
N CYS A 855 11.64 3.93 20.62
CA CYS A 855 10.76 4.58 19.70
C CYS A 855 9.44 3.92 19.64
N TYR A 856 8.54 4.53 18.91
CA TYR A 856 7.20 4.06 18.75
C TYR A 856 6.80 4.16 17.30
N ARG A 857 6.15 3.14 16.78
CA ARG A 857 5.72 3.10 15.41
C ARG A 857 4.67 4.09 14.99
N ASN A 858 4.78 4.67 13.82
CA ASN A 858 3.81 5.63 13.36
C ASN A 858 2.53 4.92 13.20
N PRO A 859 1.52 5.34 13.93
CA PRO A 859 0.20 4.74 13.92
C PRO A 859 -0.57 4.93 12.65
N PHE A 860 -0.13 5.77 11.76
CA PHE A 860 -0.91 5.99 10.57
C PHE A 860 -0.41 5.37 9.30
N VAL A 861 0.88 5.13 9.25
CA VAL A 861 1.57 4.55 8.11
C VAL A 861 2.00 3.15 8.43
N LYS A 862 2.40 2.44 7.41
CA LYS A 862 2.77 1.06 7.53
C LYS A 862 4.23 0.80 7.45
N SER A 863 4.82 0.43 8.57
CA SER A 863 6.20 0.11 8.61
C SER A 863 6.20 -1.34 8.28
N VAL A 864 5.99 -1.70 7.03
CA VAL A 864 5.85 -3.11 6.79
C VAL A 864 7.09 -3.83 7.25
N GLY A 865 8.19 -3.58 6.55
CA GLY A 865 9.45 -4.18 6.85
C GLY A 865 9.83 -5.27 5.88
N ARG A 866 11.03 -5.13 5.35
CA ARG A 866 11.61 -6.09 4.46
C ARG A 866 12.61 -6.91 5.23
N GLU A 867 13.35 -6.24 6.09
CA GLU A 867 14.39 -6.86 6.88
C GLU A 867 14.17 -6.66 8.36
N LYS A 868 14.81 -7.45 9.21
CA LYS A 868 14.58 -7.35 10.63
C LYS A 868 15.42 -6.23 11.19
N ASN A 869 14.98 -4.99 11.07
CA ASN A 869 15.78 -3.88 11.59
C ASN A 869 16.02 -3.97 13.11
N VAL A 870 14.92 -3.80 13.85
CA VAL A 870 14.88 -3.83 15.29
C VAL A 870 14.06 -4.88 15.98
N ILE A 871 14.13 -4.84 17.29
CA ILE A 871 13.41 -5.73 18.17
C ILE A 871 12.33 -4.91 18.82
N GLU A 872 11.14 -5.45 18.98
CA GLU A 872 10.07 -4.71 19.58
C GLU A 872 9.62 -5.35 20.86
N VAL A 873 9.43 -4.57 21.91
CA VAL A 873 9.10 -5.09 23.23
C VAL A 873 7.67 -4.92 23.73
N ASN A 874 7.04 -5.99 24.20
CA ASN A 874 5.67 -5.94 24.70
C ASN A 874 5.47 -5.94 26.20
N LYS A 875 4.27 -6.34 26.59
CA LYS A 875 3.79 -6.37 27.98
C LYS A 875 4.61 -6.98 29.11
N GLU A 876 4.97 -8.26 29.02
CA GLU A 876 5.63 -8.87 30.17
C GLU A 876 7.06 -9.05 29.86
N GLY A 877 7.57 -8.26 28.93
CA GLY A 877 8.94 -8.38 28.51
C GLY A 877 8.84 -9.43 27.46
N GLU A 878 8.62 -9.05 26.23
CA GLU A 878 8.49 -10.04 25.21
C GLU A 878 9.15 -9.48 24.02
N PRO A 879 10.44 -9.70 23.95
CA PRO A 879 11.19 -9.16 22.84
C PRO A 879 10.82 -9.98 21.68
N LYS A 880 10.63 -9.32 20.54
CA LYS A 880 10.26 -10.00 19.30
C LYS A 880 10.93 -9.33 18.10
N VAL A 881 11.95 -10.00 17.56
CA VAL A 881 12.68 -9.47 16.41
C VAL A 881 11.74 -9.12 15.25
N ALA A 882 11.40 -7.84 15.14
CA ALA A 882 10.52 -7.37 14.09
C ALA A 882 11.18 -6.50 13.03
N SER A 883 10.48 -6.28 11.92
CA SER A 883 11.03 -5.48 10.83
C SER A 883 10.60 -4.02 10.91
N ALA A 884 11.58 -3.13 11.07
CA ALA A 884 11.32 -1.70 11.15
C ALA A 884 11.83 -0.96 9.92
N LEU A 885 10.95 -0.16 9.32
CA LEU A 885 11.32 0.61 8.13
C LEU A 885 12.05 1.89 8.51
N PRO A 886 12.58 2.60 7.50
CA PRO A 886 13.30 3.84 7.71
C PRO A 886 12.38 5.01 7.71
N GLY A 887 12.46 5.81 8.76
CA GLY A 887 11.60 6.97 8.89
C GLY A 887 10.20 6.62 9.32
N SER A 888 10.02 5.42 9.84
CA SER A 888 8.71 4.99 10.27
C SER A 888 8.49 4.97 11.74
N LEU A 889 9.53 5.18 12.50
CA LEU A 889 9.44 5.16 13.93
C LEU A 889 9.44 6.55 14.45
N PHE A 890 8.83 6.77 15.61
CA PHE A 890 8.80 8.06 16.26
C PHE A 890 9.64 7.92 17.46
N ARG A 891 10.48 8.90 17.77
CA ARG A 891 11.32 8.75 18.93
C ARG A 891 10.76 9.31 20.16
N LEU A 892 10.69 8.51 21.19
CA LEU A 892 10.16 8.94 22.43
C LEU A 892 11.12 9.90 23.03
N ILE A 893 10.65 11.06 23.45
CA ILE A 893 11.47 12.09 24.06
C ILE A 893 11.44 12.18 25.58
N GLY A 894 12.46 11.73 26.27
CA GLY A 894 12.48 11.84 27.71
C GLY A 894 13.87 11.67 28.25
N PRO A 895 14.12 12.11 29.47
CA PRO A 895 15.34 12.12 30.25
C PRO A 895 15.74 10.76 30.70
N ALA A 896 16.92 10.68 31.24
CA ALA A 896 17.52 9.42 31.56
C ALA A 896 16.81 8.51 32.49
N PRO A 897 16.31 9.02 33.58
CA PRO A 897 15.64 8.14 34.49
C PRO A 897 14.48 7.50 33.86
N PHE A 898 13.81 8.26 33.02
CA PHE A 898 12.63 7.84 32.33
C PHE A 898 12.88 6.81 31.30
N LYS A 899 13.93 7.03 30.53
CA LYS A 899 14.30 6.10 29.51
C LYS A 899 14.71 4.83 30.14
N SER A 900 15.41 4.93 31.24
CA SER A 900 15.95 3.78 31.93
C SER A 900 14.93 2.80 32.36
N LEU A 901 13.79 3.28 32.74
CA LEU A 901 12.66 2.44 33.16
C LEU A 901 12.16 1.65 32.01
N LEU A 902 12.28 2.24 30.85
CA LEU A 902 11.85 1.59 29.65
C LEU A 902 12.72 0.43 29.42
N ASP A 903 13.98 0.56 29.75
CA ASP A 903 14.90 -0.52 29.57
C ASP A 903 14.47 -1.60 30.49
N ASP A 904 14.29 -1.25 31.75
CA ASP A 904 13.99 -2.18 32.81
C ASP A 904 12.82 -2.97 32.47
N CYS A 905 11.93 -2.39 31.72
CA CYS A 905 10.76 -3.07 31.25
C CYS A 905 11.03 -4.18 30.28
N PHE A 906 12.20 -4.11 29.66
CA PHE A 906 12.62 -5.04 28.64
C PHE A 906 13.50 -6.10 29.20
N PHE A 907 14.63 -5.65 29.67
CA PHE A 907 15.62 -6.47 30.27
C PHE A 907 15.19 -7.09 31.56
N ASN A 908 14.39 -6.37 32.32
CA ASN A 908 13.96 -6.86 33.60
C ASN A 908 12.48 -6.79 33.86
N PRO A 909 11.70 -7.62 33.18
CA PRO A 909 10.27 -7.66 33.29
C PRO A 909 9.72 -8.02 34.63
N LEU A 910 10.32 -8.90 35.38
CA LEU A 910 9.72 -9.25 36.64
C LEU A 910 9.64 -8.07 37.54
N ASP A 911 10.58 -7.17 37.44
CA ASP A 911 10.59 -5.96 38.22
C ASP A 911 9.60 -4.90 37.83
N LYS A 912 9.43 -4.66 36.53
CA LYS A 912 8.44 -3.74 35.99
C LYS A 912 8.17 -4.11 34.58
N ASP A 913 6.95 -3.94 34.09
CA ASP A 913 6.61 -4.24 32.72
C ASP A 913 5.71 -3.18 32.13
N LEU A 914 5.65 -3.10 30.83
CA LEU A 914 4.82 -2.16 30.14
C LEU A 914 3.41 -2.57 30.15
N ARG A 915 2.51 -1.59 30.06
CA ARG A 915 1.06 -1.80 29.99
C ARG A 915 0.53 -1.04 28.77
N GLU A 916 -0.76 -1.16 28.47
CA GLU A 916 -1.28 -0.46 27.32
C GLU A 916 -1.13 1.02 27.48
N CYS A 917 -0.65 1.67 26.43
CA CYS A 917 -0.40 3.08 26.36
C CYS A 917 -1.49 3.84 25.72
N MSE A 918 -1.42 5.15 25.76
CA MSE A 918 -2.40 5.98 25.17
C MSE A 918 -1.74 6.94 24.27
O MSE A 918 -0.74 7.49 24.67
CB MSE A 918 -2.96 6.83 26.24
CG MSE A 918 -4.44 6.78 26.18
SE MSE A 918 -5.10 8.16 27.29
CE MSE A 918 -6.46 7.16 28.16
N LEU A 919 -2.28 7.19 23.10
CA LEU A 919 -1.72 8.14 22.19
C LEU A 919 -2.50 9.37 22.43
N ILE A 920 -1.81 10.46 22.65
CA ILE A 920 -2.44 11.73 22.90
C ILE A 920 -2.00 12.74 21.89
N VAL A 921 -2.90 13.36 21.15
CA VAL A 921 -2.53 14.37 20.18
C VAL A 921 -3.05 15.71 20.64
N ASP A 922 -2.20 16.60 21.08
CA ASP A 922 -2.68 17.89 21.52
C ASP A 922 -2.42 18.87 20.43
N GLN A 923 -3.43 19.49 19.88
CA GLN A 923 -3.24 20.43 18.82
C GLN A 923 -3.32 21.72 19.45
N GLU A 924 -2.30 22.55 19.29
CA GLU A 924 -2.30 23.82 19.92
C GLU A 924 -2.78 24.87 18.98
N ILE A 925 -3.79 25.60 19.40
CA ILE A 925 -4.38 26.66 18.66
C ILE A 925 -4.16 27.94 19.42
N SER A 926 -4.12 29.05 18.72
CA SER A 926 -3.89 30.32 19.34
C SER A 926 -4.86 31.27 18.78
N GLN A 927 -5.52 32.07 19.58
CA GLN A 927 -6.49 33.01 19.07
C GLN A 927 -5.83 34.36 18.96
N LYS A 928 -6.16 35.09 17.90
CA LYS A 928 -5.61 36.41 17.65
C LYS A 928 -6.69 37.26 17.06
N VAL A 929 -6.55 38.56 17.14
CA VAL A 929 -7.59 39.47 16.65
C VAL A 929 -7.45 40.09 15.26
N GLU A 930 -8.44 39.82 14.42
CA GLU A 930 -8.50 40.35 13.08
C GLU A 930 -9.95 40.55 12.73
N ALA A 931 -10.22 41.60 11.97
CA ALA A 931 -11.55 41.99 11.49
C ALA A 931 -12.46 42.38 12.60
N GLN A 932 -11.83 42.78 13.70
CA GLN A 932 -12.47 43.18 14.96
C GLN A 932 -13.17 42.03 15.68
N LYS A 933 -12.73 40.82 15.32
CA LYS A 933 -13.20 39.56 15.86
C LYS A 933 -12.01 38.73 16.27
N VAL A 934 -12.26 37.64 16.98
CA VAL A 934 -11.20 36.75 17.41
C VAL A 934 -11.32 35.54 16.55
N GLU A 935 -10.23 35.24 15.85
CA GLU A 935 -10.16 34.14 14.94
C GLU A 935 -9.06 33.24 15.46
N ALA A 936 -9.27 31.93 15.38
CA ALA A 936 -8.35 30.98 15.91
C ALA A 936 -7.65 30.26 14.82
N SER A 937 -6.36 30.04 15.00
CA SER A 937 -5.59 29.39 13.97
C SER A 937 -4.76 28.31 14.56
N LEU A 938 -4.64 27.19 13.85
CA LEU A 938 -3.91 26.06 14.31
C LEU A 938 -2.47 26.41 14.43
N GLU A 939 -1.82 25.93 15.49
CA GLU A 939 -0.44 26.27 15.70
C GLU A 939 0.60 25.14 15.62
N SER A 940 0.75 24.35 16.66
CA SER A 940 1.70 23.26 16.67
C SER A 940 1.03 22.02 17.17
N CYS A 941 1.38 20.86 16.65
CA CYS A 941 0.79 19.61 17.10
C CYS A 941 1.87 18.81 17.75
N THR A 942 1.57 18.28 18.92
CA THR A 942 2.49 17.49 19.68
C THR A 942 1.83 16.17 19.85
N TYR A 943 2.54 15.08 19.59
CA TYR A 943 2.01 13.75 19.73
C TYR A 943 2.78 13.17 20.88
N SER A 944 2.09 12.65 21.88
CA SER A 944 2.70 12.09 23.06
C SER A 944 2.19 10.72 23.33
N ILE A 945 2.93 9.94 24.09
CA ILE A 945 2.54 8.58 24.44
C ILE A 945 2.60 8.42 25.94
N ALA A 946 1.55 8.00 26.57
CA ALA A 946 1.59 7.83 27.98
C ALA A 946 1.72 6.40 28.20
N VAL A 947 2.81 5.95 28.80
CA VAL A 947 3.02 4.55 29.03
C VAL A 947 2.93 4.18 30.47
N PRO A 948 1.94 3.42 30.88
CA PRO A 948 1.89 3.01 32.26
C PRO A 948 2.98 2.03 32.60
N ILE A 949 3.63 2.08 33.74
CA ILE A 949 4.66 1.13 34.05
C ILE A 949 4.20 0.41 35.25
N ARG A 950 4.06 -0.90 35.22
CA ARG A 950 3.59 -1.60 36.39
C ARG A 950 4.72 -2.06 37.19
N TYR A 951 4.82 -1.63 38.42
CA TYR A 951 5.92 -1.97 39.22
C TYR A 951 5.49 -3.15 39.95
N HIS A 952 5.84 -4.29 39.46
CA HIS A 952 5.47 -5.50 40.09
C HIS A 952 5.99 -5.51 41.42
N LEU A 953 7.16 -4.93 41.53
CA LEU A 953 7.86 -4.88 42.77
C LEU A 953 7.82 -6.30 43.14
N GLU A 954 7.27 -6.53 44.30
CA GLU A 954 7.18 -7.85 44.73
C GLU A 954 8.50 -8.49 44.67
N GLU A 955 9.40 -7.85 45.38
CA GLU A 955 10.77 -8.29 45.59
C GLU A 955 11.05 -7.93 47.03
N PRO A 956 11.83 -8.74 47.73
CA PRO A 956 12.08 -8.41 49.12
C PRO A 956 13.54 -8.23 49.36
N LYS A 957 13.92 -7.50 50.39
CA LYS A 957 15.33 -7.34 50.70
C LYS A 957 15.57 -7.80 52.11
N VAL A 958 16.54 -7.24 52.81
CA VAL A 958 16.76 -7.66 54.19
C VAL A 958 15.74 -7.00 55.08
N SER A 959 14.86 -7.78 55.64
CA SER A 959 13.77 -7.23 56.46
C SER A 959 14.16 -6.42 57.70
N ASN A 960 13.32 -5.44 58.01
CA ASN A 960 13.55 -4.59 59.15
C ASN A 960 12.27 -3.93 59.56
N GLN A 961 12.31 -3.22 60.68
CA GLN A 961 11.15 -2.53 61.19
C GLN A 961 11.51 -1.19 61.69
N PHE A 962 10.50 -0.44 62.08
CA PHE A 962 10.71 0.90 62.55
C PHE A 962 10.99 0.91 64.01
N GLU A 963 12.11 1.47 64.42
CA GLU A 963 12.37 1.50 65.80
C GLU A 963 11.99 2.80 66.42
N ASN A 964 12.45 3.88 65.84
CA ASN A 964 12.15 5.19 66.36
C ASN A 964 10.86 5.73 65.83
N VAL A 965 10.43 6.87 66.35
CA VAL A 965 9.19 7.49 65.96
C VAL A 965 9.50 8.87 65.46
N LEU A 966 8.77 9.37 64.48
CA LEU A 966 9.07 10.69 64.00
C LEU A 966 7.92 11.59 64.25
N ALA A 967 8.14 12.60 65.06
CA ALA A 967 7.10 13.53 65.39
C ALA A 967 7.34 14.71 64.53
N ILE A 968 6.31 15.21 63.88
CA ILE A 968 6.51 16.31 62.97
C ILE A 968 5.61 17.44 63.26
N ALA A 969 6.15 18.62 63.15
CA ALA A 969 5.40 19.83 63.35
C ALA A 969 5.71 20.71 62.19
N GLN A 970 4.76 21.50 61.78
CA GLN A 970 4.97 22.34 60.64
C GLN A 970 5.06 23.79 60.96
N GLY A 971 6.21 24.33 60.69
CA GLY A 971 6.44 25.72 60.86
C GLY A 971 6.01 26.28 59.54
N GLU A 972 5.57 27.53 59.57
CA GLU A 972 5.12 28.21 58.38
C GLU A 972 6.26 28.66 57.46
N ALA A 973 7.46 28.39 57.93
CA ALA A 973 8.64 28.67 57.14
C ALA A 973 9.44 27.39 57.04
N GLY A 974 8.82 26.23 57.19
CA GLY A 974 9.56 24.99 57.14
C GLY A 974 8.89 23.90 57.91
N LEU A 975 9.68 22.97 58.47
CA LEU A 975 9.14 21.89 59.27
C LEU A 975 10.14 21.48 60.32
N ALA A 976 9.65 20.97 61.44
CA ALA A 976 10.49 20.55 62.53
C ALA A 976 10.13 19.15 62.89
N TYR A 977 11.09 18.41 63.39
CA TYR A 977 10.90 17.03 63.76
C TYR A 977 11.48 16.72 65.12
N ALA A 978 11.16 15.55 65.63
CA ALA A 978 11.66 15.04 66.90
C ALA A 978 11.67 13.56 66.78
N VAL A 979 12.73 12.87 67.20
CA VAL A 979 12.76 11.42 67.10
C VAL A 979 12.85 10.80 68.47
N PHE A 980 12.11 9.75 68.69
CA PHE A 980 12.09 9.08 69.96
C PHE A 980 12.35 7.62 69.71
N SER A 981 12.99 6.95 70.65
CA SER A 981 13.28 5.54 70.51
C SER A 981 12.11 4.73 70.89
N LEU A 982 11.95 3.57 70.29
CA LEU A 982 10.85 2.70 70.62
C LEU A 982 11.02 2.14 72.02
N LYS A 983 12.30 1.97 72.37
CA LYS A 983 12.75 1.37 73.62
C LYS A 983 12.36 2.09 74.88
N SER A 984 12.46 3.42 74.86
CA SER A 984 12.13 4.23 76.02
C SER A 984 10.63 4.44 76.14
N ILE A 985 9.93 3.39 76.54
CA ILE A 985 8.50 3.42 76.71
C ILE A 985 8.02 3.62 78.15
N GLY A 986 8.94 3.96 79.06
CA GLY A 986 8.61 4.18 80.46
C GLY A 986 8.12 5.59 80.69
N GLU A 987 7.64 5.89 81.87
CA GLU A 987 7.14 7.24 82.15
C GLU A 987 8.25 8.27 81.93
N ALA A 988 9.43 7.97 82.46
CA ALA A 988 10.57 8.83 82.31
C ALA A 988 11.33 8.42 81.06
N GLU A 989 12.39 9.15 80.77
CA GLU A 989 13.26 8.93 79.62
C GLU A 989 12.76 9.11 78.19
N THR A 990 11.57 9.65 78.03
CA THR A 990 11.07 9.91 76.72
C THR A 990 11.97 11.04 76.35
N LYS A 991 13.18 10.69 75.97
CA LYS A 991 14.10 11.72 75.59
C LYS A 991 14.24 11.54 74.10
N PRO A 992 13.97 12.60 73.36
CA PRO A 992 14.06 12.51 71.92
C PRO A 992 15.46 12.24 71.49
N ILE A 993 15.62 11.27 70.60
CA ILE A 993 16.92 10.97 70.12
C ILE A 993 17.46 12.16 69.36
N ALA A 994 16.68 12.74 68.48
CA ALA A 994 17.10 13.90 67.73
C ALA A 994 15.98 14.89 67.52
N VAL A 995 16.36 16.13 67.26
CA VAL A 995 15.44 17.20 67.02
C VAL A 995 16.12 18.17 66.10
N GLY A 996 15.36 18.79 65.20
CA GLY A 996 15.90 19.72 64.23
C GLY A 996 14.82 20.37 63.40
N THR A 997 15.16 21.13 62.36
CA THR A 997 14.16 21.75 61.52
C THR A 997 14.61 21.74 60.09
N ILE A 998 13.69 21.81 59.13
CA ILE A 998 14.08 21.78 57.75
C ILE A 998 13.51 22.93 57.00
N ARG A 999 14.26 23.39 56.02
CA ARG A 999 13.91 24.59 55.29
C ARG A 999 12.66 24.74 54.46
N ILE A 1000 12.48 23.99 53.40
CA ILE A 1000 11.22 24.03 52.68
C ILE A 1000 10.64 25.38 52.32
N PRO A 1001 11.27 26.09 51.40
CA PRO A 1001 11.07 27.43 50.87
C PRO A 1001 9.79 27.63 50.17
N SER A 1002 9.26 26.57 49.63
CA SER A 1002 8.04 26.64 48.86
C SER A 1002 6.96 27.17 49.71
N ILE A 1003 7.03 26.84 50.96
CA ILE A 1003 6.00 27.21 51.86
C ILE A 1003 5.86 28.69 51.90
N ARG A 1004 6.92 29.40 52.17
CA ARG A 1004 6.83 30.83 52.26
C ARG A 1004 6.39 31.39 50.95
N ARG A 1005 6.78 30.73 49.87
CA ARG A 1005 6.39 31.15 48.53
C ARG A 1005 4.88 31.08 48.39
N LEU A 1006 4.27 30.05 48.97
CA LEU A 1006 2.82 29.88 48.91
C LEU A 1006 2.08 30.94 49.70
N ILE A 1007 2.50 31.14 50.92
CA ILE A 1007 1.91 32.12 51.77
C ILE A 1007 2.09 33.48 51.19
N HIS A 1008 3.31 33.75 50.75
CA HIS A 1008 3.66 35.05 50.23
C HIS A 1008 3.11 35.39 48.89
N SER A 1009 2.46 34.44 48.24
CA SER A 1009 1.90 34.71 46.93
C SER A 1009 0.41 34.88 46.92
N VAL A 1010 -0.26 34.13 47.78
CA VAL A 1010 -1.70 34.17 47.92
C VAL A 1010 -2.29 35.49 48.46
N SER A 1011 -1.47 36.18 49.25
CA SER A 1011 -1.85 37.47 49.80
C SER A 1011 -1.46 38.57 48.81
N THR A 1012 -0.54 38.24 47.92
CA THR A 1012 -0.09 39.20 46.91
C THR A 1012 -1.08 39.32 45.75
N TYR A 1013 -1.91 38.29 45.60
CA TYR A 1013 -2.93 38.25 44.55
C TYR A 1013 -2.40 38.65 43.17
N ARG A 1014 -1.32 37.99 42.76
CA ARG A 1014 -0.71 38.28 41.46
C ARG A 1014 -1.31 37.41 40.36
N LYS A 1015 -1.19 37.85 39.12
CA LYS A 1015 -1.72 37.11 37.99
C LYS A 1015 -1.06 35.74 37.86
N LYS A 1016 -1.88 34.71 37.75
CA LYS A 1016 -1.38 33.34 37.63
C LYS A 1016 -0.54 33.18 36.36
N LYS A 1017 0.51 32.38 36.47
CA LYS A 1017 1.40 32.13 35.33
C LYS A 1017 0.64 31.55 34.15
N GLN A 1018 0.89 32.09 32.96
CA GLN A 1018 0.23 31.62 31.76
C GLN A 1018 0.98 30.36 31.33
N ARG A 1019 0.24 29.28 31.17
CA ARG A 1019 0.73 27.97 30.70
C ARG A 1019 -0.39 27.42 29.80
N LEU A 1020 -0.07 26.59 28.80
CA LEU A 1020 -1.17 26.19 27.99
C LEU A 1020 -2.27 25.47 28.70
N GLN A 1021 -3.48 25.93 28.47
CA GLN A 1021 -4.69 25.46 29.06
C GLN A 1021 -5.46 24.69 28.03
N ASN A 1022 -6.23 23.72 28.44
CA ASN A 1022 -7.06 23.03 27.50
C ASN A 1022 -8.15 23.97 27.12
N PHE A 1023 -8.66 23.87 25.93
CA PHE A 1023 -9.73 24.74 25.56
C PHE A 1023 -10.91 24.44 26.42
N LYS A 1024 -11.03 23.20 26.83
CA LYS A 1024 -12.15 22.79 27.63
C LYS A 1024 -12.18 23.47 28.96
N GLN A 1025 -11.04 23.74 29.51
CA GLN A 1025 -10.93 24.33 30.81
C GLN A 1025 -11.16 25.80 30.81
N ASN A 1026 -12.08 26.25 31.64
CA ASN A 1026 -12.43 27.65 31.72
C ASN A 1026 -12.03 28.33 33.00
N TYR A 1027 -11.22 27.69 33.82
CA TYR A 1027 -10.80 28.30 35.05
C TYR A 1027 -9.33 28.01 35.22
N ASP A 1028 -8.64 28.87 35.93
CA ASP A 1028 -7.23 28.69 36.14
C ASP A 1028 -6.93 27.58 37.11
N SER A 1029 -5.97 26.74 36.75
CA SER A 1029 -5.53 25.65 37.57
C SER A 1029 -4.12 25.91 38.04
N THR A 1030 -3.68 27.13 37.88
CA THR A 1030 -2.34 27.48 38.24
C THR A 1030 -2.10 27.33 39.72
N ALA A 1031 -3.09 27.75 40.49
CA ALA A 1031 -3.01 27.69 41.93
C ALA A 1031 -2.94 26.30 42.47
N PHE A 1032 -3.65 25.39 41.84
CA PHE A 1032 -3.68 24.00 42.22
C PHE A 1032 -2.39 23.31 42.05
N ILE A 1033 -1.78 23.54 40.93
CA ILE A 1033 -0.58 22.83 40.62
C ILE A 1033 0.44 23.12 41.65
N MSE A 1034 0.55 24.37 42.04
CA MSE A 1034 1.55 24.75 42.99
C MSE A 1034 1.43 24.09 44.28
O MSE A 1034 2.45 23.81 44.87
CB MSE A 1034 1.59 26.20 43.22
CG MSE A 1034 2.90 26.46 43.87
SE MSE A 1034 2.75 28.33 44.24
CE MSE A 1034 2.35 28.90 42.43
N ARG A 1035 0.23 23.92 44.78
CA ARG A 1035 -0.03 23.29 46.05
C ARG A 1035 0.42 21.88 46.00
N GLU A 1036 0.24 21.29 44.84
CA GLU A 1036 0.61 19.94 44.56
C GLU A 1036 2.05 19.80 44.70
N ASN A 1037 2.75 20.81 44.22
CA ASN A 1037 4.18 20.90 44.30
C ASN A 1037 4.67 21.13 45.65
N VAL A 1038 4.10 22.11 46.31
CA VAL A 1038 4.54 22.48 47.61
C VAL A 1038 4.29 21.29 48.42
N THR A 1039 3.20 20.62 48.18
CA THR A 1039 2.87 19.45 48.93
C THR A 1039 3.89 18.35 48.84
N GLY A 1040 4.47 18.23 47.68
CA GLY A 1040 5.48 17.25 47.45
C GLY A 1040 6.75 17.33 48.21
N ASP A 1041 7.28 18.54 48.30
CA ASP A 1041 8.50 18.78 49.02
C ASP A 1041 8.30 18.51 50.46
N VAL A 1042 7.15 18.84 50.99
CA VAL A 1042 6.90 18.59 52.37
C VAL A 1042 6.90 17.16 52.71
N CYS A 1043 6.33 16.31 51.89
CA CYS A 1043 6.35 14.91 52.18
C CYS A 1043 7.68 14.33 51.97
N ALA A 1044 8.48 14.97 51.15
CA ALA A 1044 9.78 14.46 50.79
C ALA A 1044 10.69 14.36 51.95
N LYS A 1045 10.74 15.44 52.73
CA LYS A 1045 11.57 15.59 53.89
C LYS A 1045 11.21 14.59 54.91
N ILE A 1046 9.94 14.47 55.18
CA ILE A 1046 9.47 13.54 56.14
C ILE A 1046 9.93 12.21 55.67
N VAL A 1047 9.86 11.99 54.39
CA VAL A 1047 10.32 10.71 53.89
C VAL A 1047 11.79 10.66 54.10
N GLY A 1048 12.44 11.78 53.93
CA GLY A 1048 13.86 11.82 54.06
C GLY A 1048 14.31 11.48 55.44
N LEU A 1049 13.65 12.09 56.41
CA LEU A 1049 13.91 11.91 57.80
C LEU A 1049 13.62 10.50 58.18
N MSE A 1050 12.58 9.94 57.60
CA MSE A 1050 12.16 8.63 57.94
C MSE A 1050 13.26 7.68 57.69
O MSE A 1050 13.43 6.76 58.46
CB MSE A 1050 11.01 8.20 57.05
CG MSE A 1050 9.70 8.97 57.10
SE MSE A 1050 8.23 7.90 56.35
CE MSE A 1050 8.79 6.18 57.01
N LYS A 1051 14.01 7.85 56.64
CA LYS A 1051 15.04 6.88 56.35
C LYS A 1051 16.12 6.81 57.36
N GLU A 1052 16.59 7.97 57.74
CA GLU A 1052 17.72 8.10 58.63
C GLU A 1052 17.45 7.49 59.93
N PHE A 1053 16.29 7.78 60.43
CA PHE A 1053 15.92 7.29 61.71
C PHE A 1053 15.16 6.00 61.74
N ASN A 1054 14.81 5.43 60.60
CA ASN A 1054 14.05 4.20 60.55
C ASN A 1054 12.86 4.36 61.41
N ALA A 1055 12.13 5.44 61.22
CA ALA A 1055 10.98 5.78 62.01
C ALA A 1055 9.76 5.96 61.18
N PHE A 1056 8.61 5.97 61.82
CA PHE A 1056 7.34 6.17 61.18
C PHE A 1056 6.82 7.39 61.85
N PRO A 1057 6.40 8.35 61.08
CA PRO A 1057 5.95 9.68 61.43
C PRO A 1057 4.63 9.81 62.13
N VAL A 1058 4.45 10.82 62.97
CA VAL A 1058 3.17 11.06 63.60
C VAL A 1058 2.83 12.52 63.31
N LEU A 1059 1.67 12.80 62.75
CA LEU A 1059 1.34 14.17 62.36
C LEU A 1059 0.07 14.76 62.95
N GLU A 1060 0.09 16.05 63.19
CA GLU A 1060 -1.03 16.73 63.81
C GLU A 1060 -2.21 16.93 62.92
N TYR A 1061 -3.42 16.79 63.45
CA TYR A 1061 -4.63 17.06 62.68
C TYR A 1061 -4.70 18.57 62.50
N ASP A 1062 -5.06 19.03 61.32
CA ASP A 1062 -5.01 20.46 61.05
C ASP A 1062 -5.80 21.42 61.93
N VAL A 1063 -5.51 22.70 61.74
CA VAL A 1063 -6.13 23.80 62.46
C VAL A 1063 -5.57 25.13 61.90
N SER A 1070 -3.00 31.29 58.24
CA SER A 1070 -2.80 31.02 56.83
C SER A 1070 -3.74 29.87 56.50
N ARG A 1071 -4.46 29.97 55.39
CA ARG A 1071 -5.45 28.98 55.00
C ARG A 1071 -5.16 28.27 53.70
N GLN A 1072 -4.43 28.94 52.86
CA GLN A 1072 -4.01 28.38 51.60
C GLN A 1072 -3.10 27.27 52.06
N LEU A 1073 -2.17 27.63 52.93
CA LEU A 1073 -1.22 26.74 53.51
C LEU A 1073 -1.81 25.50 54.13
N SER A 1074 -3.02 25.58 54.61
CA SER A 1074 -3.67 24.46 55.25
C SER A 1074 -4.15 23.49 54.25
N ALA A 1075 -4.39 23.97 53.06
CA ALA A 1075 -4.90 23.09 52.06
C ALA A 1075 -3.88 22.07 51.84
N VAL A 1076 -2.65 22.53 51.70
CA VAL A 1076 -1.54 21.64 51.44
C VAL A 1076 -1.28 20.67 52.56
N TYR A 1077 -1.35 21.14 53.79
CA TYR A 1077 -1.10 20.30 54.94
C TYR A 1077 -2.11 19.23 54.97
N LYS A 1078 -3.30 19.55 54.53
CA LYS A 1078 -4.36 18.59 54.57
C LYS A 1078 -3.98 17.42 53.73
N ALA A 1079 -3.44 17.75 52.56
CA ALA A 1079 -2.97 16.85 51.53
C ALA A 1079 -1.80 16.04 51.96
N VAL A 1080 -0.88 16.67 52.66
CA VAL A 1080 0.32 16.03 53.10
C VAL A 1080 -0.02 14.87 53.94
N ASN A 1081 -1.07 15.02 54.70
CA ASN A 1081 -1.54 13.99 55.61
C ASN A 1081 -2.14 12.85 54.87
N SER A 1082 -2.60 13.14 53.67
CA SER A 1082 -3.23 12.15 52.85
C SER A 1082 -2.30 11.06 52.49
N HIS A 1083 -1.06 11.43 52.26
CA HIS A 1083 0.03 10.56 51.89
C HIS A 1083 0.48 9.57 52.91
N PHE A 1084 0.39 9.92 54.17
CA PHE A 1084 0.78 9.01 55.22
C PHE A 1084 -0.32 8.41 56.06
N LEU A 1085 -1.25 9.20 56.53
CA LEU A 1085 -2.32 8.68 57.35
C LEU A 1085 -3.41 7.92 56.62
N TYR A 1086 -4.09 7.01 57.29
CA TYR A 1086 -5.13 6.22 56.67
C TYR A 1086 -6.47 6.88 56.57
N PHE A 1087 -7.04 6.94 55.38
CA PHE A 1087 -8.39 7.45 55.18
C PHE A 1087 -9.11 6.58 54.21
N LYS A 1088 -10.41 6.46 54.39
CA LYS A 1088 -11.31 5.70 53.55
C LYS A 1088 -11.59 6.25 52.17
N GLU A 1089 -11.67 7.58 52.13
CA GLU A 1089 -12.03 8.29 50.94
C GLU A 1089 -11.09 7.91 49.92
N PRO A 1090 -11.58 7.66 48.74
CA PRO A 1090 -10.71 7.26 47.66
C PRO A 1090 -9.67 8.27 47.28
N GLY A 1091 -9.95 9.56 47.25
CA GLY A 1091 -8.93 10.47 46.87
C GLY A 1091 -7.78 10.51 47.80
N ARG A 1092 -8.05 10.53 49.08
CA ARG A 1092 -7.05 10.56 50.11
C ARG A 1092 -6.22 9.34 50.10
N ASP A 1093 -6.84 8.20 49.88
CA ASP A 1093 -6.13 6.95 49.82
C ASP A 1093 -5.24 6.83 48.62
N ALA A 1094 -5.75 7.30 47.51
CA ALA A 1094 -5.08 7.20 46.26
C ALA A 1094 -3.79 7.92 46.26
N LEU A 1095 -3.73 9.02 46.98
CA LEU A 1095 -2.51 9.78 47.11
C LEU A 1095 -1.52 9.00 47.84
N ARG A 1096 -1.94 8.35 48.88
CA ARG A 1096 -1.08 7.60 49.73
C ARG A 1096 -0.46 6.45 49.08
N LYS A 1097 -1.24 5.67 48.41
CA LYS A 1097 -0.73 4.51 47.77
C LYS A 1097 0.26 4.84 46.71
N GLN A 1098 0.17 6.05 46.16
CA GLN A 1098 1.08 6.47 45.10
C GLN A 1098 2.48 6.55 45.68
N LEU A 1099 2.57 7.15 46.85
CA LEU A 1099 3.83 7.30 47.56
C LEU A 1099 4.42 6.04 48.05
N TRP A 1100 3.58 5.18 48.57
CA TRP A 1100 4.05 3.97 49.19
C TRP A 1100 3.94 2.77 48.35
N TYR A 1101 3.89 3.01 47.07
CA TYR A 1101 3.87 1.98 46.08
C TYR A 1101 2.82 0.95 46.26
N GLY A 1102 1.61 1.40 46.54
CA GLY A 1102 0.49 0.52 46.70
C GLY A 1102 0.45 -0.18 48.03
N GLY A 1103 1.32 0.20 48.93
CA GLY A 1103 1.43 -0.43 50.22
C GLY A 1103 0.25 -0.17 51.07
N ASP A 1104 -0.15 -1.12 51.92
CA ASP A 1104 -1.28 -0.87 52.75
C ASP A 1104 -1.04 -0.47 54.19
N SER A 1105 -0.41 -1.33 54.97
CA SER A 1105 -0.13 -0.99 56.33
C SER A 1105 1.06 -1.72 56.81
N TRP A 1106 1.80 -1.11 57.71
CA TRP A 1106 2.93 -1.79 58.29
C TRP A 1106 2.66 -1.89 59.76
N THR A 1107 2.70 -3.10 60.30
CA THR A 1107 2.45 -3.33 61.72
C THR A 1107 3.73 -3.59 62.46
N ILE A 1108 3.88 -2.93 63.60
CA ILE A 1108 5.05 -3.06 64.41
C ILE A 1108 4.81 -4.09 65.45
N ASP A 1109 5.66 -5.10 65.43
CA ASP A 1109 5.58 -6.20 66.34
C ASP A 1109 6.15 -5.82 67.66
N GLY A 1110 5.44 -6.20 68.71
CA GLY A 1110 5.83 -5.94 70.07
C GLY A 1110 5.32 -4.66 70.64
N ILE A 1111 4.60 -3.91 69.85
CA ILE A 1111 4.10 -2.64 70.29
C ILE A 1111 2.61 -2.68 70.01
N GLU A 1112 1.87 -1.80 70.62
CA GLU A 1112 0.48 -1.63 70.41
C GLU A 1112 0.03 -0.34 71.00
N ILE A 1113 -1.19 0.07 70.73
CA ILE A 1113 -1.65 1.37 71.13
C ILE A 1113 -3.08 1.33 71.65
N VAL A 1114 -3.42 2.27 72.52
CA VAL A 1114 -4.75 2.34 73.11
C VAL A 1114 -5.72 3.09 72.21
N THR A 1115 -6.85 2.45 71.91
CA THR A 1115 -7.87 3.06 71.05
C THR A 1115 -9.11 3.43 71.86
N ARG A 1116 -9.85 4.42 71.37
CA ARG A 1116 -11.06 4.88 72.05
C ARG A 1116 -12.12 5.33 71.03
N GLU A 1117 -12.99 4.40 70.67
CA GLU A 1117 -14.06 4.69 69.71
C GLU A 1117 -15.30 5.23 70.40
N ARG A 1118 -16.36 5.46 69.61
CA ARG A 1118 -17.61 5.98 70.15
C ARG A 1118 -18.77 5.04 69.82
N LYS A 1119 -19.90 5.23 70.50
CA LYS A 1119 -21.07 4.41 70.28
C LYS A 1119 -22.14 5.16 69.49
N GLU A 1120 -22.83 6.07 70.17
CA GLU A 1120 -23.88 6.86 69.54
C GLU A 1120 -24.05 8.21 70.22
N ASP A 1121 -24.54 9.19 69.46
CA ASP A 1121 -24.76 10.55 69.97
C ASP A 1121 -23.55 11.11 70.71
N GLY A 1122 -22.38 11.00 70.09
CA GLY A 1122 -21.15 11.49 70.67
C GLY A 1122 -20.91 10.99 72.09
N LYS A 1123 -20.82 9.68 72.25
CA LYS A 1123 -20.60 9.09 73.57
C LYS A 1123 -19.31 8.27 73.59
N GLU A 1124 -18.58 8.35 74.69
CA GLU A 1124 -17.33 7.62 74.84
C GLU A 1124 -17.57 6.11 74.86
N GLY A 1125 -16.70 5.38 74.19
CA GLY A 1125 -16.81 3.93 74.12
C GLY A 1125 -16.02 3.24 75.21
N VAL A 1126 -14.91 2.62 74.83
CA VAL A 1126 -14.06 1.91 75.78
C VAL A 1126 -12.61 1.94 75.34
N GLU A 1127 -11.70 1.98 76.31
CA GLU A 1127 -10.27 2.02 76.03
C GLU A 1127 -9.71 0.64 75.76
N LYS A 1128 -9.64 0.27 74.49
CA LYS A 1128 -9.12 -1.04 74.10
C LYS A 1128 -7.76 -0.91 73.42
N ILE A 1129 -6.89 -1.87 73.68
CA ILE A 1129 -5.55 -1.87 73.11
C ILE A 1129 -5.41 -2.93 72.02
N VAL A 1130 -4.68 -2.58 70.96
CA VAL A 1130 -4.47 -3.50 69.86
C VAL A 1130 -3.07 -3.34 69.33
N PRO A 1131 -2.62 -4.23 68.46
CA PRO A 1131 -1.28 -4.08 67.92
C PRO A 1131 -1.16 -2.82 67.11
N LEU A 1132 0.02 -2.23 67.07
CA LEU A 1132 0.20 -0.96 66.40
C LEU A 1132 0.50 -1.08 64.93
N LYS A 1133 -0.29 -0.38 64.13
CA LYS A 1133 -0.17 -0.36 62.70
C LYS A 1133 0.04 1.04 62.28
N VAL A 1134 1.03 1.26 61.44
CA VAL A 1134 1.30 2.57 60.96
C VAL A 1134 1.17 2.46 59.47
N PHE A 1135 0.59 3.47 58.87
CA PHE A 1135 0.30 3.43 57.45
C PHE A 1135 1.13 4.12 56.39
N PRO A 1136 2.36 4.50 56.68
CA PRO A 1136 3.37 4.25 57.69
C PRO A 1136 3.37 5.35 58.71
N GLY A 1137 2.28 6.09 58.80
CA GLY A 1137 2.19 7.21 59.69
C GLY A 1137 0.94 7.12 60.51
N ARG A 1138 0.90 7.81 61.63
CA ARG A 1138 -0.24 7.79 62.51
C ARG A 1138 -0.56 9.17 63.00
N SER A 1139 -1.71 9.38 63.60
CA SER A 1139 -2.03 10.72 64.00
C SER A 1139 -2.31 10.94 65.45
N VAL A 1140 -2.18 12.19 65.86
CA VAL A 1140 -2.40 12.62 67.23
C VAL A 1140 -3.14 13.96 67.30
N SER A 1141 -4.06 14.11 68.21
CA SER A 1141 -4.77 15.35 68.25
C SER A 1141 -3.91 16.33 68.96
N ALA A 1142 -3.51 17.35 68.22
CA ALA A 1142 -2.65 18.34 68.79
C ALA A 1142 -3.45 19.33 69.53
N ARG A 1143 -3.89 18.98 70.73
CA ARG A 1143 -4.59 19.99 71.51
C ARG A 1143 -3.54 20.65 72.40
N PHE A 1144 -3.26 21.85 71.99
CA PHE A 1144 -2.34 22.65 72.69
C PHE A 1144 -1.07 21.92 72.97
N THR A 1145 -0.56 21.40 71.86
CA THR A 1145 0.76 20.80 71.77
C THR A 1145 1.74 21.97 71.90
N SER A 1146 1.35 23.05 71.25
CA SER A 1146 2.11 24.28 71.24
C SER A 1146 2.18 24.98 72.57
N LYS A 1147 1.12 24.97 73.35
CA LYS A 1147 1.16 25.66 74.64
C LYS A 1147 2.15 25.09 75.63
N THR A 1148 2.19 23.78 75.72
CA THR A 1148 2.98 23.04 76.68
C THR A 1148 4.45 23.27 76.46
N CYS A 1149 5.28 22.79 77.37
CA CYS A 1149 6.71 22.91 77.16
C CYS A 1149 7.37 21.57 77.00
N SER A 1150 8.32 21.49 76.09
CA SER A 1150 9.04 20.25 75.83
C SER A 1150 9.92 19.85 77.01
N CYS A 1151 10.77 20.77 77.45
CA CYS A 1151 11.66 20.51 78.57
C CYS A 1151 10.91 20.50 79.90
N CYS A 1152 10.19 21.58 80.18
CA CYS A 1152 9.43 21.71 81.41
C CYS A 1152 8.51 20.51 81.63
N GLY A 1153 7.65 20.26 80.64
CA GLY A 1153 6.72 19.15 80.71
C GLY A 1153 5.41 19.56 81.32
N ARG A 1154 5.24 20.87 81.44
CA ARG A 1154 4.03 21.43 82.00
C ARG A 1154 3.31 22.45 81.16
N ASN A 1155 2.03 22.22 80.95
CA ASN A 1155 1.19 23.12 80.19
C ASN A 1155 0.82 24.29 81.05
N VAL A 1156 0.27 25.32 80.44
CA VAL A 1156 -0.18 26.46 81.22
C VAL A 1156 -1.69 26.49 81.21
N PHE A 1157 -2.31 25.66 80.36
CA PHE A 1157 -3.77 25.61 80.25
C PHE A 1157 -4.50 25.21 81.54
N ASP A 1158 -3.78 24.59 82.47
CA ASP A 1158 -4.37 24.16 83.73
C ASP A 1158 -5.05 25.15 84.63
N TRP A 1159 -4.32 26.22 84.93
CA TRP A 1159 -4.83 27.30 85.76
C TRP A 1159 -5.74 28.07 84.81
N LEU A 1160 -5.49 27.96 83.52
CA LEU A 1160 -6.38 28.56 82.52
C LEU A 1160 -7.88 28.28 82.85
N PHE A 1161 -8.17 26.99 82.77
CA PHE A 1161 -9.44 26.46 83.23
C PHE A 1161 -9.81 26.50 84.69
N THR A 1162 -8.85 26.19 85.54
CA THR A 1162 -9.16 26.12 86.94
C THR A 1162 -9.63 27.46 87.48
N GLU A 1163 -8.93 28.52 87.11
CA GLU A 1163 -9.30 29.84 87.56
C GLU A 1163 -10.59 30.32 86.94
N LYS A 1164 -10.75 30.04 85.66
CA LYS A 1164 -11.93 30.50 84.95
C LYS A 1164 -13.16 30.01 85.69
N LYS A 1165 -13.05 28.81 86.24
CA LYS A 1165 -14.15 28.20 86.95
C LYS A 1165 -14.46 28.85 88.29
N ALA A 1166 -13.44 29.29 89.02
CA ALA A 1166 -13.67 29.95 90.31
C ALA A 1166 -12.49 30.84 90.70
N PHE A 1172 -3.39 37.08 90.98
CA PHE A 1172 -3.61 38.52 90.91
C PHE A 1172 -2.68 39.29 91.85
N ASN A 1173 -1.62 38.62 92.28
CA ASN A 1173 -0.65 39.22 93.18
C ASN A 1173 0.72 39.32 92.50
N VAL A 1174 0.77 40.06 91.40
CA VAL A 1174 2.04 40.23 90.68
C VAL A 1174 3.03 41.02 91.53
N ASN A 1175 4.31 40.77 91.32
CA ASN A 1175 5.36 41.45 92.07
C ASN A 1175 5.94 42.68 91.39
N SER A 1176 7.14 43.07 91.82
CA SER A 1176 7.82 44.24 91.24
C SER A 1176 8.21 43.96 89.79
N LYS A 1177 8.77 42.79 89.54
CA LYS A 1177 9.19 42.41 88.20
C LYS A 1177 8.18 41.50 87.52
N GLY A 1178 7.04 41.26 88.18
CA GLY A 1178 6.01 40.42 87.60
C GLY A 1178 6.07 38.92 87.82
N GLU A 1179 5.92 38.50 89.08
CA GLU A 1179 5.89 37.07 89.44
C GLU A 1179 4.45 36.71 89.86
N LEU A 1180 4.04 35.46 89.62
CA LEU A 1180 2.67 34.96 89.89
C LEU A 1180 2.76 33.64 90.66
N THR A 1181 1.86 33.45 91.63
CA THR A 1181 1.73 32.24 92.47
C THR A 1181 0.80 31.25 91.73
N THR A 1182 1.38 30.21 91.12
CA THR A 1182 0.63 29.08 90.49
C THR A 1182 0.67 27.87 91.42
N ALA A 1183 0.32 26.69 90.91
CA ALA A 1183 0.37 25.40 91.64
C ALA A 1183 1.66 24.65 91.30
N ASP A 1184 2.18 24.86 90.09
CA ASP A 1184 3.20 23.99 89.44
C ASP A 1184 4.53 24.74 89.31
N GLY A 1185 4.60 25.99 89.76
CA GLY A 1185 5.80 26.85 89.67
C GLY A 1185 5.45 28.32 89.68
N VAL A 1186 6.32 29.18 89.14
CA VAL A 1186 6.18 30.66 89.17
C VAL A 1186 6.33 31.23 87.75
N ILE A 1187 5.22 31.71 87.18
CA ILE A 1187 5.11 32.24 85.78
C ILE A 1187 5.51 33.71 85.77
N GLN A 1188 6.61 34.06 85.11
CA GLN A 1188 7.13 35.46 85.05
C GLN A 1188 6.77 36.10 83.69
N LEU A 1189 5.75 36.95 83.68
CA LEU A 1189 5.23 37.64 82.45
C LEU A 1189 6.00 38.96 82.28
N PHE A 1190 6.45 39.25 81.06
CA PHE A 1190 7.20 40.48 80.69
C PHE A 1190 6.39 41.30 79.69
N GLU A 1191 6.91 42.77 79.69
CA GLU A 1191 6.31 43.68 78.76
C GLU A 1191 7.39 44.25 77.88
N ALA A 1192 7.01 45.07 76.92
CA ALA A 1192 7.97 45.61 76.02
C ALA A 1192 8.98 46.33 76.86
N ASP A 1193 10.23 46.00 76.66
CA ASP A 1193 11.31 46.60 77.38
C ASP A 1193 11.27 48.05 77.00
N ARG A 1194 11.44 48.95 77.95
CA ARG A 1194 11.44 50.39 77.64
C ARG A 1194 12.79 51.04 77.88
N SER A 1195 13.81 50.21 78.03
CA SER A 1195 15.15 50.68 78.38
C SER A 1195 15.84 51.66 77.44
N LYS A 1196 15.78 51.46 76.13
CA LYS A 1196 16.54 52.33 75.26
C LYS A 1196 15.81 53.33 74.39
N GLY A 1197 14.50 53.32 74.38
CA GLY A 1197 13.80 54.27 73.53
C GLY A 1197 13.15 53.70 72.30
N PRO A 1198 12.08 54.33 71.85
CA PRO A 1198 11.33 53.83 70.70
C PRO A 1198 12.08 53.81 69.37
N LYS A 1199 12.71 54.92 69.05
CA LYS A 1199 13.39 55.08 67.80
C LYS A 1199 14.55 54.12 67.59
N PHE A 1200 15.30 53.77 68.64
CA PHE A 1200 16.51 52.93 68.48
C PHE A 1200 16.47 51.50 67.95
N TYR A 1201 15.64 50.64 68.53
CA TYR A 1201 15.63 49.23 68.17
C TYR A 1201 15.33 49.16 66.71
N ALA A 1202 14.46 50.05 66.30
CA ALA A 1202 14.12 50.15 64.91
C ALA A 1202 15.42 50.48 64.18
N ARG A 1203 16.33 51.12 64.91
CA ARG A 1203 17.63 51.48 64.41
C ARG A 1203 18.45 50.28 64.06
N ARG A 1204 18.32 49.19 64.80
CA ARG A 1204 19.11 48.02 64.44
C ARG A 1204 18.22 47.01 63.82
N LYS A 1205 16.95 47.26 63.93
CA LYS A 1205 15.93 46.31 63.50
C LYS A 1205 15.73 45.14 64.42
N GLU A 1206 15.74 45.32 65.72
CA GLU A 1206 15.70 44.16 66.58
C GLU A 1206 14.38 43.76 67.19
N ARG A 1207 13.32 44.41 66.73
CA ARG A 1207 11.97 44.10 67.17
C ARG A 1207 11.59 44.32 68.62
N THR A 1208 12.32 45.15 69.36
CA THR A 1208 11.87 45.49 70.70
C THR A 1208 11.52 44.32 71.60
N PRO A 1209 12.54 43.59 72.06
CA PRO A 1209 12.48 42.39 72.87
C PRO A 1209 11.85 42.61 74.21
N LEU A 1210 11.29 41.55 74.77
CA LEU A 1210 10.63 41.59 76.07
C LEU A 1210 11.60 41.19 77.17
N THR A 1211 12.27 42.18 77.72
CA THR A 1211 13.19 41.98 78.82
C THR A 1211 12.67 42.74 80.04
N LYS A 1212 11.69 43.60 79.82
CA LYS A 1212 11.13 44.43 80.87
C LYS A 1212 9.87 43.85 81.43
N PRO A 1213 9.83 43.71 82.75
CA PRO A 1213 8.76 43.18 83.59
C PRO A 1213 7.54 44.07 83.78
N ILE A 1214 6.43 43.43 84.13
CA ILE A 1214 5.17 44.11 84.32
C ILE A 1214 4.61 43.80 85.70
N ALA A 1215 4.33 44.83 86.48
CA ALA A 1215 3.80 44.66 87.82
C ALA A 1215 2.77 45.74 88.15
N LYS A 1216 1.50 45.42 87.96
CA LYS A 1216 0.42 46.36 88.24
C LYS A 1216 -0.29 46.02 89.55
N GLY A 1217 0.33 45.13 90.33
CA GLY A 1217 -0.24 44.72 91.60
C GLY A 1217 -1.27 43.60 91.44
N SER A 1218 -2.46 43.97 90.97
CA SER A 1218 -3.53 43.00 90.77
C SER A 1218 -4.03 43.01 89.32
N TYR A 1219 -4.21 41.82 88.76
CA TYR A 1219 -4.69 41.69 87.38
C TYR A 1219 -5.95 40.83 87.20
N SER A 1220 -6.67 41.13 86.14
CA SER A 1220 -7.92 40.44 85.87
C SER A 1220 -7.69 39.02 85.51
N LEU A 1221 -8.73 38.22 85.47
CA LEU A 1221 -8.51 36.88 85.01
C LEU A 1221 -8.00 36.83 83.58
N GLU A 1222 -8.72 37.56 82.76
CA GLU A 1222 -8.47 37.59 81.34
C GLU A 1222 -7.12 38.21 81.07
N GLU A 1223 -6.78 39.25 81.81
CA GLU A 1223 -5.56 40.00 81.56
C GLU A 1223 -4.38 39.11 81.46
N ILE A 1224 -4.21 38.24 82.42
CA ILE A 1224 -3.07 37.38 82.28
C ILE A 1224 -3.08 36.53 81.03
N GLU A 1225 -4.29 36.18 80.60
CA GLU A 1225 -4.46 35.36 79.42
C GLU A 1225 -3.84 36.04 78.23
N ARG A 1226 -4.12 37.31 78.00
CA ARG A 1226 -3.47 37.93 76.87
C ARG A 1226 -2.01 38.01 77.23
N ARG A 1227 -1.71 38.36 78.47
CA ARG A 1227 -0.31 38.50 78.84
C ARG A 1227 0.49 37.30 78.53
N VAL A 1228 0.01 36.17 79.00
CA VAL A 1228 0.73 34.97 78.72
C VAL A 1228 0.76 34.63 77.25
N ARG A 1229 -0.31 35.04 76.58
CA ARG A 1229 -0.47 34.80 75.17
C ARG A 1229 0.66 35.53 74.51
N THR A 1230 0.69 36.82 74.76
CA THR A 1230 1.72 37.71 74.26
C THR A 1230 3.13 37.29 74.60
N ASN A 1231 3.16 36.77 75.78
CA ASN A 1231 4.34 36.35 76.45
C ASN A 1231 5.18 35.12 76.01
N LEU A 1232 4.52 34.14 75.42
CA LEU A 1232 5.23 32.94 74.98
C LEU A 1232 5.73 32.81 73.55
N ARG A 1233 4.87 32.98 72.58
CA ARG A 1233 5.36 32.84 71.24
C ARG A 1233 5.76 34.24 70.93
N ARG A 1234 7.00 34.52 71.26
CA ARG A 1234 7.53 35.82 70.88
C ARG A 1234 7.97 35.66 69.47
N ALA A 1235 8.21 36.76 68.80
CA ALA A 1235 8.72 36.73 67.46
C ALA A 1235 10.22 36.58 67.26
N PRO A 1236 10.69 36.92 66.06
CA PRO A 1236 11.97 36.92 65.35
C PRO A 1236 13.02 37.86 65.87
N LYS A 1237 14.27 37.46 65.79
CA LYS A 1237 15.31 38.33 66.27
C LYS A 1237 15.43 39.53 65.38
N SER A 1238 15.62 39.31 64.10
CA SER A 1238 15.73 40.44 63.21
C SER A 1238 14.57 40.81 62.42
N LYS A 1239 14.43 42.09 62.11
CA LYS A 1239 13.28 42.57 61.40
C LYS A 1239 13.38 41.96 60.03
N GLN A 1240 14.59 41.76 59.53
CA GLN A 1240 14.72 41.15 58.21
C GLN A 1240 14.72 39.64 58.25
N SER A 1241 13.59 39.11 58.61
CA SER A 1241 13.39 37.71 58.67
C SER A 1241 12.38 37.39 57.60
N ARG A 1242 12.37 36.12 57.21
CA ARG A 1242 11.42 35.64 56.22
C ARG A 1242 10.27 35.04 57.01
N ASP A 1243 10.32 35.26 58.32
CA ASP A 1243 9.34 34.77 59.23
C ASP A 1243 8.67 35.94 59.86
N THR A 1244 7.35 35.92 59.80
CA THR A 1244 6.52 36.91 60.43
C THR A 1244 5.75 36.27 61.59
N SER A 1245 5.67 34.96 61.55
CA SER A 1245 4.96 34.21 62.54
C SER A 1245 5.72 34.31 63.83
N GLN A 1246 5.03 34.03 64.94
CA GLN A 1246 5.65 34.09 66.23
C GLN A 1246 6.39 32.82 66.34
N SER A 1247 7.55 32.82 65.74
CA SER A 1247 8.39 31.66 65.72
C SER A 1247 8.89 31.15 67.04
N GLN A 1248 9.15 32.04 67.99
CA GLN A 1248 9.71 31.58 69.26
C GLN A 1248 8.82 31.57 70.47
N TYR A 1249 8.96 30.49 71.25
CA TYR A 1249 8.20 30.23 72.47
C TYR A 1249 9.06 29.76 73.65
N PHE A 1250 8.87 30.31 74.86
CA PHE A 1250 9.67 29.88 76.03
C PHE A 1250 8.76 29.51 77.22
N CYS A 1251 9.01 28.37 77.84
CA CYS A 1251 8.25 27.94 79.00
C CYS A 1251 8.32 29.09 79.99
N VAL A 1252 7.19 29.43 80.59
CA VAL A 1252 7.15 30.54 81.51
C VAL A 1252 7.81 30.43 82.86
N TYR A 1253 7.84 29.22 83.37
CA TYR A 1253 8.42 29.02 84.66
C TYR A 1253 9.82 29.52 84.65
N LYS A 1254 10.29 29.92 85.81
CA LYS A 1254 11.67 30.30 85.98
C LYS A 1254 12.50 29.02 85.90
N ASP A 1255 11.83 27.88 86.13
CA ASP A 1255 12.50 26.59 86.09
C ASP A 1255 12.88 26.20 84.66
N CYS A 1256 11.89 26.24 83.76
CA CYS A 1256 12.14 25.89 82.37
C CYS A 1256 13.39 26.57 81.84
N ALA A 1257 14.13 25.87 80.99
CA ALA A 1257 15.36 26.41 80.41
C ALA A 1257 15.08 27.30 79.21
N LEU A 1258 13.85 27.22 78.70
CA LEU A 1258 13.47 28.02 77.54
C LEU A 1258 13.12 29.45 77.93
N HIS A 1259 12.85 29.65 79.21
CA HIS A 1259 12.51 30.98 79.72
C HIS A 1259 13.58 32.00 79.36
N PHE A 1260 14.81 31.71 79.73
CA PHE A 1260 15.93 32.59 79.44
C PHE A 1260 16.47 32.35 78.03
N SER A 1261 16.43 31.09 77.60
CA SER A 1261 16.90 30.73 76.29
C SER A 1261 16.14 30.94 75.02
N GLY A 1262 14.99 30.30 74.90
CA GLY A 1262 14.21 30.37 73.69
C GLY A 1262 14.22 29.03 72.97
N MSE A 1263 13.24 28.91 72.11
CA MSE A 1263 13.02 27.74 71.34
C MSE A 1263 12.22 28.10 70.13
O MSE A 1263 11.81 29.26 69.93
CB MSE A 1263 12.16 26.85 72.21
CG MSE A 1263 13.03 25.80 72.86
SE MSE A 1263 12.39 24.11 72.16
CE MSE A 1263 13.94 23.03 72.66
N GLN A 1264 11.98 27.09 69.31
CA GLN A 1264 11.23 27.21 68.10
C GLN A 1264 9.91 26.59 68.38
N ALA A 1265 8.84 27.21 67.95
CA ALA A 1265 7.56 26.65 68.24
C ALA A 1265 7.45 25.25 67.64
N ASP A 1266 7.98 25.08 66.43
CA ASP A 1266 7.86 23.81 65.75
C ASP A 1266 8.52 22.69 66.47
N GLU A 1267 9.74 22.90 66.92
CA GLU A 1267 10.47 21.86 67.61
C GLU A 1267 9.79 21.52 68.90
N ASN A 1268 9.36 22.56 69.61
CA ASN A 1268 8.75 22.34 70.88
C ASN A 1268 7.53 21.53 70.68
N ALA A 1269 6.66 22.02 69.80
CA ALA A 1269 5.40 21.37 69.50
C ALA A 1269 5.69 20.02 68.95
N ALA A 1270 6.82 19.91 68.31
CA ALA A 1270 7.23 18.67 67.74
C ALA A 1270 7.40 17.71 68.86
N ILE A 1271 8.07 18.16 69.91
CA ILE A 1271 8.33 17.30 71.04
C ILE A 1271 7.10 16.92 71.81
N ASN A 1272 6.23 17.88 72.08
CA ASN A 1272 5.03 17.59 72.85
C ASN A 1272 4.33 16.53 72.09
N ILE A 1273 4.26 16.74 70.80
CA ILE A 1273 3.60 15.81 69.94
C ILE A 1273 4.24 14.48 70.09
N GLY A 1274 5.54 14.43 70.16
CA GLY A 1274 6.14 13.15 70.25
C GLY A 1274 5.73 12.47 71.51
N ARG A 1275 5.84 13.21 72.60
CA ARG A 1275 5.57 12.66 73.91
C ARG A 1275 4.16 12.20 74.10
N ARG A 1276 3.23 13.00 73.67
CA ARG A 1276 1.85 12.69 73.84
C ARG A 1276 1.55 11.39 73.16
N PHE A 1277 2.05 11.22 71.96
CA PHE A 1277 1.78 10.01 71.24
C PHE A 1277 2.37 8.88 71.99
N LEU A 1278 3.56 9.11 72.52
CA LEU A 1278 4.26 8.05 73.17
C LEU A 1278 3.55 7.46 74.35
N THR A 1279 2.80 8.27 75.05
CA THR A 1279 2.11 7.78 76.22
C THR A 1279 1.14 6.71 75.87
N ALA A 1280 0.55 6.90 74.69
CA ALA A 1280 -0.52 6.09 74.15
C ALA A 1280 -0.19 4.66 73.92
N LEU A 1281 1.03 4.51 73.45
CA LEU A 1281 1.58 3.24 73.07
C LEU A 1281 2.01 2.66 74.35
N ARG A 1282 1.11 2.76 75.33
CA ARG A 1282 1.38 2.22 76.65
C ARG A 1282 1.42 0.76 76.34
N LYS A 1283 2.30 0.43 75.40
CA LYS A 1283 2.37 -0.94 74.91
C LYS A 1283 3.79 -1.42 74.76
N ASN A 1284 3.93 -2.75 74.82
CA ASN A 1284 5.15 -3.52 74.65
C ASN A 1284 4.79 -4.98 74.79
N LEU B 8 -23.21 -4.65 -53.80
CA LEU B 8 -22.66 -5.91 -53.33
C LEU B 8 -21.50 -5.72 -52.35
N HIS B 9 -21.68 -4.85 -51.37
CA HIS B 9 -20.69 -4.54 -50.35
C HIS B 9 -20.37 -5.84 -49.69
N LEU B 10 -19.11 -6.01 -49.31
CA LEU B 10 -18.64 -7.25 -48.72
C LEU B 10 -18.30 -7.04 -47.27
N ILE B 11 -18.21 -8.14 -46.55
CA ILE B 11 -17.93 -8.08 -45.14
C ILE B 11 -16.53 -7.62 -44.96
N SER B 12 -16.33 -6.81 -43.94
CA SER B 12 -15.03 -6.29 -43.64
C SER B 12 -14.88 -6.14 -42.18
N ALA B 13 -13.64 -6.01 -41.75
CA ALA B 13 -13.29 -5.77 -40.39
C ALA B 13 -13.84 -6.82 -39.53
N LYS B 14 -14.54 -6.42 -38.49
CA LYS B 14 -15.03 -7.30 -37.45
C LYS B 14 -15.87 -8.38 -37.98
N ALA B 15 -16.70 -8.05 -38.92
CA ALA B 15 -17.57 -9.04 -39.48
C ALA B 15 -16.74 -10.08 -40.08
N SER B 16 -15.70 -9.66 -40.75
CA SER B 16 -14.86 -10.58 -41.43
C SER B 16 -14.29 -11.49 -40.44
N ARG B 17 -13.82 -10.95 -39.34
CA ARG B 17 -13.17 -11.77 -38.38
C ARG B 17 -14.09 -12.80 -37.87
N LYS B 18 -15.34 -12.42 -37.65
CA LYS B 18 -16.34 -13.30 -37.12
C LYS B 18 -16.62 -14.45 -38.02
N TYR B 19 -16.62 -14.19 -39.31
CA TYR B 19 -16.88 -15.24 -40.26
C TYR B 19 -15.82 -16.29 -40.25
N ARG B 20 -14.59 -15.83 -40.29
CA ARG B 20 -13.43 -16.68 -40.31
C ARG B 20 -13.24 -17.52 -39.11
N ARG B 21 -13.42 -16.96 -37.95
CA ARG B 21 -13.28 -17.74 -36.76
C ARG B 21 -14.38 -18.71 -36.71
N THR B 22 -15.54 -18.26 -37.13
CA THR B 22 -16.73 -19.07 -37.09
C THR B 22 -16.44 -20.24 -37.94
N ILE B 23 -15.85 -20.00 -39.09
CA ILE B 23 -15.51 -21.05 -39.99
C ILE B 23 -14.48 -21.98 -39.38
N ALA B 24 -13.70 -21.43 -38.48
CA ALA B 24 -12.66 -22.18 -37.84
C ALA B 24 -13.32 -23.29 -37.11
N CYS B 25 -14.41 -22.96 -36.46
CA CYS B 25 -15.16 -23.89 -35.65
C CYS B 25 -15.83 -24.97 -36.43
N LEU B 26 -15.90 -24.82 -37.72
CA LEU B 26 -16.52 -25.82 -38.55
C LEU B 26 -15.49 -26.75 -39.15
N SER B 27 -14.25 -26.48 -38.81
CA SER B 27 -13.13 -27.23 -39.29
C SER B 27 -13.19 -28.62 -38.78
N ASP B 28 -12.57 -29.49 -39.52
CA ASP B 28 -12.57 -30.89 -39.23
C ASP B 28 -12.02 -31.09 -37.88
N THR B 29 -10.92 -30.46 -37.57
CA THR B 29 -10.35 -30.62 -36.26
C THR B 29 -11.22 -30.09 -35.19
N ALA B 30 -11.90 -29.01 -35.47
CA ALA B 30 -12.78 -28.40 -34.50
C ALA B 30 -13.95 -29.27 -34.19
N LYS B 31 -14.52 -29.83 -35.24
CA LYS B 31 -15.68 -30.67 -35.14
C LYS B 31 -15.38 -31.86 -34.27
N LYS B 32 -14.20 -32.41 -34.43
CA LYS B 32 -13.76 -33.54 -33.68
C LYS B 32 -13.68 -33.17 -32.23
N ASP B 33 -13.24 -31.96 -31.98
CA ASP B 33 -13.11 -31.42 -30.65
C ASP B 33 -14.42 -31.22 -30.00
N LEU B 34 -15.41 -30.86 -30.82
CA LEU B 34 -16.76 -30.62 -30.33
C LEU B 34 -17.48 -31.97 -30.18
N GLU B 35 -17.14 -32.91 -31.05
CA GLU B 35 -17.75 -34.24 -31.01
C GLU B 35 -17.24 -35.05 -29.82
N ARG B 36 -16.00 -34.78 -29.43
CA ARG B 36 -15.39 -35.48 -28.30
C ARG B 36 -15.71 -34.82 -26.96
N ARG B 37 -16.31 -33.64 -27.01
CA ARG B 37 -16.68 -32.91 -25.80
C ARG B 37 -17.88 -33.55 -25.11
N LYS B 38 -18.76 -34.15 -25.91
CA LYS B 38 -19.96 -34.80 -25.38
C LYS B 38 -19.62 -36.05 -24.57
N GLN B 39 -18.79 -36.93 -25.13
CA GLN B 39 -18.39 -38.15 -24.46
C GLN B 39 -17.53 -37.86 -23.23
N SER B 40 -16.47 -37.08 -23.44
CA SER B 40 -15.57 -36.73 -22.35
C SER B 40 -16.31 -36.10 -21.19
N GLY B 41 -17.14 -35.10 -21.49
CA GLY B 41 -17.92 -34.42 -20.48
C GLY B 41 -17.21 -33.20 -19.93
N ALA B 42 -16.07 -32.88 -20.52
CA ALA B 42 -15.27 -31.74 -20.09
C ALA B 42 -14.64 -31.02 -21.29
N ALA B 43 -14.14 -29.82 -21.05
CA ALA B 43 -13.51 -29.03 -22.11
C ALA B 43 -12.15 -28.52 -21.68
N ASP B 44 -11.10 -28.98 -22.35
CA ASP B 44 -9.73 -28.56 -22.04
C ASP B 44 -9.41 -27.23 -22.72
N PRO B 45 -8.64 -26.38 -22.05
CA PRO B 45 -8.26 -25.07 -22.58
C PRO B 45 -7.19 -25.17 -23.61
N ALA B 46 -6.28 -26.10 -23.33
CA ALA B 46 -5.13 -26.33 -24.16
C ALA B 46 -5.24 -27.58 -24.97
N GLN B 47 -6.36 -28.24 -24.93
CA GLN B 47 -6.45 -29.45 -25.69
C GLN B 47 -7.39 -29.33 -26.82
N GLU B 48 -7.68 -28.10 -27.22
CA GLU B 48 -8.60 -27.84 -28.28
C GLU B 48 -8.10 -26.75 -29.19
N LEU B 49 -8.76 -26.54 -30.31
CA LEU B 49 -8.32 -25.59 -31.28
C LEU B 49 -8.24 -24.20 -30.72
N SER B 50 -7.16 -23.51 -31.00
CA SER B 50 -6.95 -22.16 -30.58
C SER B 50 -5.87 -21.54 -31.40
N CYS B 51 -5.78 -20.25 -31.29
CA CYS B 51 -4.78 -19.47 -31.96
C CYS B 51 -4.50 -18.27 -31.15
N LEU B 52 -3.36 -17.68 -31.33
CA LEU B 52 -2.99 -16.54 -30.56
C LEU B 52 -2.88 -15.38 -31.43
N LYS B 53 -3.36 -14.23 -31.03
CA LYS B 53 -3.18 -13.06 -31.83
C LYS B 53 -2.68 -11.95 -30.95
N THR B 54 -1.43 -11.54 -31.09
CA THR B 54 -0.80 -10.48 -30.31
C THR B 54 -1.27 -9.10 -30.69
N ILE B 55 -1.48 -8.24 -29.71
CA ILE B 55 -1.85 -6.86 -29.94
C ILE B 55 -0.81 -6.05 -29.23
N LYS B 56 -0.28 -5.03 -29.86
CA LYS B 56 0.74 -4.26 -29.25
C LYS B 56 0.11 -2.99 -28.89
N PHE B 57 0.31 -2.58 -27.65
CA PHE B 57 -0.23 -1.37 -27.10
C PHE B 57 0.88 -0.55 -26.61
N LYS B 58 0.91 0.70 -26.97
CA LYS B 58 1.89 1.60 -26.45
C LYS B 58 1.53 1.86 -25.00
N LEU B 59 2.48 2.13 -24.14
CA LEU B 59 2.12 2.38 -22.78
C LEU B 59 2.29 3.86 -22.51
N GLU B 60 1.22 4.50 -22.06
CA GLU B 60 1.25 5.92 -21.76
C GLU B 60 1.73 6.12 -20.33
N VAL B 61 3.03 6.34 -20.16
CA VAL B 61 3.59 6.50 -18.83
C VAL B 61 3.43 7.93 -18.33
N PRO B 62 2.74 8.09 -17.18
CA PRO B 62 2.51 9.41 -16.57
C PRO B 62 3.83 10.11 -16.23
N GLU B 63 3.85 11.43 -16.39
CA GLU B 63 5.05 12.21 -16.10
C GLU B 63 5.39 12.16 -14.61
N GLY B 64 6.68 12.24 -14.31
CA GLY B 64 7.13 12.22 -12.93
C GLY B 64 7.41 10.82 -12.43
N SER B 65 7.75 9.92 -13.35
CA SER B 65 8.04 8.53 -13.01
C SER B 65 9.54 8.27 -12.98
N LYS B 66 9.94 7.24 -12.24
CA LYS B 66 11.35 6.88 -12.13
C LYS B 66 11.72 5.81 -13.15
N LEU B 67 11.97 6.24 -14.39
CA LEU B 67 12.33 5.32 -15.45
C LEU B 67 13.78 5.63 -15.72
N PRO B 68 14.55 4.61 -15.92
CA PRO B 68 15.98 4.52 -16.13
C PRO B 68 16.43 5.00 -17.46
N SER B 69 17.71 5.18 -17.61
CA SER B 69 18.20 5.57 -18.88
C SER B 69 18.14 4.37 -19.78
N PHE B 70 18.09 4.58 -21.06
CA PHE B 70 18.06 3.45 -21.93
C PHE B 70 19.32 2.69 -21.72
N ASP B 71 20.36 3.38 -21.29
CA ASP B 71 21.61 2.70 -21.04
C ASP B 71 21.42 1.78 -19.90
N ARG B 72 20.76 2.21 -18.86
CA ARG B 72 20.59 1.31 -17.77
C ARG B 72 19.71 0.18 -18.21
N ILE B 73 18.66 0.49 -18.94
CA ILE B 73 17.76 -0.52 -19.47
C ILE B 73 18.46 -1.40 -20.47
N SER B 74 19.28 -0.82 -21.30
CA SER B 74 20.02 -1.58 -22.25
C SER B 74 20.98 -2.49 -21.57
N GLN B 75 21.48 -2.06 -20.43
CA GLN B 75 22.50 -2.84 -19.77
C GLN B 75 22.05 -4.20 -19.37
N ILE B 76 20.84 -4.29 -18.83
CA ILE B 76 20.23 -5.54 -18.40
C ILE B 76 19.94 -6.51 -19.49
N TYR B 77 19.35 -5.98 -20.54
CA TYR B 77 18.93 -6.74 -21.67
C TYR B 77 20.09 -7.44 -22.20
N ASN B 78 21.22 -6.78 -22.17
CA ASN B 78 22.47 -7.31 -22.67
C ASN B 78 22.99 -8.40 -21.85
N ALA B 79 22.69 -8.31 -20.58
CA ALA B 79 23.10 -9.30 -19.65
C ALA B 79 22.41 -10.53 -20.06
N LEU B 80 21.14 -10.38 -20.33
CA LEU B 80 20.30 -11.47 -20.72
C LEU B 80 20.66 -12.10 -22.03
N GLU B 81 20.89 -11.30 -23.04
CA GLU B 81 21.13 -11.83 -24.35
C GLU B 81 22.44 -11.93 -25.06
N THR B 82 23.46 -11.29 -24.57
CA THR B 82 24.74 -11.34 -25.24
C THR B 82 25.49 -12.55 -24.77
N ILE B 83 26.61 -12.86 -25.39
CA ILE B 83 27.33 -14.03 -24.97
C ILE B 83 28.74 -13.80 -24.53
N GLU B 84 29.07 -12.58 -24.18
CA GLU B 84 30.39 -12.26 -23.69
C GLU B 84 30.37 -12.32 -22.17
N LYS B 85 31.47 -12.04 -21.49
CA LYS B 85 31.46 -12.11 -20.03
C LYS B 85 30.46 -11.19 -19.39
N GLY B 86 29.87 -11.60 -18.29
CA GLY B 86 28.91 -10.75 -17.67
C GLY B 86 27.53 -10.98 -18.20
N SER B 87 27.36 -12.07 -18.94
CA SER B 87 26.08 -12.42 -19.49
C SER B 87 25.61 -13.78 -19.06
N LEU B 88 24.34 -14.06 -19.27
CA LEU B 88 23.74 -15.28 -18.83
C LEU B 88 24.23 -16.39 -19.66
N SER B 89 24.23 -16.17 -20.94
CA SER B 89 24.62 -17.23 -21.81
C SER B 89 26.01 -17.61 -21.49
N TYR B 90 26.89 -16.68 -21.26
CA TYR B 90 28.27 -17.02 -20.99
C TYR B 90 28.40 -17.89 -19.76
N LEU B 91 27.64 -17.59 -18.73
CA LEU B 91 27.71 -18.32 -17.51
C LEU B 91 27.33 -19.74 -17.75
N LEU B 92 26.25 -19.93 -18.47
CA LEU B 92 25.76 -21.25 -18.74
C LEU B 92 26.81 -21.97 -19.50
N PHE B 93 27.40 -21.32 -20.46
CA PHE B 93 28.42 -21.97 -21.23
C PHE B 93 29.61 -22.27 -20.37
N ALA B 94 29.90 -21.38 -19.45
CA ALA B 94 31.02 -21.57 -18.56
C ALA B 94 30.82 -22.76 -17.71
N LEU B 95 29.63 -22.93 -17.21
CA LEU B 95 29.36 -24.02 -16.32
C LEU B 95 29.65 -25.33 -16.97
N ILE B 96 29.14 -25.55 -18.16
CA ILE B 96 29.35 -26.81 -18.81
C ILE B 96 30.80 -27.02 -19.07
N LEU B 97 31.46 -26.00 -19.55
CA LEU B 97 32.87 -26.05 -19.91
C LEU B 97 33.74 -26.14 -18.70
N SER B 98 33.15 -25.87 -17.56
CA SER B 98 33.89 -25.87 -16.33
C SER B 98 33.64 -27.08 -15.49
N GLY B 99 33.28 -28.20 -16.10
CA GLY B 99 33.00 -29.43 -15.39
C GLY B 99 31.73 -29.60 -14.58
N PHE B 100 30.67 -28.89 -14.91
CA PHE B 100 29.44 -29.00 -14.15
C PHE B 100 28.32 -29.37 -15.05
N ARG B 101 27.27 -29.97 -14.49
CA ARG B 101 26.14 -30.39 -15.28
C ARG B 101 24.86 -29.86 -14.75
N ILE B 102 23.87 -29.67 -15.61
CA ILE B 102 22.60 -29.15 -15.19
C ILE B 102 21.47 -30.05 -15.61
N PHE B 103 20.53 -30.21 -14.68
CA PHE B 103 19.35 -31.01 -14.83
C PHE B 103 18.16 -30.24 -14.34
N PRO B 104 16.97 -30.63 -14.75
CA PRO B 104 15.67 -30.03 -14.45
C PRO B 104 15.23 -30.05 -13.00
N ASN B 105 15.59 -31.11 -12.30
CA ASN B 105 15.17 -31.25 -10.92
C ASN B 105 16.34 -31.57 -10.00
N SER B 106 16.08 -31.39 -8.72
CA SER B 106 17.06 -31.65 -7.68
C SER B 106 17.47 -33.06 -7.59
N SER B 107 16.51 -33.94 -7.75
CA SER B 107 16.79 -35.31 -7.59
C SER B 107 17.79 -35.78 -8.56
N ALA B 108 17.64 -35.46 -9.81
CA ALA B 108 18.55 -35.98 -10.79
C ALA B 108 19.95 -35.57 -10.55
N ALA B 109 20.11 -34.44 -9.89
CA ALA B 109 21.41 -33.90 -9.54
C ALA B 109 22.12 -34.70 -8.51
N LYS B 110 21.39 -35.02 -7.46
CA LYS B 110 21.95 -35.74 -6.36
C LYS B 110 22.42 -37.07 -6.81
N THR B 111 21.57 -37.79 -7.50
CA THR B 111 21.94 -39.08 -7.93
C THR B 111 23.14 -39.00 -8.85
N PHE B 112 23.13 -38.07 -9.77
CA PHE B 112 24.23 -37.93 -10.70
C PHE B 112 25.49 -37.60 -9.96
N ALA B 113 25.35 -36.83 -8.89
CA ALA B 113 26.48 -36.52 -8.07
C ALA B 113 26.94 -37.82 -7.49
N SER B 114 25.99 -38.56 -6.95
CA SER B 114 26.27 -39.87 -6.37
C SER B 114 26.17 -40.98 -7.39
N SER B 115 27.01 -41.01 -8.41
CA SER B 115 26.93 -42.08 -9.37
C SER B 115 27.37 -43.45 -8.86
N SER B 116 28.44 -43.44 -8.10
CA SER B 116 29.03 -44.66 -7.61
C SER B 116 28.11 -45.47 -6.74
N CYS B 117 27.31 -44.79 -5.95
CA CYS B 117 26.40 -45.50 -5.07
C CYS B 117 25.42 -46.35 -5.84
N TYR B 118 25.04 -45.95 -7.03
CA TYR B 118 24.09 -46.74 -7.78
C TYR B 118 24.74 -47.48 -8.91
N LYS B 119 24.77 -48.80 -8.83
CA LYS B 119 25.34 -49.61 -9.89
C LYS B 119 24.24 -49.99 -10.82
N ASN B 120 23.83 -49.04 -11.61
CA ASN B 120 22.76 -49.26 -12.52
C ASN B 120 23.12 -50.27 -13.51
N ASP B 121 24.38 -50.35 -13.88
CA ASP B 121 24.72 -51.25 -14.97
C ASP B 121 24.42 -52.69 -14.74
N GLN B 122 24.88 -53.21 -13.63
CA GLN B 122 24.64 -54.58 -13.36
C GLN B 122 23.18 -54.82 -13.19
N PHE B 123 22.55 -53.95 -12.43
CA PHE B 123 21.14 -54.06 -12.08
C PHE B 123 20.33 -54.06 -13.31
N ALA B 124 20.70 -53.22 -14.24
CA ALA B 124 19.99 -53.22 -15.49
C ALA B 124 20.29 -54.54 -16.11
N SER B 125 21.54 -54.96 -16.02
CA SER B 125 21.91 -56.21 -16.66
C SER B 125 21.15 -57.37 -16.11
N GLN B 126 21.10 -57.48 -14.80
CA GLN B 126 20.46 -58.61 -14.18
C GLN B 126 19.02 -58.70 -14.54
N ILE B 127 18.40 -57.54 -14.62
CA ILE B 127 16.97 -57.37 -14.89
C ILE B 127 16.62 -57.99 -16.17
N LYS B 128 17.54 -57.93 -17.11
CA LYS B 128 17.28 -58.54 -18.36
C LYS B 128 17.21 -60.03 -18.18
N GLU B 129 18.08 -60.56 -17.35
CA GLU B 129 18.10 -62.00 -17.18
C GLU B 129 16.81 -62.47 -16.61
N ILE B 130 16.46 -61.96 -15.45
CA ILE B 130 15.23 -62.32 -14.79
C ILE B 130 13.94 -61.96 -15.48
N PHE B 131 13.85 -60.77 -16.04
CA PHE B 131 12.61 -60.38 -16.68
C PHE B 131 12.52 -60.56 -18.17
N GLY B 132 13.64 -60.82 -18.81
CA GLY B 132 13.64 -61.08 -20.24
C GLY B 132 13.64 -59.97 -21.23
N GLU B 133 13.63 -58.74 -20.76
CA GLU B 133 13.64 -57.63 -21.66
C GLU B 133 14.19 -56.44 -20.95
N MSE B 134 14.74 -55.51 -21.72
CA MSE B 134 15.28 -54.31 -21.15
C MSE B 134 14.11 -53.46 -20.93
O MSE B 134 13.31 -53.29 -21.84
CB MSE B 134 16.26 -53.66 -22.10
CG MSE B 134 17.66 -53.69 -21.51
SE MSE B 134 18.95 -53.78 -22.98
CE MSE B 134 17.76 -52.98 -24.35
N VAL B 135 14.00 -52.88 -19.74
CA VAL B 135 12.87 -52.08 -19.35
C VAL B 135 13.21 -50.61 -19.19
N LYS B 136 12.40 -49.77 -19.80
CA LYS B 136 12.62 -48.36 -19.75
C LYS B 136 12.50 -47.86 -18.38
N ASN B 137 13.50 -47.11 -17.94
CA ASN B 137 13.53 -46.49 -16.63
C ASN B 137 13.42 -47.34 -15.40
N PHE B 138 14.13 -48.44 -15.38
CA PHE B 138 14.09 -49.31 -14.23
C PHE B 138 15.45 -49.58 -13.76
N ILE B 139 15.96 -48.62 -13.02
CA ILE B 139 17.24 -48.69 -12.40
C ILE B 139 17.13 -48.01 -11.07
N PRO B 140 18.11 -48.24 -10.24
CA PRO B 140 18.07 -47.68 -8.91
C PRO B 140 18.05 -46.16 -8.89
N SER B 141 18.85 -45.57 -9.75
CA SER B 141 18.96 -44.13 -9.76
C SER B 141 17.65 -43.57 -10.08
N GLU B 142 17.09 -44.01 -11.17
CA GLU B 142 15.81 -43.55 -11.64
C GLU B 142 14.63 -43.79 -10.77
N LEU B 143 14.58 -44.94 -10.17
CA LEU B 143 13.46 -45.27 -9.32
C LEU B 143 13.38 -44.43 -8.08
N GLU B 144 14.56 -44.07 -7.58
CA GLU B 144 14.66 -43.25 -6.38
C GLU B 144 13.95 -41.93 -6.69
N SER B 145 14.09 -41.48 -7.93
CA SER B 145 13.46 -40.24 -8.36
C SER B 145 11.99 -40.42 -8.47
N ILE B 146 11.59 -41.51 -9.08
CA ILE B 146 10.20 -41.81 -9.27
C ILE B 146 9.46 -41.94 -7.99
N LEU B 147 10.04 -42.64 -7.03
CA LEU B 147 9.38 -42.78 -5.78
C LEU B 147 9.33 -41.47 -5.09
N LYS B 148 10.46 -40.80 -5.14
CA LYS B 148 10.64 -39.48 -4.56
C LYS B 148 9.90 -38.39 -5.32
N LYS B 149 9.54 -38.62 -6.56
CA LYS B 149 8.81 -37.63 -7.35
C LYS B 149 7.41 -37.41 -6.87
N GLY B 150 6.78 -36.34 -7.30
CA GLY B 150 5.44 -36.03 -6.86
C GLY B 150 4.44 -35.97 -7.95
N ARG B 151 3.19 -36.28 -7.66
CA ARG B 151 2.15 -36.31 -8.68
C ARG B 151 1.24 -35.09 -8.75
N ARG B 152 0.74 -34.84 -9.95
CA ARG B 152 -0.17 -33.76 -10.21
C ARG B 152 -1.44 -34.13 -10.89
N LYS B 153 -2.36 -33.20 -10.86
CA LYS B 153 -3.63 -33.35 -11.48
C LYS B 153 -4.35 -34.58 -11.06
N ASN B 154 -4.82 -35.34 -12.03
CA ASN B 154 -5.56 -36.54 -11.83
C ASN B 154 -4.75 -37.65 -11.29
N ASN B 155 -3.46 -37.58 -11.50
CA ASN B 155 -2.59 -38.64 -11.08
C ASN B 155 -2.59 -38.76 -9.60
N LYS B 156 -3.00 -37.73 -8.93
CA LYS B 156 -3.04 -37.68 -7.48
C LYS B 156 -4.01 -38.69 -6.86
N ASP B 157 -4.97 -39.16 -7.63
CA ASP B 157 -5.92 -40.07 -7.11
C ASP B 157 -5.18 -41.29 -6.80
N TRP B 158 -5.27 -41.66 -5.55
CA TRP B 158 -4.63 -42.83 -5.01
C TRP B 158 -5.54 -44.02 -5.06
N THR B 159 -5.63 -44.61 -6.24
CA THR B 159 -6.41 -45.80 -6.43
C THR B 159 -5.42 -46.81 -6.99
N GLU B 160 -5.76 -48.09 -6.90
CA GLU B 160 -4.85 -49.09 -7.38
C GLU B 160 -4.67 -48.89 -8.84
N GLU B 161 -5.78 -48.69 -9.53
CA GLU B 161 -5.71 -48.60 -10.97
C GLU B 161 -4.84 -47.46 -11.45
N ASN B 162 -5.09 -46.30 -10.91
CA ASN B 162 -4.36 -45.11 -11.27
C ASN B 162 -2.93 -45.22 -10.85
N ILE B 163 -2.67 -45.93 -9.78
CA ILE B 163 -1.31 -46.12 -9.29
C ILE B 163 -0.49 -46.89 -10.31
N LYS B 164 -1.08 -47.94 -10.84
CA LYS B 164 -0.42 -48.73 -11.83
C LYS B 164 -0.24 -47.94 -13.07
N ARG B 165 -1.23 -47.14 -13.40
CA ARG B 165 -1.17 -46.42 -14.65
C ARG B 165 0.01 -45.51 -14.71
N VAL B 166 0.26 -44.82 -13.64
CA VAL B 166 1.39 -43.94 -13.63
C VAL B 166 2.66 -44.73 -13.61
N LEU B 167 2.61 -45.88 -13.00
CA LEU B 167 3.76 -46.76 -12.92
C LEU B 167 4.08 -47.32 -14.27
N ASN B 168 3.07 -47.60 -15.03
CA ASN B 168 3.32 -48.15 -16.30
C ASN B 168 4.02 -47.17 -17.13
N SER B 169 3.46 -46.00 -17.21
CA SER B 169 3.99 -44.97 -18.07
C SER B 169 5.39 -44.64 -17.68
N GLU B 170 5.66 -44.66 -16.41
CA GLU B 170 6.99 -44.38 -15.95
C GLU B 170 7.93 -45.38 -16.53
N PHE B 171 7.53 -46.62 -16.54
CA PHE B 171 8.41 -47.66 -17.00
C PHE B 171 8.19 -48.06 -18.39
N GLY B 172 7.44 -47.29 -19.12
CA GLY B 172 7.23 -47.57 -20.51
C GLY B 172 6.37 -48.76 -20.81
N ARG B 173 5.76 -49.32 -19.79
CA ARG B 173 4.90 -50.44 -20.05
C ARG B 173 3.73 -49.91 -20.82
N LYS B 174 3.20 -50.72 -21.72
CA LYS B 174 2.06 -50.32 -22.54
C LYS B 174 0.75 -50.53 -21.79
N ASN B 175 -0.32 -49.90 -22.28
CA ASN B 175 -1.64 -50.02 -21.65
C ASN B 175 -2.47 -51.10 -22.33
N SER B 176 -3.57 -51.47 -21.70
CA SER B 176 -4.46 -52.49 -22.24
C SER B 176 -3.69 -53.76 -22.61
N GLU B 177 -2.83 -54.20 -21.68
CA GLU B 177 -2.03 -55.40 -21.91
C GLU B 177 -2.78 -56.66 -21.46
N GLY B 178 -3.09 -56.72 -20.17
CA GLY B 178 -3.80 -57.86 -19.61
C GLY B 178 -2.89 -58.77 -18.82
N SER B 179 -1.95 -58.18 -18.10
CA SER B 179 -1.00 -58.92 -17.26
C SER B 179 -0.33 -60.06 -18.03
N SER B 180 -0.03 -59.82 -19.31
CA SER B 180 0.59 -60.81 -20.15
C SER B 180 1.89 -61.44 -19.63
N ALA B 181 2.96 -60.68 -19.70
CA ALA B 181 4.28 -61.16 -19.27
C ALA B 181 4.70 -61.15 -17.79
N LEU B 182 5.93 -61.62 -17.54
CA LEU B 182 6.50 -61.55 -16.20
C LEU B 182 6.41 -60.24 -15.28
N PHE B 183 7.10 -59.25 -15.84
CA PHE B 183 6.96 -57.88 -15.31
C PHE B 183 5.69 -56.97 -15.14
N ASP B 184 4.75 -57.24 -16.03
CA ASP B 184 3.45 -56.61 -15.99
C ASP B 184 2.89 -57.14 -14.69
N SER B 185 3.02 -58.46 -14.49
CA SER B 185 2.53 -59.11 -13.28
C SER B 185 3.19 -58.50 -12.05
N PHE B 186 4.51 -58.34 -12.09
CA PHE B 186 5.24 -57.78 -11.00
C PHE B 186 4.70 -56.38 -10.78
N LEU B 187 4.62 -55.58 -11.82
CA LEU B 187 4.16 -54.22 -11.64
C LEU B 187 2.87 -54.28 -10.94
N SER B 188 2.06 -55.23 -11.37
CA SER B 188 0.76 -55.37 -10.80
C SER B 188 0.94 -55.70 -9.36
N LYS B 189 1.91 -56.55 -9.08
CA LYS B 189 2.10 -56.94 -7.70
C LYS B 189 2.49 -55.75 -6.88
N PHE B 190 3.42 -54.98 -7.39
CA PHE B 190 3.92 -53.81 -6.70
C PHE B 190 2.90 -52.77 -6.47
N SER B 191 2.09 -52.57 -7.47
CA SER B 191 1.06 -51.56 -7.41
C SER B 191 0.09 -51.87 -6.30
N GLN B 192 -0.38 -53.10 -6.31
CA GLN B 192 -1.34 -53.56 -5.33
C GLN B 192 -0.68 -53.45 -4.01
N GLU B 193 0.51 -53.98 -3.94
CA GLU B 193 1.22 -53.94 -2.71
C GLU B 193 1.51 -52.53 -2.25
N LEU B 194 1.82 -51.66 -3.19
CA LEU B 194 2.08 -50.27 -2.86
C LEU B 194 0.89 -49.52 -2.33
N PHE B 195 -0.27 -49.86 -2.87
CA PHE B 195 -1.53 -49.28 -2.49
C PHE B 195 -1.91 -49.59 -1.06
N ARG B 196 -1.64 -50.80 -0.64
CA ARG B 196 -1.98 -51.16 0.72
C ARG B 196 -1.24 -50.35 1.76
N LYS B 197 0.06 -50.21 1.59
CA LYS B 197 0.89 -49.54 2.56
C LYS B 197 0.78 -48.07 2.92
N PHE B 198 0.66 -47.17 1.97
CA PHE B 198 0.66 -45.74 2.32
C PHE B 198 -0.63 -44.92 2.22
N ASP B 199 -1.59 -45.42 1.47
CA ASP B 199 -2.87 -44.74 1.30
C ASP B 199 -2.76 -43.29 0.80
N SER B 200 -1.53 -42.81 0.66
CA SER B 200 -1.23 -41.53 0.05
C SER B 200 -0.02 -41.56 -0.87
N TRP B 201 -0.04 -40.73 -1.90
CA TRP B 201 1.06 -40.65 -2.84
C TRP B 201 2.18 -39.81 -2.26
N ASN B 202 1.79 -38.83 -1.43
CA ASN B 202 2.73 -37.97 -0.80
C ASN B 202 3.44 -38.74 0.28
N GLU B 203 2.73 -39.65 0.93
CA GLU B 203 3.38 -40.43 1.97
C GLU B 203 4.42 -41.29 1.35
N VAL B 204 4.24 -41.62 0.10
CA VAL B 204 5.20 -42.45 -0.55
C VAL B 204 6.38 -41.57 -0.67
N ASN B 205 6.12 -40.36 -1.16
CA ASN B 205 7.14 -39.34 -1.36
C ASN B 205 7.90 -39.14 -0.06
N LYS B 206 7.16 -38.97 1.02
CA LYS B 206 7.82 -38.79 2.29
C LYS B 206 8.62 -40.00 2.74
N LYS B 207 7.97 -41.15 2.74
CA LYS B 207 8.58 -42.38 3.13
C LYS B 207 9.17 -43.07 1.95
N TYR B 208 10.18 -42.47 1.33
CA TYR B 208 10.79 -43.11 0.16
C TYR B 208 11.59 -44.36 0.46
N LEU B 209 12.22 -44.43 1.61
CA LEU B 209 12.98 -45.61 1.98
C LEU B 209 12.12 -46.87 2.16
N GLU B 210 10.93 -46.70 2.71
CA GLU B 210 10.01 -47.80 2.90
C GLU B 210 9.64 -48.36 1.57
N ALA B 211 9.42 -47.47 0.63
CA ALA B 211 9.03 -47.86 -0.70
C ALA B 211 10.10 -48.65 -1.40
N ALA B 212 11.36 -48.29 -1.23
CA ALA B 212 12.42 -49.05 -1.82
C ALA B 212 12.45 -50.42 -1.16
N GLU B 213 12.18 -50.46 0.13
CA GLU B 213 12.22 -51.71 0.84
C GLU B 213 11.19 -52.60 0.24
N LEU B 214 9.96 -52.11 0.17
CA LEU B 214 8.86 -52.88 -0.41
C LEU B 214 9.21 -53.38 -1.81
N LEU B 215 9.68 -52.47 -2.65
CA LEU B 215 10.06 -52.81 -4.02
C LEU B 215 11.17 -53.85 -4.06
N ASP B 216 12.17 -53.68 -3.22
CA ASP B 216 13.30 -54.61 -3.16
C ASP B 216 12.86 -55.99 -2.72
N SER B 217 11.97 -56.04 -1.72
CA SER B 217 11.48 -57.31 -1.20
C SER B 217 10.57 -57.96 -2.24
N MSE B 218 9.84 -57.14 -2.99
CA MSE B 218 8.94 -57.64 -4.01
C MSE B 218 9.74 -58.24 -5.12
O MSE B 218 9.34 -59.27 -5.69
CB MSE B 218 8.10 -56.49 -4.55
CG MSE B 218 6.93 -57.00 -5.38
SE MSE B 218 5.32 -57.10 -4.24
CE MSE B 218 6.20 -56.86 -2.49
N LEU B 219 10.87 -57.61 -5.46
CA LEU B 219 11.72 -58.10 -6.53
C LEU B 219 12.49 -59.35 -6.10
N ALA B 220 12.73 -59.46 -4.80
CA ALA B 220 13.45 -60.61 -4.25
C ALA B 220 12.74 -61.92 -4.59
N SER B 221 11.44 -61.84 -4.85
CA SER B 221 10.68 -62.99 -5.18
C SER B 221 11.19 -63.47 -6.48
N TYR B 222 11.21 -62.58 -7.46
CA TYR B 222 11.63 -62.95 -8.79
C TYR B 222 13.08 -63.35 -8.98
N GLY B 223 13.96 -62.72 -8.26
CA GLY B 223 15.38 -63.00 -8.41
C GLY B 223 16.18 -62.27 -7.39
N PRO B 224 17.48 -62.40 -7.49
CA PRO B 224 18.43 -61.79 -6.58
C PRO B 224 18.82 -60.42 -7.04
N PHE B 225 18.28 -59.40 -6.39
CA PHE B 225 18.58 -58.05 -6.78
C PHE B 225 19.13 -57.27 -5.62
N ASP B 226 20.07 -56.38 -5.88
CA ASP B 226 20.62 -55.63 -4.79
C ASP B 226 19.60 -54.69 -4.21
N SER B 227 19.60 -54.58 -2.89
CA SER B 227 18.59 -53.79 -2.23
C SER B 227 18.79 -52.41 -2.66
N VAL B 228 17.78 -51.82 -3.26
CA VAL B 228 17.97 -50.46 -3.70
C VAL B 228 18.19 -49.55 -2.53
N CYS B 229 17.41 -49.75 -1.47
CA CYS B 229 17.40 -48.82 -0.36
C CYS B 229 18.75 -48.67 0.19
N LYS B 230 19.58 -49.68 0.04
CA LYS B 230 20.91 -49.58 0.52
C LYS B 230 21.55 -48.50 -0.30
N MSE B 231 21.35 -48.57 -1.60
CA MSE B 231 22.02 -47.64 -2.47
C MSE B 231 21.56 -46.30 -2.12
O MSE B 231 22.34 -45.34 -2.12
CB MSE B 231 21.69 -47.89 -3.93
CG MSE B 231 21.19 -49.29 -4.20
SE MSE B 231 22.04 -49.79 -5.88
CE MSE B 231 20.51 -49.75 -7.09
N ILE B 232 20.29 -46.17 -1.85
CA ILE B 232 19.74 -44.90 -1.54
C ILE B 232 20.36 -44.37 -0.28
N GLY B 233 20.50 -45.21 0.70
CA GLY B 233 21.07 -44.72 1.93
C GLY B 233 22.48 -44.32 1.65
N ASP B 234 23.16 -45.07 0.79
CA ASP B 234 24.53 -44.66 0.49
C ASP B 234 24.50 -43.31 -0.14
N SER B 235 23.62 -43.12 -1.12
CA SER B 235 23.64 -41.84 -1.74
C SER B 235 23.27 -40.83 -0.72
N ASP B 236 22.28 -41.10 0.12
CA ASP B 236 21.89 -40.11 1.10
C ASP B 236 23.04 -39.70 1.95
N SER B 237 23.75 -40.67 2.47
CA SER B 237 24.87 -40.34 3.30
C SER B 237 25.96 -39.57 2.59
N ARG B 238 26.15 -39.84 1.31
CA ARG B 238 27.26 -39.24 0.58
C ARG B 238 26.98 -37.99 -0.21
N ASN B 239 25.98 -37.23 0.23
CA ASN B 239 25.57 -36.04 -0.46
C ASN B 239 26.03 -34.79 0.23
N SER B 240 26.70 -33.93 -0.53
CA SER B 240 27.18 -32.66 -0.02
C SER B 240 26.57 -31.49 -0.75
N LEU B 241 25.75 -31.79 -1.73
CA LEU B 241 25.15 -30.78 -2.55
C LEU B 241 24.25 -29.95 -1.73
N PRO B 242 24.15 -28.68 -2.09
CA PRO B 242 23.31 -27.69 -1.44
C PRO B 242 21.89 -28.06 -1.64
N ASP B 243 20.98 -27.49 -0.85
CA ASP B 243 19.61 -27.90 -0.98
C ASP B 243 19.10 -27.67 -2.39
N LYS B 244 18.51 -28.71 -2.97
CA LYS B 244 17.92 -28.65 -4.27
C LYS B 244 18.81 -28.21 -5.39
N SER B 245 20.09 -28.48 -5.29
CA SER B 245 20.95 -28.04 -6.33
C SER B 245 20.53 -28.71 -7.57
N THR B 246 20.47 -27.99 -8.66
CA THR B 246 20.14 -28.63 -9.90
C THR B 246 21.37 -28.75 -10.77
N ILE B 247 22.53 -28.63 -10.13
CA ILE B 247 23.80 -28.72 -10.80
C ILE B 247 24.66 -29.69 -10.04
N ALA B 248 25.60 -30.29 -10.74
CA ALA B 248 26.46 -31.26 -10.14
C ALA B 248 27.79 -31.25 -10.83
N PHE B 249 28.81 -31.80 -10.19
CA PHE B 249 30.13 -31.85 -10.79
C PHE B 249 30.55 -33.27 -11.13
N THR B 250 31.15 -33.44 -12.30
CA THR B 250 31.60 -34.73 -12.78
C THR B 250 33.08 -34.80 -12.90
N ASN B 251 33.66 -35.85 -12.37
CA ASN B 251 35.08 -36.04 -12.51
C ASN B 251 35.43 -36.45 -13.89
N ASN B 252 34.51 -37.12 -14.54
CA ASN B 252 34.76 -37.65 -15.85
C ASN B 252 34.99 -36.61 -16.92
N ALA B 253 34.58 -35.39 -16.65
CA ALA B 253 34.68 -34.31 -17.63
C ALA B 253 36.04 -33.72 -17.94
N GLU B 254 36.10 -33.04 -19.08
CA GLU B 254 37.28 -32.35 -19.56
C GLU B 254 37.04 -30.95 -19.12
N ILE B 255 38.01 -30.33 -18.49
CA ILE B 255 37.79 -28.97 -18.04
C ILE B 255 38.56 -27.98 -18.88
N THR B 256 37.85 -27.05 -19.49
CA THR B 256 38.47 -26.02 -20.31
C THR B 256 38.14 -24.73 -19.65
N VAL B 257 39.14 -23.95 -19.30
CA VAL B 257 38.84 -22.71 -18.65
C VAL B 257 39.59 -21.60 -19.31
N ASP B 258 39.05 -20.41 -19.19
CA ASP B 258 39.77 -19.32 -19.73
C ASP B 258 40.06 -19.64 -21.17
N ILE B 259 39.02 -19.48 -21.99
CA ILE B 259 39.02 -19.73 -23.43
C ILE B 259 38.25 -18.62 -24.16
N GLU B 260 38.44 -18.47 -25.47
CA GLU B 260 37.79 -17.37 -26.19
C GLU B 260 36.29 -17.42 -26.00
N SER B 261 35.74 -16.28 -25.62
CA SER B 261 34.33 -16.12 -25.36
C SER B 261 33.56 -16.32 -26.62
N SER B 262 34.12 -15.90 -27.71
CA SER B 262 33.44 -16.07 -28.94
C SER B 262 33.27 -17.53 -29.19
N VAL B 263 34.28 -18.30 -28.83
CA VAL B 263 34.29 -19.73 -29.10
C VAL B 263 33.71 -20.69 -28.08
N MSE B 264 33.33 -20.18 -26.91
CA MSE B 264 32.76 -21.01 -25.87
C MSE B 264 31.49 -21.66 -26.35
O MSE B 264 31.17 -22.79 -25.93
CB MSE B 264 32.46 -20.16 -24.64
CG MSE B 264 33.73 -19.81 -23.89
SE MSE B 264 33.29 -18.73 -22.31
CE MSE B 264 35.12 -18.34 -21.72
N PRO B 265 30.76 -20.96 -27.23
CA PRO B 265 29.49 -21.46 -27.77
C PRO B 265 29.61 -22.89 -28.30
N TYR B 266 30.64 -23.14 -29.12
CA TYR B 266 30.85 -24.46 -29.69
C TYR B 266 31.54 -25.39 -28.70
N MSE B 267 32.32 -24.81 -27.79
CA MSE B 267 33.03 -25.59 -26.79
C MSE B 267 32.04 -26.38 -25.99
O MSE B 267 32.18 -27.62 -25.88
CB MSE B 267 33.80 -24.65 -25.86
CG MSE B 267 35.15 -24.28 -26.47
SE MSE B 267 35.79 -25.76 -27.59
CE MSE B 267 35.45 -24.94 -29.36
N ALA B 268 31.05 -25.71 -25.41
CA ALA B 268 30.03 -26.37 -24.61
C ALA B 268 29.27 -27.41 -25.43
N ILE B 269 28.81 -27.00 -26.61
CA ILE B 269 28.07 -27.91 -27.48
C ILE B 269 28.87 -29.18 -27.77
N ALA B 270 30.10 -29.02 -28.22
CA ALA B 270 30.97 -30.15 -28.51
C ALA B 270 31.08 -31.08 -27.31
N ALA B 271 31.39 -30.50 -26.16
CA ALA B 271 31.54 -31.28 -24.93
C ALA B 271 30.28 -32.10 -24.65
N LEU B 272 29.13 -31.43 -24.64
CA LEU B 272 27.86 -32.09 -24.39
C LEU B 272 27.55 -33.12 -25.45
N LEU B 273 27.97 -32.83 -26.68
CA LEU B 273 27.75 -33.74 -27.79
C LEU B 273 28.61 -34.94 -27.63
N ARG B 274 29.73 -34.77 -26.96
CA ARG B 274 30.62 -35.88 -26.76
C ARG B 274 29.97 -36.93 -25.92
N GLU B 275 29.42 -36.49 -24.79
CA GLU B 275 28.76 -37.32 -23.78
C GLU B 275 27.56 -38.01 -24.28
N TYR B 276 26.98 -37.44 -25.30
CA TYR B 276 25.77 -37.98 -25.86
C TYR B 276 26.10 -39.35 -26.29
N ARG B 277 27.28 -39.48 -26.90
CA ARG B 277 27.79 -40.75 -27.36
C ARG B 277 28.09 -41.68 -26.20
N GLN B 278 28.69 -41.13 -25.14
CA GLN B 278 29.06 -41.91 -23.97
C GLN B 278 27.81 -42.45 -23.36
N SER B 279 26.79 -41.62 -23.29
CA SER B 279 25.51 -42.02 -22.71
C SER B 279 24.73 -42.96 -23.58
N LYS B 280 25.04 -42.97 -24.86
CA LYS B 280 24.32 -43.81 -25.79
C LYS B 280 22.82 -43.60 -25.80
N SER B 281 22.38 -42.35 -25.89
CA SER B 281 20.95 -42.07 -25.90
C SER B 281 20.32 -42.34 -27.20
N LYS B 282 19.03 -42.60 -27.17
CA LYS B 282 18.27 -42.86 -28.36
C LYS B 282 17.71 -41.57 -28.95
N ALA B 283 17.79 -40.52 -28.18
CA ALA B 283 17.27 -39.26 -28.58
C ALA B 283 18.12 -38.59 -29.61
N ALA B 284 17.54 -37.62 -30.26
CA ALA B 284 18.17 -36.85 -31.29
C ALA B 284 19.20 -36.00 -30.66
N PRO B 285 20.22 -35.67 -31.43
CA PRO B 285 21.25 -34.93 -30.76
C PRO B 285 20.79 -33.61 -30.28
N VAL B 286 20.05 -32.89 -31.09
CA VAL B 286 19.64 -31.56 -30.69
C VAL B 286 18.80 -31.56 -29.44
N ALA B 287 17.98 -32.55 -29.25
CA ALA B 287 17.20 -32.54 -28.06
C ALA B 287 18.00 -33.03 -26.92
N TYR B 288 19.06 -33.74 -27.19
CA TYR B 288 19.86 -34.21 -26.11
C TYR B 288 20.46 -33.00 -25.49
N VAL B 289 21.13 -32.20 -26.30
CA VAL B 289 21.78 -31.03 -25.79
C VAL B 289 20.84 -30.03 -25.17
N GLN B 290 19.68 -29.79 -25.75
CA GLN B 290 18.78 -28.83 -25.17
C GLN B 290 18.37 -29.20 -23.77
N SER B 291 17.99 -30.55 -23.44
CA SER B 291 17.67 -31.13 -22.14
C SER B 291 18.78 -30.98 -21.16
N HIS B 292 19.97 -31.11 -21.69
CA HIS B 292 21.22 -31.04 -20.96
C HIS B 292 21.94 -29.73 -20.97
N LEU B 293 21.38 -28.68 -21.58
CA LEU B 293 21.98 -27.35 -21.54
C LEU B 293 20.99 -26.43 -20.91
N THR B 294 19.87 -26.21 -21.57
CA THR B 294 18.82 -25.33 -21.06
C THR B 294 17.90 -26.03 -20.04
N THR B 295 18.04 -27.35 -19.93
CA THR B 295 17.24 -28.13 -19.02
C THR B 295 15.74 -28.09 -19.04
N THR B 296 15.07 -28.51 -20.09
CA THR B 296 13.63 -28.69 -20.06
C THR B 296 12.69 -27.71 -19.48
N ASN B 297 12.39 -26.70 -20.24
CA ASN B 297 11.50 -25.65 -19.91
C ASN B 297 12.20 -24.62 -19.09
N GLY B 298 13.51 -24.71 -18.97
CA GLY B 298 14.23 -23.74 -18.21
C GLY B 298 14.15 -23.95 -16.74
N ASN B 299 13.76 -25.13 -16.32
CA ASN B 299 13.58 -25.52 -14.99
C ASN B 299 14.81 -25.56 -14.27
N GLY B 300 15.86 -26.00 -14.89
CA GLY B 300 17.12 -26.10 -14.21
C GLY B 300 17.64 -24.82 -13.69
N LEU B 301 17.45 -23.76 -14.45
CA LEU B 301 17.80 -22.42 -14.25
C LEU B 301 17.03 -21.65 -13.23
N SER B 302 15.97 -22.42 -12.67
CA SER B 302 15.14 -21.78 -11.69
C SER B 302 15.82 -21.78 -10.35
N TRP B 303 16.79 -22.66 -10.17
CA TRP B 303 17.53 -22.67 -8.95
C TRP B 303 18.86 -22.04 -9.20
N PHE B 304 19.48 -22.48 -10.27
CA PHE B 304 20.81 -22.06 -10.59
C PHE B 304 20.92 -20.61 -10.70
N PHE B 305 19.97 -19.95 -11.31
CA PHE B 305 19.99 -18.52 -11.38
C PHE B 305 19.79 -17.73 -10.10
N LYS B 306 18.77 -18.07 -9.34
CA LYS B 306 18.54 -17.40 -8.07
C LYS B 306 19.25 -17.78 -6.79
N PHE B 307 19.49 -19.07 -6.66
CA PHE B 307 20.17 -19.55 -5.50
C PHE B 307 21.52 -19.97 -5.87
N GLY B 308 21.63 -20.68 -6.94
CA GLY B 308 22.90 -21.17 -7.31
C GLY B 308 23.81 -20.03 -7.57
N LEU B 309 23.29 -18.98 -8.18
CA LEU B 309 24.11 -17.84 -8.48
C LEU B 309 24.55 -17.12 -7.26
N ASP B 310 23.62 -16.91 -6.35
CA ASP B 310 23.97 -16.18 -5.14
C ASP B 310 25.00 -16.91 -4.33
N LEU B 311 24.85 -18.21 -4.22
CA LEU B 311 25.76 -19.03 -3.47
C LEU B 311 27.19 -19.00 -4.01
N ILE B 312 27.32 -19.01 -5.32
CA ILE B 312 28.62 -19.05 -5.97
C ILE B 312 29.38 -17.75 -5.83
N ARG B 313 28.72 -16.72 -5.32
CA ARG B 313 29.38 -15.46 -5.15
C ARG B 313 30.08 -15.30 -3.82
N LYS B 314 29.38 -15.55 -2.74
CA LYS B 314 30.02 -15.42 -1.45
C LYS B 314 31.01 -16.49 -1.15
N ALA B 315 30.74 -17.70 -1.61
CA ALA B 315 31.64 -18.80 -1.32
C ALA B 315 32.83 -18.96 -2.24
N PRO B 316 33.83 -19.71 -1.78
CA PRO B 316 35.05 -19.99 -2.49
C PRO B 316 35.29 -21.47 -2.61
N GLY B 326 30.75 -23.17 4.74
CA GLY B 326 30.91 -24.32 3.87
C GLY B 326 31.47 -23.90 2.53
N SER B 327 32.66 -24.38 2.24
CA SER B 327 33.36 -24.10 0.98
C SER B 327 32.80 -24.85 -0.20
N LYS B 328 32.85 -24.23 -1.38
CA LYS B 328 32.31 -24.83 -2.59
C LYS B 328 32.97 -26.17 -2.94
N SER B 329 34.30 -26.17 -2.95
CA SER B 329 35.06 -27.33 -3.27
C SER B 329 34.33 -28.40 -2.53
N LEU B 330 34.13 -28.11 -1.26
CA LEU B 330 33.47 -29.02 -0.36
C LEU B 330 32.09 -29.25 -0.85
N GLN B 331 31.28 -28.20 -0.81
CA GLN B 331 29.87 -28.31 -1.16
C GLN B 331 29.52 -28.99 -2.44
N GLU B 332 30.28 -28.75 -3.48
CA GLU B 332 30.01 -29.40 -4.72
C GLU B 332 30.87 -30.63 -4.88
N LEU B 333 31.62 -30.94 -3.83
CA LEU B 333 32.56 -32.07 -3.82
C LEU B 333 33.43 -31.95 -5.05
N PHE B 334 34.38 -31.06 -4.93
CA PHE B 334 35.30 -30.76 -5.99
C PHE B 334 36.43 -31.75 -6.05
N SER B 335 37.31 -31.60 -7.03
CA SER B 335 38.42 -32.50 -7.09
C SER B 335 39.37 -31.99 -6.05
N VAL B 336 39.92 -32.93 -5.27
CA VAL B 336 40.83 -32.65 -4.16
C VAL B 336 41.85 -31.58 -4.46
N PRO B 337 42.63 -31.79 -5.50
CA PRO B 337 43.61 -30.78 -5.78
C PRO B 337 43.20 -30.01 -6.97
N ASP B 338 44.10 -29.14 -7.39
CA ASP B 338 43.86 -28.29 -8.55
C ASP B 338 43.90 -29.08 -9.85
N ASP B 339 43.59 -30.36 -9.74
CA ASP B 339 43.47 -31.30 -10.78
C ASP B 339 42.32 -30.68 -11.52
N LYS B 340 41.20 -30.58 -10.82
CA LYS B 340 40.00 -30.00 -11.37
C LYS B 340 39.51 -28.92 -10.44
N LEU B 341 40.13 -27.75 -10.50
CA LEU B 341 39.74 -26.63 -9.64
C LEU B 341 39.83 -25.32 -10.41
N ASP B 342 40.51 -25.35 -11.55
CA ASP B 342 40.67 -24.16 -12.38
C ASP B 342 39.33 -23.71 -12.94
N GLY B 343 38.49 -24.66 -13.29
CA GLY B 343 37.17 -24.37 -13.83
C GLY B 343 36.24 -23.84 -12.76
N LEU B 344 36.45 -24.28 -11.52
CA LEU B 344 35.63 -23.85 -10.40
C LEU B 344 35.69 -22.34 -10.24
N LYS B 345 36.90 -21.79 -10.34
CA LYS B 345 37.11 -20.36 -10.20
C LYS B 345 36.63 -19.62 -11.45
N PHE B 346 36.68 -20.31 -12.59
CA PHE B 346 36.24 -19.74 -13.85
C PHE B 346 34.77 -19.35 -13.81
N ILE B 347 33.96 -20.22 -13.21
CA ILE B 347 32.53 -19.97 -13.09
C ILE B 347 32.25 -18.91 -12.04
N LYS B 348 33.04 -18.93 -10.96
CA LYS B 348 32.89 -17.96 -9.89
C LYS B 348 33.15 -16.54 -10.40
N GLU B 349 34.05 -16.43 -11.37
CA GLU B 349 34.38 -15.16 -11.95
C GLU B 349 33.14 -14.74 -12.66
N ALA B 350 32.55 -15.69 -13.37
CA ALA B 350 31.38 -15.48 -14.19
C ALA B 350 30.19 -15.01 -13.41
N CYS B 351 29.99 -15.60 -12.25
CA CYS B 351 28.90 -15.20 -11.42
C CYS B 351 29.14 -13.80 -10.97
N GLU B 352 30.40 -13.51 -10.67
CA GLU B 352 30.77 -12.17 -10.25
C GLU B 352 30.64 -11.19 -11.38
N ALA B 353 31.13 -11.57 -12.54
CA ALA B 353 31.06 -10.68 -13.67
C ALA B 353 29.64 -10.33 -14.05
N LEU B 354 28.76 -11.30 -14.10
CA LEU B 354 27.39 -11.02 -14.43
C LEU B 354 26.87 -10.13 -13.35
N PRO B 355 26.25 -9.04 -13.71
CA PRO B 355 25.72 -8.14 -12.71
C PRO B 355 24.48 -8.63 -12.06
N GLU B 356 24.13 -8.07 -10.94
CA GLU B 356 22.96 -8.49 -10.24
C GLU B 356 21.74 -8.03 -10.96
N ALA B 357 20.63 -8.65 -10.67
CA ALA B 357 19.41 -8.25 -11.30
C ALA B 357 19.13 -6.91 -10.76
N SER B 358 18.71 -6.03 -11.63
CA SER B 358 18.46 -4.70 -11.22
C SER B 358 17.47 -4.01 -12.02
N LEU B 359 16.73 -3.15 -11.33
CA LEU B 359 15.77 -2.22 -11.87
C LEU B 359 14.49 -2.68 -12.53
N LEU B 360 14.20 -3.96 -12.43
CA LEU B 360 12.96 -4.45 -12.99
C LEU B 360 12.39 -5.10 -11.76
N CYS B 361 11.16 -4.80 -11.43
CA CYS B 361 10.63 -5.38 -10.25
C CYS B 361 9.19 -5.68 -10.40
N GLY B 362 8.67 -6.49 -9.52
CA GLY B 362 7.27 -6.80 -9.54
C GLY B 362 6.55 -5.80 -8.69
N GLU B 363 5.26 -6.05 -8.51
CA GLU B 363 4.34 -5.22 -7.72
C GLU B 363 4.70 -5.20 -6.28
N LYS B 364 4.53 -4.09 -5.59
CA LYS B 364 4.93 -4.10 -4.22
C LYS B 364 6.30 -4.52 -4.59
N GLY B 365 6.93 -3.73 -5.43
CA GLY B 365 8.14 -4.18 -6.00
C GLY B 365 9.28 -4.49 -5.13
N GLU B 366 9.83 -5.62 -5.51
CA GLU B 366 11.03 -6.24 -5.02
C GLU B 366 11.64 -6.74 -6.32
N LEU B 367 12.93 -6.65 -6.44
CA LEU B 367 13.57 -7.00 -7.70
C LEU B 367 13.31 -8.37 -8.24
N LEU B 368 13.21 -8.44 -9.55
CA LEU B 368 13.05 -9.66 -10.31
C LEU B 368 14.42 -10.29 -10.42
N GLY B 369 14.47 -11.55 -10.74
CA GLY B 369 15.75 -12.16 -10.81
C GLY B 369 15.93 -12.82 -12.13
N TYR B 370 17.13 -13.28 -12.37
CA TYR B 370 17.48 -13.95 -13.61
C TYR B 370 16.71 -15.22 -13.75
N GLN B 371 16.15 -15.66 -12.65
CA GLN B 371 15.40 -16.86 -12.67
C GLN B 371 14.09 -16.65 -13.35
N ASP B 372 13.64 -15.42 -13.41
CA ASP B 372 12.34 -15.15 -13.98
C ASP B 372 12.38 -15.04 -15.46
N PHE B 373 13.56 -15.04 -16.01
CA PHE B 373 13.73 -14.93 -17.43
C PHE B 373 14.15 -16.27 -17.97
N ARG B 374 13.94 -17.32 -17.22
CA ARG B 374 14.36 -18.64 -17.61
C ARG B 374 13.72 -19.23 -18.82
N THR B 375 12.43 -19.08 -18.96
CA THR B 375 11.78 -19.68 -20.09
C THR B 375 12.21 -19.09 -21.38
N SER B 376 12.21 -17.80 -21.46
CA SER B 376 12.62 -17.11 -22.66
C SER B 376 14.07 -17.30 -22.98
N PHE B 377 14.91 -17.35 -21.97
CA PHE B 377 16.32 -17.50 -22.18
C PHE B 377 16.56 -18.79 -22.86
N ALA B 378 16.01 -19.85 -22.31
CA ALA B 378 16.18 -21.18 -22.81
C ALA B 378 15.68 -21.22 -24.18
N GLY B 379 14.59 -20.58 -24.43
CA GLY B 379 14.05 -20.59 -25.77
C GLY B 379 15.04 -20.03 -26.73
N HIS B 380 15.77 -19.03 -26.33
CA HIS B 380 16.76 -18.41 -27.17
C HIS B 380 17.90 -19.31 -27.46
N ILE B 381 18.46 -19.89 -26.43
CA ILE B 381 19.57 -20.79 -26.58
C ILE B 381 19.23 -22.02 -27.32
N ASP B 382 18.06 -22.53 -27.04
CA ASP B 382 17.61 -23.75 -27.64
C ASP B 382 17.52 -23.77 -29.10
N SER B 383 17.14 -22.64 -29.66
CA SER B 383 16.93 -22.50 -31.08
C SER B 383 18.18 -22.34 -31.85
N TRP B 384 19.21 -21.94 -31.15
CA TRP B 384 20.57 -21.83 -31.62
C TRP B 384 21.11 -23.23 -31.61
N VAL B 385 20.84 -23.95 -30.55
CA VAL B 385 21.34 -25.29 -30.44
C VAL B 385 20.85 -26.15 -31.55
N ALA B 386 19.60 -26.03 -31.90
CA ALA B 386 19.07 -26.83 -32.95
C ALA B 386 19.76 -26.48 -34.20
N ASN B 387 19.82 -25.20 -34.44
CA ASN B 387 20.41 -24.67 -35.64
C ASN B 387 21.88 -24.94 -35.78
N TYR B 388 22.67 -24.72 -34.74
CA TYR B 388 24.09 -24.99 -34.82
C TYR B 388 24.39 -26.44 -35.01
N VAL B 389 23.88 -27.24 -34.10
CA VAL B 389 24.09 -28.65 -34.10
C VAL B 389 23.57 -29.20 -35.37
N ASN B 390 22.52 -28.64 -35.87
CA ASN B 390 21.92 -29.13 -37.08
C ASN B 390 22.86 -28.99 -38.22
N ARG B 391 23.69 -27.96 -38.14
CA ARG B 391 24.67 -27.62 -39.16
C ARG B 391 25.81 -28.55 -39.34
N LEU B 392 26.39 -28.93 -38.20
CA LEU B 392 27.59 -29.72 -38.18
C LEU B 392 27.34 -30.94 -38.95
N PHE B 393 26.18 -31.48 -38.70
CA PHE B 393 25.73 -32.67 -39.36
C PHE B 393 25.59 -32.39 -40.81
N GLU B 394 25.26 -31.17 -41.15
CA GLU B 394 25.22 -30.86 -42.54
C GLU B 394 26.64 -30.86 -43.05
N LEU B 395 27.48 -30.27 -42.22
CA LEU B 395 28.88 -30.10 -42.53
C LEU B 395 29.66 -31.38 -42.70
N ILE B 396 29.56 -32.29 -41.74
CA ILE B 396 30.38 -33.47 -41.80
C ILE B 396 30.08 -34.22 -43.04
N GLU B 397 28.82 -34.50 -43.22
CA GLU B 397 28.44 -35.19 -44.42
C GLU B 397 28.76 -34.52 -45.71
N LEU B 398 28.72 -33.22 -45.65
CA LEU B 398 29.06 -32.39 -46.77
C LEU B 398 30.57 -32.42 -47.19
N VAL B 399 31.38 -32.48 -46.15
CA VAL B 399 32.82 -32.64 -46.28
C VAL B 399 33.06 -34.06 -46.77
N ASN B 400 32.52 -35.03 -46.06
CA ASN B 400 32.70 -36.42 -46.40
C ASN B 400 31.74 -36.79 -47.50
N SER B 431 48.06 -22.02 -59.21
CA SER B 431 47.30 -23.18 -58.81
C SER B 431 48.10 -23.99 -57.85
N HIS B 432 48.85 -23.34 -57.00
CA HIS B 432 49.58 -24.08 -55.99
C HIS B 432 48.63 -24.62 -54.94
N SER B 433 47.42 -24.10 -55.01
CA SER B 433 46.37 -24.33 -54.02
C SER B 433 45.95 -25.75 -53.79
N LEU B 434 45.96 -26.53 -54.83
CA LEU B 434 45.49 -27.87 -54.76
C LEU B 434 46.28 -28.63 -53.74
N GLU B 435 47.54 -28.29 -53.62
CA GLU B 435 48.37 -29.05 -52.70
C GLU B 435 47.83 -28.94 -51.31
N LEU B 436 47.45 -27.72 -50.94
CA LEU B 436 46.93 -27.42 -49.62
C LEU B 436 45.63 -28.11 -49.29
N PHE B 437 44.81 -28.25 -50.29
CA PHE B 437 43.51 -28.76 -50.06
C PHE B 437 43.55 -30.12 -49.43
N GLU B 438 44.24 -31.06 -50.06
CA GLU B 438 44.31 -32.40 -49.53
C GLU B 438 44.99 -32.42 -48.18
N GLY B 439 45.97 -31.57 -47.98
CA GLY B 439 46.58 -31.55 -46.68
C GLY B 439 45.53 -31.10 -45.70
N LEU B 440 44.89 -29.99 -46.01
CA LEU B 440 43.91 -29.43 -45.10
C LEU B 440 42.65 -30.20 -44.81
N VAL B 441 42.06 -30.78 -45.85
CA VAL B 441 40.75 -31.39 -45.71
C VAL B 441 40.61 -32.46 -44.67
N LYS B 442 41.60 -33.29 -44.49
CA LYS B 442 41.45 -34.31 -43.47
C LYS B 442 41.33 -33.70 -42.08
N ASN B 443 42.12 -32.68 -41.77
CA ASN B 443 42.00 -32.13 -40.44
C ASN B 443 40.69 -31.42 -40.30
N VAL B 444 40.28 -30.76 -41.36
CA VAL B 444 39.00 -30.07 -41.29
C VAL B 444 37.97 -31.07 -40.81
N ARG B 445 37.99 -32.26 -41.41
CA ARG B 445 37.06 -33.32 -41.03
C ARG B 445 37.23 -33.63 -39.54
N GLN B 446 38.47 -33.84 -39.13
CA GLN B 446 38.78 -34.11 -37.73
C GLN B 446 38.34 -33.02 -36.76
N THR B 447 38.65 -31.77 -37.11
CA THR B 447 38.27 -30.64 -36.28
C THR B 447 36.76 -30.52 -36.19
N LEU B 448 36.09 -30.74 -37.31
CA LEU B 448 34.64 -30.67 -37.35
C LEU B 448 34.04 -31.79 -36.51
N LYS B 449 34.66 -32.96 -36.56
CA LYS B 449 34.20 -34.11 -35.78
C LYS B 449 34.52 -33.89 -34.31
N LYS B 450 35.64 -33.24 -34.04
CA LYS B 450 36.05 -32.96 -32.67
C LYS B 450 34.94 -32.21 -31.95
N LEU B 451 34.49 -31.12 -32.57
CA LEU B 451 33.42 -30.31 -32.00
C LEU B 451 32.14 -31.12 -32.00
N ALA B 452 32.00 -31.94 -33.03
CA ALA B 452 30.84 -32.80 -33.18
C ALA B 452 30.83 -33.73 -32.01
N GLY B 453 31.97 -33.81 -31.33
CA GLY B 453 32.09 -34.67 -30.19
C GLY B 453 32.25 -36.09 -30.62
N ILE B 454 32.17 -36.36 -31.92
CA ILE B 454 32.35 -37.73 -32.36
C ILE B 454 33.71 -38.10 -31.86
N ASP B 455 34.73 -37.38 -32.33
CA ASP B 455 36.12 -37.64 -31.93
C ASP B 455 36.39 -37.03 -30.57
N PRO B 460 38.31 -28.77 -28.77
CA PRO B 460 38.98 -28.40 -30.01
C PRO B 460 39.46 -26.96 -29.83
N ASN B 461 40.62 -26.62 -30.33
CA ASN B 461 41.06 -25.28 -30.02
C ASN B 461 40.32 -24.20 -30.73
N GLU B 462 40.72 -22.98 -30.47
CA GLU B 462 40.23 -21.83 -31.19
C GLU B 462 40.85 -21.85 -32.58
N GLN B 463 42.13 -22.24 -32.65
CA GLN B 463 42.89 -22.37 -33.85
C GLN B 463 42.27 -23.29 -34.85
N ASP B 464 41.94 -24.51 -34.45
CA ASP B 464 41.33 -25.45 -35.41
C ASP B 464 40.02 -25.02 -36.10
N ILE B 465 39.24 -24.21 -35.40
CA ILE B 465 38.03 -23.65 -35.89
C ILE B 465 38.43 -22.59 -36.87
N LYS B 466 39.53 -21.89 -36.60
CA LYS B 466 39.98 -20.88 -37.53
C LYS B 466 40.38 -21.50 -38.83
N GLU B 467 41.03 -22.67 -38.76
CA GLU B 467 41.45 -23.43 -39.92
C GLU B 467 40.28 -23.64 -40.85
N PHE B 468 39.20 -24.16 -40.28
CA PHE B 468 37.98 -24.45 -40.98
C PHE B 468 37.55 -23.39 -41.97
N TYR B 469 37.32 -22.19 -41.47
CA TYR B 469 36.86 -21.12 -42.31
C TYR B 469 37.81 -20.88 -43.41
N ALA B 470 39.08 -20.75 -43.06
CA ALA B 470 40.16 -20.51 -44.01
C ALA B 470 40.11 -21.47 -45.16
N PHE B 471 40.03 -22.74 -44.84
CA PHE B 471 39.93 -23.77 -45.83
C PHE B 471 38.75 -23.50 -46.77
N SER B 472 37.62 -23.12 -46.22
CA SER B 472 36.49 -22.96 -47.12
C SER B 472 36.91 -21.99 -48.18
N ASP B 473 37.63 -20.94 -47.80
CA ASP B 473 38.17 -19.97 -48.78
C ASP B 473 38.83 -20.65 -50.04
N VAL B 474 39.82 -21.40 -49.61
CA VAL B 474 40.54 -22.37 -50.42
C VAL B 474 39.90 -23.34 -51.36
N LEU B 475 38.90 -23.95 -50.76
CA LEU B 475 38.01 -24.84 -51.40
C LEU B 475 37.03 -24.06 -52.32
N ASN B 476 36.89 -22.80 -51.93
CA ASN B 476 36.10 -21.82 -52.64
C ASN B 476 36.78 -21.41 -53.94
N ARG B 477 38.08 -21.10 -53.92
CA ARG B 477 38.74 -20.65 -55.13
C ARG B 477 38.76 -21.69 -56.19
N LEU B 478 39.04 -22.90 -55.77
CA LEU B 478 39.17 -24.00 -56.68
C LEU B 478 37.93 -24.22 -57.46
N GLY B 479 36.79 -24.10 -56.82
CA GLY B 479 35.53 -24.34 -57.48
C GLY B 479 35.41 -23.38 -58.62
N SER B 480 35.84 -22.16 -58.35
CA SER B 480 35.79 -21.09 -59.33
C SER B 480 36.64 -21.46 -60.49
N ILE B 481 37.74 -22.13 -60.20
CA ILE B 481 38.64 -22.53 -61.25
C ILE B 481 37.93 -23.44 -62.22
N ARG B 482 37.16 -24.36 -61.69
CA ARG B 482 36.48 -25.29 -62.56
C ARG B 482 35.57 -24.51 -63.44
N ASN B 483 34.96 -23.51 -62.85
CA ASN B 483 34.01 -22.66 -63.53
C ASN B 483 34.69 -21.93 -64.67
N GLN B 484 35.90 -21.49 -64.41
CA GLN B 484 36.66 -20.80 -65.44
C GLN B 484 36.98 -21.68 -66.62
N ILE B 485 37.27 -22.94 -66.35
CA ILE B 485 37.64 -23.90 -67.37
C ILE B 485 36.59 -24.31 -68.41
N GLU B 486 35.40 -24.70 -68.01
CA GLU B 486 34.42 -25.16 -69.01
C GLU B 486 34.01 -24.17 -70.09
N ASN B 487 33.57 -22.98 -69.71
CA ASN B 487 33.16 -22.01 -70.73
C ASN B 487 33.35 -20.56 -70.30
N LEU B 511 33.55 -28.94 -55.28
CA LEU B 511 34.37 -28.04 -54.49
C LEU B 511 33.70 -26.76 -53.99
N LYS B 512 32.38 -26.85 -53.83
CA LYS B 512 31.56 -25.75 -53.39
C LYS B 512 31.95 -25.33 -52.00
N LYS B 513 31.70 -24.08 -51.67
CA LYS B 513 32.06 -23.58 -50.36
C LYS B 513 31.11 -24.14 -49.35
N LEU B 514 31.67 -24.42 -48.18
CA LEU B 514 30.91 -24.94 -47.10
C LEU B 514 30.35 -23.83 -46.26
N PRO B 515 29.13 -24.05 -45.80
CA PRO B 515 28.34 -23.16 -44.99
C PRO B 515 29.10 -22.73 -43.79
N LYS B 516 28.49 -21.84 -43.03
CA LYS B 516 29.11 -21.27 -41.88
C LYS B 516 28.84 -22.08 -40.67
N LEU B 517 29.52 -21.70 -39.61
CA LEU B 517 29.39 -22.29 -38.32
C LEU B 517 28.85 -21.13 -37.58
N ASN B 518 27.60 -21.20 -37.18
CA ASN B 518 26.87 -20.12 -36.51
C ASN B 518 27.41 -19.43 -35.32
N GLY B 519 26.79 -18.30 -35.03
CA GLY B 519 27.14 -17.53 -33.88
C GLY B 519 25.91 -17.06 -33.14
N LEU B 520 26.12 -16.42 -32.01
CA LEU B 520 25.05 -15.83 -31.23
C LEU B 520 25.35 -14.35 -31.13
N GLY B 521 24.35 -13.57 -30.74
CA GLY B 521 24.54 -12.15 -30.63
C GLY B 521 23.41 -11.58 -29.84
N GLY B 522 23.31 -10.29 -29.84
CA GLY B 522 22.24 -9.69 -29.11
C GLY B 522 22.68 -8.47 -28.41
N GLY B 523 21.75 -7.90 -27.68
CA GLY B 523 22.00 -6.72 -26.91
C GLY B 523 21.77 -5.53 -27.76
N VAL B 524 21.49 -4.42 -27.13
CA VAL B 524 21.28 -3.21 -27.87
C VAL B 524 22.61 -2.93 -28.51
N PRO B 525 22.60 -2.55 -29.79
CA PRO B 525 23.83 -2.27 -30.50
C PRO B 525 24.48 -0.97 -30.08
N LYS B 526 25.77 -0.83 -30.35
CA LYS B 526 26.45 0.36 -29.96
C LYS B 526 26.51 1.25 -31.15
N GLN B 527 25.56 2.16 -31.25
CA GLN B 527 25.45 3.04 -32.38
C GLN B 527 26.53 4.02 -32.66
N GLN B 528 26.99 4.71 -31.64
CA GLN B 528 28.00 5.71 -31.84
C GLN B 528 29.20 5.03 -32.34
N GLU B 529 29.51 3.93 -31.73
CA GLU B 529 30.69 3.23 -32.08
C GLU B 529 30.65 2.79 -33.49
N LEU B 530 29.54 2.25 -33.92
CA LEU B 530 29.39 1.79 -35.28
C LEU B 530 29.47 2.93 -36.23
N LEU B 531 28.81 4.01 -35.87
CA LEU B 531 28.77 5.18 -36.70
C LEU B 531 30.16 5.70 -36.89
N ASP B 532 30.95 5.68 -35.84
CA ASP B 532 32.30 6.16 -35.93
C ASP B 532 33.05 5.32 -36.91
N LYS B 533 32.85 4.02 -36.82
CA LYS B 533 33.57 3.12 -37.65
C LYS B 533 33.30 3.35 -39.07
N ALA B 534 32.06 3.66 -39.39
CA ALA B 534 31.72 3.93 -40.76
C ALA B 534 32.43 5.15 -41.24
N LEU B 535 32.47 6.17 -40.40
CA LEU B 535 33.05 7.39 -40.83
C LEU B 535 34.44 7.10 -41.21
N GLU B 536 35.15 6.43 -40.33
CA GLU B 536 36.53 6.14 -40.61
C GLU B 536 36.61 5.33 -41.84
N SER B 537 35.71 4.38 -42.00
CA SER B 537 35.78 3.53 -43.15
C SER B 537 35.57 4.29 -44.43
N VAL B 538 34.64 5.22 -44.42
CA VAL B 538 34.36 5.95 -45.62
C VAL B 538 35.53 6.75 -46.05
N LYS B 539 36.18 7.39 -45.10
CA LYS B 539 37.29 8.22 -45.42
C LYS B 539 38.31 7.33 -46.03
N GLN B 540 38.61 6.28 -45.32
CA GLN B 540 39.64 5.35 -45.74
C GLN B 540 39.35 4.74 -47.04
N ILE B 541 38.11 4.41 -47.25
CA ILE B 541 37.72 3.77 -48.47
C ILE B 541 37.85 4.67 -49.67
N ARG B 542 37.48 5.92 -49.51
CA ARG B 542 37.57 6.89 -50.58
C ARG B 542 39.06 7.07 -50.85
N HIS B 543 39.84 7.02 -49.79
CA HIS B 543 41.27 7.22 -49.84
C HIS B 543 41.96 6.23 -50.72
N TYR B 544 41.52 4.99 -50.72
CA TYR B 544 42.18 4.04 -51.58
C TYR B 544 41.58 4.01 -52.95
N GLN B 545 40.46 4.67 -53.12
CA GLN B 545 39.87 4.66 -54.43
C GLN B 545 40.77 5.36 -55.39
N ARG B 546 41.32 6.48 -54.97
CA ARG B 546 42.13 7.23 -55.88
C ARG B 546 43.35 6.47 -56.32
N ILE B 547 44.07 5.98 -55.33
CA ILE B 547 45.34 5.39 -55.56
C ILE B 547 45.18 4.28 -56.56
N ASP B 548 44.17 3.45 -56.32
CA ASP B 548 43.86 2.35 -57.22
C ASP B 548 43.51 2.97 -58.55
N PHE B 549 42.95 4.18 -58.52
CA PHE B 549 42.61 4.86 -59.77
C PHE B 549 43.75 5.53 -60.52
N GLU B 550 44.50 6.35 -59.83
CA GLU B 550 45.58 7.03 -60.49
C GLU B 550 46.60 6.07 -61.02
N ARG B 551 47.03 5.16 -60.15
CA ARG B 551 48.05 4.16 -60.46
C ARG B 551 47.84 3.43 -61.76
N VAL B 552 46.62 2.99 -62.04
CA VAL B 552 46.39 2.26 -63.25
C VAL B 552 46.53 3.13 -64.49
N ILE B 553 45.86 4.27 -64.53
CA ILE B 553 45.95 5.06 -65.76
C ILE B 553 47.39 5.45 -66.00
N GLN B 554 48.04 5.88 -64.93
CA GLN B 554 49.43 6.31 -64.99
C GLN B 554 50.16 5.13 -65.59
N TRP B 555 49.72 3.96 -65.18
CA TRP B 555 50.23 2.74 -65.69
C TRP B 555 49.82 2.67 -67.13
N ALA B 556 48.61 3.11 -67.43
CA ALA B 556 48.15 3.00 -68.80
C ALA B 556 48.97 3.82 -69.69
N VAL B 557 49.25 5.02 -69.23
CA VAL B 557 49.96 5.97 -70.05
C VAL B 557 51.38 5.61 -70.45
N ASN B 558 52.19 5.23 -69.48
CA ASN B 558 53.59 4.92 -69.73
C ASN B 558 53.63 3.82 -70.74
N GLU B 559 52.78 2.83 -70.55
CA GLU B 559 52.71 1.77 -71.51
C GLU B 559 51.96 2.19 -72.75
N HIS B 560 51.30 3.32 -72.64
CA HIS B 560 50.54 3.93 -73.72
C HIS B 560 49.38 3.10 -74.21
N CYS B 561 48.87 2.20 -73.39
CA CYS B 561 47.72 1.42 -73.84
C CYS B 561 46.40 2.13 -74.04
N LEU B 562 46.13 3.20 -73.29
CA LEU B 562 44.81 3.87 -73.35
C LEU B 562 44.43 4.43 -74.69
N GLU B 563 43.28 4.02 -75.20
CA GLU B 563 42.81 4.42 -76.52
C GLU B 563 42.05 5.72 -76.50
N THR B 564 41.24 6.01 -77.51
CA THR B 564 40.54 7.28 -77.44
C THR B 564 39.36 7.04 -76.59
N VAL B 565 39.38 7.58 -75.41
CA VAL B 565 38.32 7.34 -74.49
C VAL B 565 37.01 7.87 -75.07
N PRO B 566 37.09 8.99 -75.78
CA PRO B 566 36.00 9.70 -76.44
C PRO B 566 35.44 8.85 -77.55
N LYS B 567 36.27 8.10 -78.25
CA LYS B 567 35.82 7.26 -79.35
C LYS B 567 35.58 5.84 -78.92
N PHE B 568 35.78 5.57 -77.65
CA PHE B 568 35.61 4.23 -77.17
C PHE B 568 34.17 3.95 -77.40
N LEU B 569 33.33 4.92 -77.09
CA LEU B 569 31.90 4.80 -77.30
C LEU B 569 31.54 4.65 -78.78
N VAL B 570 32.11 5.54 -79.60
CA VAL B 570 31.88 5.49 -81.05
C VAL B 570 32.15 4.18 -81.80
N ASP B 571 33.27 3.55 -81.47
CA ASP B 571 33.62 2.26 -82.03
C ASP B 571 33.16 1.13 -81.09
N ALA B 572 32.78 1.55 -79.89
CA ALA B 572 32.28 0.65 -78.87
C ALA B 572 30.85 0.32 -79.30
N GLU B 573 30.08 1.36 -79.60
CA GLU B 573 28.70 1.19 -80.02
C GLU B 573 28.63 0.59 -81.42
N LYS B 574 29.53 1.01 -82.31
CA LYS B 574 29.54 0.48 -83.66
C LYS B 574 29.76 -1.00 -83.73
N LYS B 575 30.46 -1.52 -82.74
CA LYS B 575 30.76 -2.93 -82.70
C LYS B 575 29.55 -3.80 -82.56
N LYS B 576 28.52 -3.30 -81.91
CA LYS B 576 27.36 -4.11 -81.85
C LYS B 576 26.48 -3.67 -83.00
N ILE B 577 27.08 -3.51 -84.16
CA ILE B 577 26.33 -3.11 -85.36
C ILE B 577 27.01 -3.47 -86.69
N ASN B 578 26.29 -4.21 -87.52
CA ASN B 578 26.82 -4.65 -88.79
C ASN B 578 26.13 -3.96 -89.96
N LYS B 579 26.71 -4.16 -91.14
CA LYS B 579 26.26 -3.60 -92.42
C LYS B 579 26.30 -2.09 -92.33
N GLU B 580 27.50 -1.55 -92.46
CA GLU B 580 27.70 -0.11 -92.36
C GLU B 580 27.03 0.70 -93.45
N SER B 581 26.75 1.95 -93.11
CA SER B 581 26.17 2.91 -94.03
C SER B 581 27.03 4.11 -93.76
N SER B 582 28.36 3.90 -93.88
CA SER B 582 29.42 4.86 -93.57
C SER B 582 29.10 5.16 -92.13
N THR B 583 29.17 4.11 -91.34
CA THR B 583 28.79 4.15 -89.94
C THR B 583 29.38 5.26 -89.08
N ASP B 584 30.42 5.94 -89.53
CA ASP B 584 30.94 6.95 -88.65
C ASP B 584 29.77 7.68 -88.06
N PHE B 585 28.82 8.02 -88.92
CA PHE B 585 27.58 8.63 -88.43
C PHE B 585 26.51 7.68 -87.85
N ALA B 586 26.24 6.62 -88.58
CA ALA B 586 25.31 5.59 -88.13
C ALA B 586 25.63 5.34 -86.67
N ALA B 587 26.91 5.10 -86.37
CA ALA B 587 27.34 4.83 -85.00
C ALA B 587 27.64 6.12 -84.23
N LYS B 588 27.77 7.23 -84.94
CA LYS B 588 28.06 8.51 -84.31
C LYS B 588 26.93 8.96 -83.39
N GLU B 589 25.74 9.14 -83.96
CA GLU B 589 24.58 9.57 -83.20
C GLU B 589 24.29 8.67 -82.00
N ASN B 590 24.35 7.36 -82.22
CA ASN B 590 24.09 6.40 -81.16
C ASN B 590 25.03 6.55 -79.97
N ALA B 591 26.27 6.93 -80.26
CA ALA B 591 27.25 7.11 -79.23
C ALA B 591 26.87 8.36 -78.52
N VAL B 592 26.68 9.42 -79.25
CA VAL B 592 26.35 10.64 -78.55
C VAL B 592 25.33 10.37 -77.47
N ARG B 593 24.32 9.61 -77.82
CA ARG B 593 23.24 9.43 -76.87
C ARG B 593 23.75 8.80 -75.60
N PHE B 594 24.58 7.79 -75.79
CA PHE B 594 25.10 7.01 -74.69
C PHE B 594 25.87 7.90 -73.75
N LEU B 595 26.57 8.86 -74.29
CA LEU B 595 27.28 9.74 -73.41
C LEU B 595 26.24 10.50 -72.63
N LEU B 596 25.18 10.89 -73.30
CA LEU B 596 24.16 11.66 -72.64
C LEU B 596 23.47 10.90 -71.54
N GLU B 597 23.07 9.68 -71.81
CA GLU B 597 22.32 8.97 -70.81
C GLU B 597 23.12 8.82 -69.58
N GLY B 598 24.38 8.50 -69.72
CA GLY B 598 25.14 8.30 -68.53
C GLY B 598 25.14 9.47 -67.62
N ILE B 599 25.40 10.64 -68.16
CA ILE B 599 25.37 11.81 -67.33
C ILE B 599 23.99 12.26 -66.95
N GLY B 600 23.07 11.91 -67.82
CA GLY B 600 21.67 12.21 -67.63
C GLY B 600 21.12 11.45 -66.48
N ALA B 601 21.46 10.18 -66.38
CA ALA B 601 20.90 9.34 -65.36
C ALA B 601 21.17 9.83 -63.96
N ALA B 602 22.37 10.31 -63.73
CA ALA B 602 22.73 10.72 -62.41
C ALA B 602 21.91 11.85 -61.92
N ALA B 603 21.59 12.76 -62.81
CA ALA B 603 20.83 13.94 -62.45
C ALA B 603 19.37 14.03 -62.81
N ARG B 604 18.84 13.07 -63.50
CA ARG B 604 17.44 13.24 -63.84
C ARG B 604 16.59 13.20 -62.63
N GLY B 605 15.58 14.03 -62.60
CA GLY B 605 14.66 14.06 -61.48
C GLY B 605 15.12 14.43 -60.10
N LYS B 606 16.13 15.26 -59.99
CA LYS B 606 16.64 15.67 -58.69
C LYS B 606 16.79 17.16 -58.67
N THR B 607 16.76 17.70 -57.46
CA THR B 607 16.84 19.11 -57.17
C THR B 607 18.06 19.73 -56.59
N ASP B 608 19.04 18.93 -56.25
CA ASP B 608 20.21 19.49 -55.63
C ASP B 608 20.93 20.30 -56.64
N SER B 609 21.91 21.08 -56.20
CA SER B 609 22.60 21.93 -57.11
C SER B 609 23.27 21.27 -58.24
N VAL B 610 23.90 20.16 -57.93
CA VAL B 610 24.64 19.48 -58.92
C VAL B 610 23.70 19.07 -59.98
N SER B 611 22.58 18.52 -59.58
CA SER B 611 21.65 18.04 -60.55
C SER B 611 21.16 19.16 -61.40
N LYS B 612 20.88 20.30 -60.77
CA LYS B 612 20.42 21.47 -61.51
C LYS B 612 21.54 21.96 -62.41
N ALA B 613 22.78 21.74 -61.95
CA ALA B 613 23.95 22.15 -62.71
C ALA B 613 24.05 21.27 -63.97
N ALA B 614 23.73 20.00 -63.81
CA ALA B 614 23.75 19.06 -64.92
C ALA B 614 22.66 19.45 -65.91
N TYR B 615 21.50 19.84 -65.38
CA TYR B 615 20.38 20.25 -66.21
C TYR B 615 20.79 21.53 -66.94
N ASN B 616 21.44 22.43 -66.21
CA ASN B 616 21.90 23.69 -66.79
C ASN B 616 22.85 23.39 -67.94
N TRP B 617 23.76 22.45 -67.71
CA TRP B 617 24.70 22.06 -68.72
C TRP B 617 23.98 21.55 -69.91
N PHE B 618 22.94 20.78 -69.69
CA PHE B 618 22.23 20.25 -70.82
C PHE B 618 21.65 21.40 -71.58
N VAL B 619 21.06 22.34 -70.87
CA VAL B 619 20.42 23.45 -71.53
C VAL B 619 21.32 24.37 -72.29
N VAL B 620 22.40 24.79 -71.66
CA VAL B 620 23.26 25.74 -72.29
C VAL B 620 23.76 25.24 -73.59
N ASN B 621 24.18 24.00 -73.63
CA ASN B 621 24.70 23.44 -74.86
C ASN B 621 23.65 23.01 -75.85
N ASN B 622 22.40 23.17 -75.48
CA ASN B 622 21.27 22.90 -76.38
C ASN B 622 21.16 21.61 -77.15
N PHE B 623 21.47 20.49 -76.51
CA PHE B 623 21.37 19.16 -77.10
C PHE B 623 19.96 18.71 -77.40
N LEU B 624 19.05 18.97 -76.48
CA LEU B 624 17.71 18.49 -76.63
C LEU B 624 16.77 19.61 -76.49
N ALA B 625 15.59 19.40 -77.00
CA ALA B 625 14.56 20.39 -76.93
C ALA B 625 14.10 20.52 -75.50
N LYS B 626 13.53 21.67 -75.18
CA LYS B 626 13.07 21.92 -73.84
C LYS B 626 11.98 20.95 -73.50
N LYS B 627 11.08 20.69 -74.42
CA LYS B 627 10.02 19.82 -74.05
C LYS B 627 10.65 18.54 -73.70
N ASP B 628 11.40 18.00 -74.64
CA ASP B 628 11.99 16.71 -74.44
C ASP B 628 12.91 16.71 -73.26
N LEU B 629 13.68 17.76 -73.10
CA LEU B 629 14.61 17.78 -72.01
C LEU B 629 13.85 17.71 -70.72
N ASN B 630 12.80 18.53 -70.64
CA ASN B 630 12.03 18.66 -69.44
C ASN B 630 11.43 17.35 -69.11
N ARG B 631 10.88 16.71 -70.12
CA ARG B 631 10.24 15.41 -69.99
C ARG B 631 11.22 14.41 -69.43
N TYR B 632 12.45 14.46 -69.92
CA TYR B 632 13.45 13.55 -69.45
C TYR B 632 13.90 13.56 -68.02
N PHE B 633 14.07 14.73 -67.45
CA PHE B 633 14.44 14.85 -66.08
C PHE B 633 13.41 15.35 -65.10
N ILE B 634 12.77 16.41 -65.54
CA ILE B 634 11.70 17.01 -64.80
C ILE B 634 10.60 16.02 -64.69
N ASN B 635 10.08 15.58 -65.83
CA ASN B 635 8.98 14.61 -65.85
C ASN B 635 9.44 13.20 -65.53
N CYS B 636 10.75 13.00 -65.55
CA CYS B 636 11.33 11.70 -65.28
C CYS B 636 10.81 10.67 -66.25
N GLN B 637 10.55 11.08 -67.47
CA GLN B 637 10.16 10.12 -68.50
C GLN B 637 10.81 10.33 -69.84
N GLY B 638 10.98 9.22 -70.52
CA GLY B 638 11.61 9.22 -71.82
C GLY B 638 13.04 8.78 -71.69
N CYS B 639 13.62 8.27 -72.79
CA CYS B 639 15.00 7.81 -72.82
C CYS B 639 15.78 8.45 -73.93
N ILE B 640 16.97 8.90 -73.64
CA ILE B 640 17.78 9.55 -74.65
C ILE B 640 18.34 8.60 -75.70
N TYR B 641 18.84 7.46 -75.26
CA TYR B 641 19.41 6.46 -76.16
C TYR B 641 18.60 5.17 -76.12
N LYS B 642 18.24 4.68 -77.30
CA LYS B 642 17.46 3.44 -77.42
C LYS B 642 18.35 2.23 -77.59
N PRO B 643 17.77 1.03 -77.44
CA PRO B 643 18.50 -0.25 -77.57
C PRO B 643 18.59 -0.75 -79.00
N PRO B 644 18.79 -2.07 -79.17
CA PRO B 644 18.91 -2.70 -80.49
C PRO B 644 17.57 -2.74 -81.23
N TYR B 645 17.36 -1.77 -82.12
CA TYR B 645 16.14 -1.68 -82.92
C TYR B 645 14.88 -1.81 -82.08
N SER B 646 14.66 -0.83 -81.20
CA SER B 646 13.49 -0.81 -80.33
C SER B 646 13.27 -2.14 -79.60
N LYS B 647 14.21 -2.48 -78.73
CA LYS B 647 14.13 -3.72 -77.97
C LYS B 647 12.92 -3.71 -77.03
N ARG B 648 12.63 -2.55 -76.47
CA ARG B 648 11.50 -2.41 -75.55
C ARG B 648 10.37 -1.64 -76.21
N ARG B 649 10.22 -1.82 -77.52
CA ARG B 649 9.17 -1.15 -78.30
C ARG B 649 9.13 0.35 -78.04
N SER B 650 7.94 0.85 -77.72
CA SER B 650 7.74 2.28 -77.45
C SER B 650 8.34 3.18 -78.53
N LEU B 651 9.02 4.24 -78.08
CA LEU B 651 9.64 5.19 -79.00
C LEU B 651 10.95 5.72 -78.44
N ALA B 652 11.40 6.86 -78.95
CA ALA B 652 12.64 7.47 -78.49
C ALA B 652 12.60 8.99 -78.64
N PHE B 653 13.56 9.67 -78.02
CA PHE B 653 13.63 11.12 -78.09
C PHE B 653 14.37 11.58 -79.34
N ALA B 654 14.42 12.89 -79.55
CA ALA B 654 15.10 13.46 -80.71
C ALA B 654 15.88 14.72 -80.33
N LEU B 655 17.19 14.66 -80.53
CA LEU B 655 18.06 15.78 -80.20
C LEU B 655 17.87 16.94 -81.19
N ARG B 656 18.11 18.15 -80.72
CA ARG B 656 17.96 19.34 -81.56
C ARG B 656 18.78 19.21 -82.85
N SER B 657 18.12 18.75 -83.90
CA SER B 657 18.77 18.58 -85.18
C SER B 657 19.89 19.49 -85.53
N ASP B 658 19.67 20.75 -85.25
CA ASP B 658 20.66 21.77 -85.50
C ASP B 658 21.85 22.02 -84.47
N ASN B 659 21.82 21.14 -83.49
CA ASN B 659 22.87 21.15 -82.50
C ASN B 659 23.92 20.62 -83.42
N LYS B 660 25.04 21.30 -83.45
CA LYS B 660 26.16 20.91 -84.29
C LYS B 660 27.18 20.09 -83.53
N ASP B 661 26.78 19.74 -82.32
CA ASP B 661 27.60 19.00 -81.41
C ASP B 661 27.90 17.61 -81.87
N THR B 662 29.14 17.17 -81.67
CA THR B 662 29.56 15.83 -82.02
C THR B 662 30.30 15.12 -80.94
N ILE B 663 30.46 13.84 -81.16
CA ILE B 663 31.01 12.96 -80.18
C ILE B 663 32.33 13.38 -79.52
N GLU B 664 33.24 13.81 -80.34
CA GLU B 664 34.48 14.31 -79.83
C GLU B 664 34.32 15.57 -79.03
N VAL B 665 33.32 16.35 -79.42
CA VAL B 665 32.99 17.61 -78.78
C VAL B 665 32.47 17.46 -77.35
N VAL B 666 31.48 16.60 -77.18
CA VAL B 666 30.85 16.45 -75.90
C VAL B 666 31.74 16.01 -74.77
N TRP B 667 32.49 14.96 -75.03
CA TRP B 667 33.32 14.38 -74.02
C TRP B 667 34.24 15.46 -73.56
N GLU B 668 34.71 16.24 -74.51
CA GLU B 668 35.54 17.37 -74.15
C GLU B 668 34.62 18.34 -73.46
N LYS B 669 33.39 18.42 -73.95
CA LYS B 669 32.42 19.33 -73.39
C LYS B 669 32.04 18.97 -71.97
N PHE B 670 31.64 17.73 -71.78
CA PHE B 670 31.23 17.26 -70.48
C PHE B 670 32.38 17.31 -69.51
N GLU B 671 33.55 16.96 -70.01
CA GLU B 671 34.75 16.89 -69.20
C GLU B 671 35.04 18.23 -68.59
N THR B 672 34.74 19.27 -69.33
CA THR B 672 34.93 20.62 -68.86
C THR B 672 33.99 20.94 -67.70
N PHE B 673 32.75 20.49 -67.86
CA PHE B 673 31.64 20.66 -66.93
C PHE B 673 31.91 19.96 -65.63
N TYR B 674 32.40 18.74 -65.76
CA TYR B 674 32.73 17.93 -64.61
C TYR B 674 33.76 18.70 -63.81
N LYS B 675 34.50 19.51 -64.52
CA LYS B 675 35.51 20.29 -63.90
C LYS B 675 34.79 21.20 -62.97
N GLU B 676 33.69 21.77 -63.40
CA GLU B 676 33.02 22.73 -62.55
C GLU B 676 32.46 22.20 -61.25
N ILE B 677 31.70 21.12 -61.33
CA ILE B 677 31.06 20.55 -60.16
C ILE B 677 32.00 20.01 -59.12
N SER B 678 33.14 19.57 -59.58
CA SER B 678 34.14 18.96 -58.73
C SER B 678 34.67 19.97 -57.78
N LYS B 679 34.69 21.20 -58.23
CA LYS B 679 35.13 22.33 -57.44
C LYS B 679 34.12 22.59 -56.37
N GLU B 680 32.86 22.59 -56.77
CA GLU B 680 31.70 22.88 -55.92
C GLU B 680 31.51 21.95 -54.77
N ILE B 681 31.66 20.69 -55.08
CA ILE B 681 31.43 19.63 -54.16
C ILE B 681 32.34 19.76 -52.99
N GLU B 682 33.28 20.66 -53.10
CA GLU B 682 34.17 20.89 -52.00
C GLU B 682 33.39 21.57 -50.89
N LYS B 683 32.26 22.18 -51.22
CA LYS B 683 31.52 22.90 -50.20
C LYS B 683 30.38 22.20 -49.56
N PHE B 684 30.22 20.92 -49.83
CA PHE B 684 29.10 20.18 -49.30
C PHE B 684 29.51 19.00 -48.46
N ASN B 685 28.54 18.50 -47.73
CA ASN B 685 28.68 17.39 -46.85
C ASN B 685 28.91 16.18 -47.68
N ILE B 686 29.70 15.27 -47.18
CA ILE B 686 29.88 14.05 -47.90
C ILE B 686 28.53 13.39 -47.93
N PHE B 687 27.79 13.52 -46.85
CA PHE B 687 26.46 12.95 -46.77
C PHE B 687 25.43 13.95 -47.23
N SER B 688 25.23 14.06 -48.51
CA SER B 688 24.27 15.00 -48.96
C SER B 688 23.75 14.61 -50.28
N GLN B 689 22.61 15.17 -50.62
CA GLN B 689 22.02 14.87 -51.86
C GLN B 689 22.95 15.35 -52.90
N GLU B 690 23.58 16.48 -52.68
CA GLU B 690 24.43 17.00 -53.71
C GLU B 690 25.52 16.04 -53.97
N PHE B 691 26.15 15.57 -52.92
CA PHE B 691 27.23 14.64 -53.05
C PHE B 691 26.78 13.32 -53.58
N GLN B 692 25.54 12.97 -53.35
CA GLN B 692 25.02 11.70 -53.80
C GLN B 692 25.06 11.69 -55.28
N THR B 693 24.60 12.76 -55.88
CA THR B 693 24.58 12.87 -57.32
C THR B 693 25.96 12.91 -57.91
N PHE B 694 26.86 13.61 -57.24
CA PHE B 694 28.18 13.78 -57.75
C PHE B 694 28.87 12.50 -57.93
N LEU B 695 28.71 11.61 -56.98
CA LEU B 695 29.34 10.31 -56.99
C LEU B 695 28.89 9.57 -58.17
N HIS B 696 27.66 9.81 -58.56
CA HIS B 696 27.07 9.15 -59.69
C HIS B 696 27.81 9.58 -60.91
N LEU B 697 28.11 10.86 -60.98
CA LEU B 697 28.87 11.37 -62.08
C LEU B 697 30.28 10.89 -62.03
N GLU B 698 30.89 10.97 -60.88
CA GLU B 698 32.26 10.59 -60.79
C GLU B 698 32.43 9.15 -61.18
N ASN B 699 31.55 8.28 -60.74
CA ASN B 699 31.72 6.90 -61.08
C ASN B 699 31.69 6.69 -62.53
N LEU B 700 30.77 7.30 -63.22
CA LEU B 700 30.70 7.06 -64.63
C LEU B 700 31.95 7.49 -65.33
N ARG B 701 32.41 8.70 -65.08
CA ARG B 701 33.58 9.16 -65.78
C ARG B 701 34.73 8.25 -65.44
N MSE B 702 34.90 7.96 -64.18
CA MSE B 702 36.01 7.16 -63.75
C MSE B 702 35.91 5.86 -64.42
O MSE B 702 36.92 5.28 -64.77
CB MSE B 702 35.86 6.88 -62.28
CG MSE B 702 36.41 8.00 -61.43
SE MSE B 702 36.51 7.33 -59.61
CE MSE B 702 37.83 8.56 -58.95
N LYS B 703 34.71 5.36 -64.60
CA LYS B 703 34.59 4.10 -65.27
C LYS B 703 35.06 4.19 -66.68
N LEU B 704 34.67 5.23 -67.40
CA LEU B 704 35.08 5.32 -68.77
C LEU B 704 36.58 5.43 -68.85
N LEU B 705 37.17 6.16 -67.93
CA LEU B 705 38.61 6.32 -67.92
C LEU B 705 39.30 4.99 -67.73
N LEU B 706 38.81 4.17 -66.84
CA LEU B 706 39.41 2.88 -66.66
C LEU B 706 39.24 2.12 -67.92
N ARG B 707 38.07 2.26 -68.50
CA ARG B 707 37.65 1.56 -69.69
C ARG B 707 38.42 1.77 -70.96
N ARG B 708 39.01 2.94 -71.12
CA ARG B 708 39.78 3.18 -72.32
C ARG B 708 41.20 2.65 -72.15
N ILE B 709 41.38 1.36 -72.21
CA ILE B 709 42.69 0.80 -72.04
C ILE B 709 42.76 -0.35 -72.99
N GLN B 710 43.79 -0.42 -73.81
CA GLN B 710 43.88 -1.50 -74.78
C GLN B 710 44.70 -2.77 -74.48
N LYS B 711 45.36 -2.78 -73.33
CA LYS B 711 46.13 -3.94 -72.92
C LYS B 711 45.84 -4.37 -71.50
N PRO B 712 45.84 -5.66 -71.21
CA PRO B 712 45.52 -6.15 -69.88
C PRO B 712 46.45 -5.62 -68.80
N ILE B 713 45.93 -5.49 -67.60
CA ILE B 713 46.62 -4.90 -66.49
C ILE B 713 47.40 -5.88 -65.65
N PRO B 714 48.59 -5.44 -65.25
CA PRO B 714 49.54 -6.11 -64.37
C PRO B 714 48.96 -6.25 -62.98
N ALA B 715 49.11 -7.48 -62.48
CA ALA B 715 48.62 -7.95 -61.21
C ALA B 715 49.19 -7.23 -60.02
N GLU B 716 50.47 -6.94 -60.06
CA GLU B 716 51.07 -6.21 -58.99
C GLU B 716 50.47 -4.84 -59.01
N ILE B 717 50.15 -4.36 -60.19
CA ILE B 717 49.62 -3.02 -60.36
C ILE B 717 48.28 -2.79 -59.66
N ALA B 718 47.36 -3.72 -59.83
CA ALA B 718 46.05 -3.59 -59.21
C ALA B 718 45.81 -4.65 -58.14
N PHE B 719 46.08 -4.32 -56.90
CA PHE B 719 45.85 -5.32 -55.89
C PHE B 719 44.67 -5.06 -55.03
N PHE B 720 43.79 -4.15 -55.44
CA PHE B 720 42.65 -3.83 -54.62
C PHE B 720 43.20 -3.55 -53.26
N SER B 721 43.86 -2.42 -53.19
CA SER B 721 44.61 -2.03 -52.03
C SER B 721 43.81 -1.41 -50.95
N LEU B 722 43.10 -2.23 -50.20
CA LEU B 722 42.34 -1.76 -49.06
C LEU B 722 42.51 -2.69 -47.88
N PRO B 723 42.62 -2.11 -46.71
CA PRO B 723 42.84 -2.77 -45.43
C PRO B 723 41.68 -3.64 -45.07
N GLN B 724 41.95 -4.64 -44.24
CA GLN B 724 40.92 -5.58 -43.82
C GLN B 724 39.86 -4.92 -43.00
N GLU B 725 40.28 -4.01 -42.14
CA GLU B 725 39.32 -3.44 -41.23
C GLU B 725 38.21 -2.77 -41.94
N TYR B 726 38.57 -2.06 -42.98
CA TYR B 726 37.64 -1.28 -43.76
C TYR B 726 36.57 -2.02 -44.55
N TYR B 727 36.80 -3.26 -44.94
CA TYR B 727 35.78 -3.95 -45.68
C TYR B 727 35.78 -5.41 -45.28
N ASP B 728 34.70 -6.14 -45.54
CA ASP B 728 34.66 -7.55 -45.14
C ASP B 728 34.82 -8.69 -46.14
N SER B 729 34.01 -8.72 -47.19
CA SER B 729 34.08 -9.84 -48.13
C SER B 729 33.95 -9.41 -49.57
N LEU B 730 34.46 -10.22 -50.47
CA LEU B 730 34.37 -9.90 -51.88
C LEU B 730 33.72 -11.01 -52.62
N PRO B 731 33.02 -10.63 -53.68
CA PRO B 731 32.18 -11.44 -54.55
C PRO B 731 32.96 -12.39 -55.39
N PRO B 732 32.22 -13.18 -56.16
CA PRO B 732 32.42 -14.24 -57.14
C PRO B 732 33.08 -13.56 -58.31
N ASN B 733 32.68 -12.33 -58.53
CA ASN B 733 33.28 -11.61 -59.62
C ASN B 733 34.76 -11.64 -59.36
N VAL B 734 35.15 -11.16 -58.19
CA VAL B 734 36.56 -11.15 -57.84
C VAL B 734 37.02 -12.11 -56.77
N ALA B 735 37.89 -13.00 -57.20
CA ALA B 735 38.51 -13.98 -56.38
C ALA B 735 39.81 -14.37 -57.05
N PHE B 736 40.31 -13.49 -57.91
CA PHE B 736 41.50 -13.76 -58.65
C PHE B 736 42.60 -12.77 -58.33
N LEU B 737 43.81 -13.30 -58.39
CA LEU B 737 45.03 -12.61 -58.10
C LEU B 737 46.11 -13.57 -58.53
N THR B 744 43.37 -9.21 -67.14
CA THR B 744 42.27 -8.65 -66.38
C THR B 744 41.90 -7.31 -66.98
N PRO B 745 41.33 -7.31 -68.18
CA PRO B 745 40.95 -6.11 -68.92
C PRO B 745 39.80 -5.21 -68.44
N SER B 746 38.62 -5.78 -68.28
CA SER B 746 37.46 -5.07 -67.75
C SER B 746 37.09 -5.64 -66.39
N GLU B 747 37.94 -6.52 -65.91
CA GLU B 747 37.84 -7.15 -64.62
C GLU B 747 38.07 -6.13 -63.56
N TYR B 748 38.98 -5.21 -63.85
CA TYR B 748 39.34 -4.23 -62.88
C TYR B 748 38.12 -3.45 -62.52
N ILE B 749 37.35 -3.12 -63.54
CA ILE B 749 36.21 -2.28 -63.35
C ILE B 749 35.30 -2.95 -62.39
N THR B 750 35.07 -4.24 -62.58
CA THR B 750 34.21 -4.90 -61.66
C THR B 750 34.84 -4.87 -60.31
N GLN B 751 36.13 -5.08 -60.26
CA GLN B 751 36.85 -5.03 -59.01
C GLN B 751 36.80 -3.63 -58.49
N PHE B 752 36.85 -2.71 -59.42
CA PHE B 752 36.84 -1.29 -59.16
C PHE B 752 35.59 -0.75 -58.53
N ASN B 753 34.47 -1.28 -58.94
CA ASN B 753 33.19 -0.79 -58.49
C ASN B 753 32.93 -1.16 -57.07
N LEU B 754 33.86 -1.89 -56.49
CA LEU B 754 33.72 -2.31 -55.12
C LEU B 754 33.73 -1.14 -54.24
N TYR B 755 34.50 -0.15 -54.61
CA TYR B 755 34.65 1.03 -53.80
C TYR B 755 33.39 1.80 -53.63
N SER B 756 32.65 1.98 -54.70
CA SER B 756 31.43 2.71 -54.59
C SER B 756 30.45 2.02 -53.69
N SER B 757 30.22 0.76 -53.98
CA SER B 757 29.28 -0.04 -53.25
C SER B 757 29.72 -0.14 -51.84
N PHE B 758 30.99 -0.32 -51.61
CA PHE B 758 31.45 -0.44 -50.26
C PHE B 758 31.17 0.84 -49.56
N LEU B 759 31.45 1.94 -50.24
CA LEU B 759 31.27 3.29 -49.72
C LEU B 759 29.86 3.63 -49.48
N ASN B 760 29.05 3.33 -50.47
CA ASN B 760 27.67 3.65 -50.47
C ASN B 760 27.04 3.00 -49.31
N GLY B 761 27.45 1.81 -49.01
CA GLY B 761 26.81 1.17 -47.90
C GLY B 761 27.03 1.91 -46.64
N ASN B 762 28.25 2.29 -46.33
CA ASN B 762 28.48 3.00 -45.11
C ASN B 762 27.74 4.29 -45.15
N LEU B 763 27.71 4.93 -46.29
CA LEU B 763 27.09 6.24 -46.43
C LEU B 763 25.65 6.21 -46.07
N ILE B 764 24.97 5.16 -46.46
CA ILE B 764 23.57 5.02 -46.19
C ILE B 764 23.33 4.96 -44.73
N LEU B 765 24.23 4.34 -44.02
CA LEU B 765 24.06 4.23 -42.61
C LEU B 765 24.14 5.56 -41.97
N LEU B 766 25.15 6.32 -42.34
CA LEU B 766 25.41 7.63 -41.81
C LEU B 766 24.36 8.63 -42.16
N ARG B 767 23.82 8.49 -43.34
CA ARG B 767 22.83 9.38 -43.86
C ARG B 767 21.47 9.18 -43.26
N ARG B 768 21.35 8.21 -42.38
CA ARG B 768 20.07 7.87 -41.79
C ARG B 768 19.76 8.81 -40.69
N SER B 769 18.74 9.59 -40.92
CA SER B 769 18.30 10.58 -39.98
C SER B 769 17.79 10.05 -38.67
N ARG B 770 16.92 9.07 -38.77
CA ARG B 770 16.25 8.51 -37.64
C ARG B 770 16.25 7.03 -37.66
N SER B 771 16.40 6.46 -36.48
CA SER B 771 16.34 5.04 -36.25
C SER B 771 15.85 4.79 -34.85
N TYR B 772 15.76 3.54 -34.43
CA TYR B 772 15.40 3.25 -33.07
C TYR B 772 16.11 2.01 -32.62
N LEU B 773 16.31 1.88 -31.32
CA LEU B 773 17.00 0.75 -30.73
C LEU B 773 16.02 0.07 -29.85
N ARG B 774 15.94 -1.24 -29.88
CA ARG B 774 14.93 -1.97 -29.11
C ARG B 774 15.46 -2.93 -28.10
N ALA B 775 14.85 -2.93 -26.92
CA ALA B 775 15.17 -3.85 -25.88
C ALA B 775 13.85 -4.38 -25.43
N LYS B 776 13.66 -5.68 -25.36
CA LYS B 776 12.40 -6.27 -24.97
C LYS B 776 12.60 -7.25 -23.86
N PHE B 777 11.62 -7.40 -22.99
CA PHE B 777 11.78 -8.31 -21.91
C PHE B 777 10.58 -9.12 -21.68
N SER B 778 10.71 -10.42 -21.58
CA SER B 778 9.58 -11.27 -21.32
C SER B 778 9.90 -12.04 -20.08
N TRP B 779 9.09 -11.96 -19.04
CA TRP B 779 9.40 -12.68 -17.81
C TRP B 779 8.23 -13.53 -17.40
N VAL B 780 8.50 -14.64 -16.73
CA VAL B 780 7.43 -15.53 -16.37
C VAL B 780 6.49 -14.82 -15.48
N GLY B 781 5.22 -15.08 -15.67
CA GLY B 781 4.19 -14.46 -14.88
C GLY B 781 3.97 -12.99 -15.07
N ASN B 782 4.13 -12.55 -16.30
CA ASN B 782 3.93 -11.18 -16.71
C ASN B 782 2.62 -11.11 -17.39
N SER B 783 1.68 -11.85 -16.89
CA SER B 783 0.39 -11.92 -17.49
C SER B 783 -0.64 -10.96 -17.00
N LYS B 784 -0.25 -10.05 -16.11
CA LYS B 784 -1.20 -9.15 -15.45
C LYS B 784 -1.45 -7.75 -15.95
N LEU B 785 -2.70 -7.50 -16.29
CA LEU B 785 -3.16 -6.23 -16.78
C LEU B 785 -4.08 -5.73 -15.71
N ILE B 786 -3.96 -4.46 -15.35
CA ILE B 786 -4.72 -3.79 -14.30
C ILE B 786 -6.00 -3.13 -14.78
N TYR B 787 -7.10 -3.25 -14.07
CA TYR B 787 -8.33 -2.59 -14.50
C TYR B 787 -8.61 -1.46 -13.59
N ALA B 788 -8.35 -0.26 -14.04
CA ALA B 788 -8.59 0.94 -13.29
C ALA B 788 -9.89 1.60 -13.67
N ALA B 789 -10.19 2.73 -13.06
CA ALA B 789 -11.42 3.45 -13.33
C ALA B 789 -11.02 4.85 -13.66
N LYS B 790 -11.71 5.50 -14.57
CA LYS B 790 -11.33 6.83 -14.89
C LYS B 790 -11.96 7.64 -13.81
N GLU B 791 -11.18 8.00 -12.81
CA GLU B 791 -11.69 8.73 -11.66
C GLU B 791 -12.16 10.16 -11.87
N ALA B 792 -11.85 10.72 -13.02
CA ALA B 792 -12.22 12.09 -13.32
C ALA B 792 -13.47 12.21 -14.14
N ARG B 793 -14.21 11.14 -14.25
CA ARG B 793 -15.39 11.14 -15.09
C ARG B 793 -16.69 11.04 -14.32
N LEU B 794 -17.72 11.72 -14.80
CA LEU B 794 -19.03 11.71 -14.21
C LEU B 794 -19.88 11.10 -15.25
N TRP B 795 -20.62 10.07 -14.91
CA TRP B 795 -21.38 9.33 -15.89
C TRP B 795 -22.88 9.31 -15.71
N LYS B 796 -23.59 9.67 -16.74
CA LYS B 796 -25.02 9.69 -16.67
C LYS B 796 -25.56 8.47 -17.32
N ILE B 797 -25.90 7.48 -16.53
CA ILE B 797 -26.41 6.27 -17.08
C ILE B 797 -27.68 6.65 -17.75
N PRO B 798 -27.90 6.16 -18.96
CA PRO B 798 -29.10 6.42 -19.72
C PRO B 798 -30.25 5.83 -18.97
N ASN B 799 -31.35 6.57 -18.92
CA ASN B 799 -32.52 6.22 -18.16
C ASN B 799 -33.06 4.94 -18.62
N ALA B 800 -32.95 4.68 -19.92
CA ALA B 800 -33.44 3.45 -20.51
C ALA B 800 -32.61 2.25 -20.05
N TYR B 801 -31.69 2.50 -19.12
CA TYR B 801 -30.83 1.44 -18.61
C TYR B 801 -31.51 0.67 -17.47
N TRP B 802 -32.60 1.24 -16.95
CA TRP B 802 -33.35 0.61 -15.87
C TRP B 802 -34.59 -0.09 -16.42
N LYS B 803 -34.44 -0.78 -17.54
CA LYS B 803 -35.54 -1.49 -18.16
C LYS B 803 -35.27 -2.99 -18.26
N SER B 804 -33.99 -3.34 -18.35
CA SER B 804 -33.59 -4.73 -18.45
C SER B 804 -33.74 -5.43 -17.11
N ASP B 805 -33.96 -6.75 -17.15
CA ASP B 805 -34.12 -7.53 -15.93
C ASP B 805 -32.83 -7.60 -15.12
N GLU B 806 -31.74 -7.11 -15.70
CA GLU B 806 -30.46 -7.11 -15.03
C GLU B 806 -30.11 -5.74 -14.52
N TRP B 807 -30.40 -4.72 -15.31
CA TRP B 807 -30.04 -3.40 -14.89
C TRP B 807 -30.74 -2.99 -13.63
N LYS B 808 -31.99 -3.43 -13.50
CA LYS B 808 -32.81 -3.15 -12.34
C LYS B 808 -32.09 -3.72 -11.15
N MSE B 809 -31.55 -4.91 -11.34
CA MSE B 809 -30.87 -5.65 -10.30
C MSE B 809 -29.75 -4.94 -9.66
O MSE B 809 -29.45 -5.11 -8.48
CB MSE B 809 -30.15 -6.75 -11.04
CG MSE B 809 -29.34 -7.67 -10.12
SE MSE B 809 -27.56 -6.95 -9.72
CE MSE B 809 -26.43 -8.47 -10.21
N ILE B 810 -29.15 -4.17 -10.50
CA ILE B 810 -27.99 -3.44 -10.22
C ILE B 810 -28.15 -2.35 -9.20
N LEU B 811 -29.33 -1.74 -9.17
CA LEU B 811 -29.54 -0.66 -8.20
C LEU B 811 -29.51 -1.16 -6.75
N ASP B 812 -30.18 -2.28 -6.52
CA ASP B 812 -30.42 -2.79 -5.20
C ASP B 812 -29.23 -3.01 -4.32
N SER B 813 -28.17 -3.41 -4.98
CA SER B 813 -26.90 -3.76 -4.36
C SER B 813 -26.09 -2.66 -3.75
N ASN B 814 -26.48 -1.42 -4.04
CA ASN B 814 -25.79 -0.27 -3.49
C ASN B 814 -24.27 -0.37 -3.61
N VAL B 815 -23.80 -0.66 -4.81
CA VAL B 815 -22.37 -0.80 -5.06
C VAL B 815 -21.85 0.31 -5.96
N LEU B 816 -22.63 1.37 -6.08
CA LEU B 816 -22.25 2.52 -6.91
C LEU B 816 -22.59 3.84 -6.24
N VAL B 817 -21.60 4.71 -6.11
CA VAL B 817 -21.80 6.01 -5.49
C VAL B 817 -22.47 6.99 -6.45
N PHE B 818 -23.14 7.99 -5.89
CA PHE B 818 -23.82 9.00 -6.72
C PHE B 818 -23.44 10.41 -6.28
N ASP B 819 -23.20 11.27 -7.26
CA ASP B 819 -22.84 12.65 -6.98
C ASP B 819 -24.10 13.41 -6.61
N LYS B 820 -23.85 14.67 -6.35
CA LYS B 820 -24.86 15.61 -5.99
C LYS B 820 -25.78 15.68 -7.18
N ALA B 821 -25.19 15.79 -8.36
CA ALA B 821 -25.94 15.89 -9.59
C ALA B 821 -26.58 14.58 -9.95
N GLY B 822 -26.19 13.52 -9.27
CA GLY B 822 -26.69 12.22 -9.63
C GLY B 822 -25.84 11.57 -10.71
N ASN B 823 -24.73 12.21 -10.99
CA ASN B 823 -23.82 11.68 -11.95
C ASN B 823 -23.02 10.70 -11.13
N VAL B 824 -22.86 9.46 -11.60
CA VAL B 824 -22.11 8.43 -10.91
C VAL B 824 -20.60 8.69 -10.87
N LEU B 825 -19.96 8.32 -9.77
CA LEU B 825 -18.54 8.51 -9.65
C LEU B 825 -17.91 7.15 -9.71
N PRO B 826 -17.15 6.93 -10.76
CA PRO B 826 -16.58 5.64 -11.07
C PRO B 826 -15.59 5.06 -10.11
N ALA B 827 -14.58 5.78 -9.64
CA ALA B 827 -13.61 5.12 -8.79
C ALA B 827 -14.24 4.57 -7.54
N PRO B 828 -15.05 5.39 -6.90
CA PRO B 828 -15.71 5.11 -5.64
C PRO B 828 -16.61 3.96 -5.82
N THR B 829 -17.25 3.94 -6.96
CA THR B 829 -18.14 2.86 -7.29
C THR B 829 -17.31 1.61 -7.40
N LEU B 830 -16.03 1.79 -7.68
CA LEU B 830 -15.14 0.67 -7.80
C LEU B 830 -15.00 -0.04 -6.49
N LYS B 831 -14.80 0.74 -5.42
CA LYS B 831 -14.66 0.19 -4.08
C LYS B 831 -15.83 -0.61 -3.51
N LYS B 832 -17.02 -0.40 -4.08
CA LYS B 832 -18.21 -1.13 -3.65
C LYS B 832 -18.34 -2.46 -4.43
N VAL B 833 -17.74 -2.47 -5.62
CA VAL B 833 -17.69 -3.66 -6.45
C VAL B 833 -16.60 -4.58 -5.87
N CYS B 834 -15.53 -3.96 -5.39
CA CYS B 834 -14.42 -4.69 -4.78
C CYS B 834 -14.79 -5.61 -3.62
N GLU B 835 -15.56 -5.09 -2.68
CA GLU B 835 -15.98 -5.86 -1.52
C GLU B 835 -17.47 -6.17 -1.58
N ARG B 836 -17.90 -6.73 -2.70
CA ARG B 836 -19.30 -7.08 -2.89
C ARG B 836 -19.54 -8.58 -2.69
N GLU B 837 -19.45 -9.02 -1.44
CA GLU B 837 -19.67 -10.42 -1.09
C GLU B 837 -18.77 -11.38 -1.85
N GLY B 838 -17.57 -10.93 -2.20
CA GLY B 838 -16.61 -11.75 -2.92
C GLY B 838 -16.87 -11.83 -4.41
N ASP B 839 -17.95 -12.52 -4.80
CA ASP B 839 -18.31 -12.67 -6.20
C ASP B 839 -18.39 -11.31 -6.90
N LEU B 840 -17.80 -11.24 -8.09
CA LEU B 840 -17.80 -10.01 -8.83
C LEU B 840 -18.58 -10.40 -10.01
N ARG B 841 -18.37 -11.61 -10.45
CA ARG B 841 -19.08 -12.00 -11.67
C ARG B 841 -20.49 -11.48 -11.97
N LEU B 842 -21.24 -11.09 -10.97
CA LEU B 842 -22.56 -10.58 -11.12
C LEU B 842 -22.52 -9.19 -11.70
N PHE B 843 -21.46 -8.46 -11.40
CA PHE B 843 -21.29 -7.09 -11.89
C PHE B 843 -20.44 -7.07 -13.15
N TYR B 844 -20.21 -8.23 -13.74
CA TYR B 844 -19.42 -8.34 -14.95
C TYR B 844 -20.01 -7.44 -16.04
N PRO B 845 -21.32 -7.57 -16.27
CA PRO B 845 -22.01 -6.75 -17.27
C PRO B 845 -21.89 -5.26 -16.92
N LEU B 846 -22.04 -4.94 -15.65
CA LEU B 846 -21.93 -3.56 -15.18
C LEU B 846 -20.55 -3.00 -15.45
N LEU B 847 -19.52 -3.72 -15.01
CA LEU B 847 -18.15 -3.30 -15.21
C LEU B 847 -17.74 -3.00 -16.62
N ARG B 848 -18.35 -3.73 -17.53
CA ARG B 848 -18.05 -3.61 -18.93
C ARG B 848 -18.47 -2.26 -19.36
N GLN B 849 -19.58 -1.79 -18.83
CA GLN B 849 -20.08 -0.51 -19.20
C GLN B 849 -19.59 0.64 -18.36
N LEU B 850 -18.94 0.34 -17.27
CA LEU B 850 -18.40 1.37 -16.41
C LEU B 850 -17.23 2.08 -17.02
N PRO B 851 -16.91 3.27 -16.55
CA PRO B 851 -15.71 3.83 -17.15
C PRO B 851 -14.52 3.30 -16.45
N HIS B 852 -13.73 2.54 -17.18
CA HIS B 852 -12.52 1.94 -16.69
C HIS B 852 -11.44 2.14 -17.73
N ASP B 853 -10.20 2.06 -17.29
CA ASP B 853 -9.02 2.21 -18.10
C ASP B 853 -8.24 0.92 -18.01
N TRP B 854 -7.78 0.34 -19.10
CA TRP B 854 -7.00 -0.85 -18.99
C TRP B 854 -5.60 -0.36 -18.98
N CYS B 855 -4.84 -0.73 -17.94
CA CYS B 855 -3.45 -0.28 -17.76
C CYS B 855 -2.48 -1.33 -17.31
N TYR B 856 -1.24 -0.93 -17.14
CA TYR B 856 -0.22 -1.85 -16.76
C TYR B 856 0.68 -1.30 -15.71
N ARG B 857 0.96 -2.08 -14.65
CA ARG B 857 1.84 -1.60 -13.58
C ARG B 857 3.25 -1.20 -14.01
N ASN B 858 3.82 -0.19 -13.34
CA ASN B 858 5.15 0.28 -13.62
C ASN B 858 6.08 -0.82 -13.20
N PRO B 859 6.94 -1.27 -14.10
CA PRO B 859 7.96 -2.31 -13.94
C PRO B 859 9.19 -2.00 -13.14
N PHE B 860 9.49 -0.78 -12.77
CA PHE B 860 10.70 -0.52 -12.03
C PHE B 860 10.53 0.12 -10.67
N VAL B 861 9.29 0.43 -10.36
CA VAL B 861 8.92 1.12 -9.17
C VAL B 861 7.83 0.36 -8.49
N LYS B 862 7.64 0.66 -7.23
CA LYS B 862 6.71 -0.04 -6.40
C LYS B 862 5.31 0.49 -6.31
N SER B 863 4.38 -0.29 -6.81
CA SER B 863 2.99 0.08 -6.70
C SER B 863 2.61 -0.61 -5.42
N VAL B 864 3.18 -0.18 -4.31
CA VAL B 864 2.94 -0.91 -3.10
C VAL B 864 1.47 -0.99 -2.77
N GLY B 865 0.78 0.15 -2.76
CA GLY B 865 -0.64 0.18 -2.48
C GLY B 865 -1.02 0.12 -1.01
N ARG B 866 -1.98 0.96 -0.63
CA ARG B 866 -2.48 1.02 0.73
C ARG B 866 -3.92 0.56 0.76
N GLU B 867 -4.75 1.23 -0.04
CA GLU B 867 -6.16 0.90 -0.15
C GLU B 867 -6.27 -0.06 -1.32
N LYS B 868 -7.36 -0.79 -1.45
CA LYS B 868 -7.42 -1.68 -2.59
C LYS B 868 -8.39 -0.97 -3.51
N ASN B 869 -7.65 -0.30 -4.39
CA ASN B 869 -7.96 0.56 -5.51
C ASN B 869 -8.72 -0.07 -6.62
N VAL B 870 -8.03 -0.93 -7.37
CA VAL B 870 -8.51 -1.63 -8.55
C VAL B 870 -8.38 -3.13 -8.53
N ILE B 871 -8.81 -3.77 -9.61
CA ILE B 871 -8.77 -5.21 -9.77
C ILE B 871 -7.74 -5.64 -10.81
N GLU B 872 -7.01 -6.72 -10.55
CA GLU B 872 -5.96 -7.22 -11.41
C GLU B 872 -6.44 -8.42 -12.18
N VAL B 873 -6.37 -8.41 -13.50
CA VAL B 873 -6.86 -9.58 -14.25
C VAL B 873 -5.74 -10.39 -14.88
N ASN B 874 -5.72 -11.69 -14.59
CA ASN B 874 -4.71 -12.61 -15.04
C ASN B 874 -5.08 -13.45 -16.22
N LYS B 875 -4.39 -14.55 -16.34
CA LYS B 875 -4.45 -15.46 -17.46
C LYS B 875 -5.75 -16.16 -17.86
N GLU B 876 -6.50 -16.67 -16.94
CA GLU B 876 -7.70 -17.32 -17.39
C GLU B 876 -8.91 -16.52 -17.04
N GLY B 877 -8.67 -15.25 -16.86
CA GLY B 877 -9.71 -14.34 -16.48
C GLY B 877 -9.82 -14.26 -14.99
N GLU B 878 -8.91 -14.88 -14.25
CA GLU B 878 -9.00 -14.81 -12.81
C GLU B 878 -8.89 -13.38 -12.47
N PRO B 879 -9.85 -12.84 -11.74
CA PRO B 879 -9.86 -11.47 -11.31
C PRO B 879 -9.57 -11.40 -9.86
N LYS B 880 -8.48 -10.71 -9.50
CA LYS B 880 -8.09 -10.58 -8.10
C LYS B 880 -8.00 -9.11 -7.69
N VAL B 881 -8.87 -8.70 -6.78
CA VAL B 881 -8.89 -7.33 -6.30
C VAL B 881 -7.58 -6.95 -5.63
N ALA B 882 -6.85 -6.02 -6.24
CA ALA B 882 -5.57 -5.57 -5.70
C ALA B 882 -5.58 -4.07 -5.47
N SER B 883 -4.43 -3.54 -5.06
CA SER B 883 -4.30 -2.10 -4.79
C SER B 883 -3.29 -1.47 -5.73
N ALA B 884 -3.77 -0.57 -6.59
CA ALA B 884 -2.89 0.12 -7.55
C ALA B 884 -2.62 1.55 -7.10
N LEU B 885 -1.36 1.82 -6.76
CA LEU B 885 -0.96 3.14 -6.31
C LEU B 885 -1.22 4.20 -7.37
N PRO B 886 -1.64 5.40 -6.94
CA PRO B 886 -1.92 6.52 -7.85
C PRO B 886 -0.67 7.03 -8.55
N GLY B 887 -0.70 7.09 -9.87
CA GLY B 887 0.43 7.55 -10.64
C GLY B 887 1.47 6.47 -10.83
N SER B 888 1.06 5.23 -10.61
CA SER B 888 1.96 4.09 -10.77
C SER B 888 1.63 3.28 -12.01
N LEU B 889 0.36 3.31 -12.42
CA LEU B 889 -0.07 2.59 -13.57
C LEU B 889 0.33 3.31 -14.83
N PHE B 890 0.41 2.59 -15.94
CA PHE B 890 0.69 3.11 -17.27
C PHE B 890 -0.56 2.74 -18.01
N ARG B 891 -1.11 3.66 -18.75
CA ARG B 891 -2.32 3.36 -19.46
C ARG B 891 -1.96 2.90 -20.82
N LEU B 892 -2.73 1.96 -21.31
CA LEU B 892 -2.51 1.35 -22.59
C LEU B 892 -3.25 2.10 -23.63
N ILE B 893 -2.54 2.51 -24.66
CA ILE B 893 -3.12 3.26 -25.73
C ILE B 893 -3.54 2.43 -26.91
N GLY B 894 -4.83 2.27 -27.09
CA GLY B 894 -5.35 1.54 -28.21
C GLY B 894 -6.80 1.87 -28.43
N PRO B 895 -7.31 1.61 -29.59
CA PRO B 895 -8.67 1.80 -30.05
C PRO B 895 -9.63 0.78 -29.53
N ALA B 896 -10.89 1.03 -29.77
CA ALA B 896 -11.92 0.24 -29.20
C ALA B 896 -11.90 -1.21 -29.50
N PRO B 897 -11.61 -1.54 -30.73
CA PRO B 897 -11.64 -2.93 -31.05
C PRO B 897 -10.67 -3.64 -30.23
N PHE B 898 -9.54 -3.03 -30.05
CA PHE B 898 -8.50 -3.62 -29.26
C PHE B 898 -8.79 -3.71 -27.80
N LYS B 899 -9.31 -2.63 -27.26
CA LYS B 899 -9.61 -2.56 -25.86
C LYS B 899 -10.62 -3.57 -25.54
N SER B 900 -11.66 -3.62 -26.33
CA SER B 900 -12.76 -4.51 -26.05
C SER B 900 -12.34 -5.91 -25.98
N LEU B 901 -11.28 -6.21 -26.68
CA LEU B 901 -10.70 -7.54 -26.68
C LEU B 901 -10.18 -7.79 -25.30
N LEU B 902 -9.68 -6.75 -24.71
CA LEU B 902 -9.16 -6.77 -23.37
C LEU B 902 -10.24 -7.02 -22.36
N ASP B 903 -11.40 -6.46 -22.56
CA ASP B 903 -12.47 -6.69 -21.63
C ASP B 903 -12.78 -8.14 -21.70
N ASP B 904 -12.90 -8.63 -22.91
CA ASP B 904 -13.30 -9.98 -23.19
C ASP B 904 -12.44 -10.94 -22.49
N CYS B 905 -11.18 -10.58 -22.31
CA CYS B 905 -10.25 -11.41 -21.59
C CYS B 905 -10.68 -11.54 -20.19
N PHE B 906 -11.15 -10.43 -19.63
CA PHE B 906 -11.66 -10.34 -18.27
C PHE B 906 -13.01 -10.94 -18.01
N PHE B 907 -13.98 -10.40 -18.69
CA PHE B 907 -15.35 -10.84 -18.61
C PHE B 907 -15.68 -12.17 -19.19
N ASN B 908 -15.11 -12.51 -20.33
CA ASN B 908 -15.46 -13.75 -20.99
C ASN B 908 -14.28 -14.59 -21.37
N PRO B 909 -13.62 -15.16 -20.38
CA PRO B 909 -12.43 -15.97 -20.47
C PRO B 909 -12.60 -17.27 -21.19
N LEU B 910 -13.79 -17.80 -21.30
CA LEU B 910 -13.89 -19.03 -22.03
C LEU B 910 -13.54 -18.77 -23.47
N ASP B 911 -14.05 -17.66 -23.98
CA ASP B 911 -13.81 -17.21 -25.36
C ASP B 911 -12.46 -16.68 -25.78
N LYS B 912 -11.84 -15.84 -24.97
CA LYS B 912 -10.50 -15.32 -25.22
C LYS B 912 -9.86 -15.05 -23.90
N ASP B 913 -8.54 -15.21 -23.78
CA ASP B 913 -7.88 -14.94 -22.52
C ASP B 913 -6.43 -14.50 -22.65
N LEU B 914 -5.97 -13.70 -21.73
CA LEU B 914 -4.64 -13.14 -21.74
C LEU B 914 -3.53 -14.08 -21.54
N ARG B 915 -2.41 -13.86 -22.20
CA ARG B 915 -1.22 -14.69 -22.08
C ARG B 915 -0.05 -13.87 -21.65
N GLU B 916 1.09 -14.47 -21.42
CA GLU B 916 2.20 -13.70 -20.99
C GLU B 916 2.54 -12.70 -22.01
N CYS B 917 2.67 -11.46 -21.57
CA CYS B 917 2.99 -10.32 -22.38
C CYS B 917 4.45 -10.01 -22.36
N MSE B 918 4.87 -9.14 -23.25
CA MSE B 918 6.25 -8.76 -23.35
C MSE B 918 6.38 -7.32 -23.30
O MSE B 918 5.56 -6.63 -23.82
CB MSE B 918 6.64 -9.03 -24.75
CG MSE B 918 8.07 -9.42 -24.75
SE MSE B 918 8.59 -9.43 -26.58
CE MSE B 918 9.13 -11.27 -26.68
N LEU B 919 7.46 -6.84 -22.74
CA LEU B 919 7.69 -5.43 -22.63
C LEU B 919 8.67 -5.06 -23.67
N ILE B 920 8.35 -4.07 -24.48
CA ILE B 920 9.23 -3.63 -25.52
C ILE B 920 9.53 -2.19 -25.27
N VAL B 921 10.79 -1.82 -25.31
CA VAL B 921 11.17 -0.44 -25.12
C VAL B 921 11.98 -0.05 -26.33
N ASP B 922 11.46 0.83 -27.17
CA ASP B 922 12.21 1.25 -28.32
C ASP B 922 12.69 2.64 -28.05
N GLN B 923 13.97 2.88 -28.10
CA GLN B 923 14.43 4.21 -27.83
C GLN B 923 14.79 4.75 -29.15
N GLU B 924 14.20 5.88 -29.52
CA GLU B 924 14.43 6.47 -30.82
C GLU B 924 15.55 7.43 -30.75
N ILE B 925 16.55 7.25 -31.57
CA ILE B 925 17.68 8.13 -31.61
C ILE B 925 17.73 8.80 -32.94
N SER B 926 18.43 9.92 -33.05
CA SER B 926 18.52 10.62 -34.29
C SER B 926 19.94 10.99 -34.56
N GLN B 927 20.40 10.92 -35.80
CA GLN B 927 21.77 11.28 -36.06
C GLN B 927 21.78 12.59 -36.81
N LYS B 928 22.67 13.46 -36.40
CA LYS B 928 22.80 14.76 -37.00
C LYS B 928 24.26 15.00 -37.20
N VAL B 929 24.64 15.80 -38.17
CA VAL B 929 26.05 16.05 -38.40
C VAL B 929 26.68 17.18 -37.60
N GLU B 930 27.68 16.87 -36.81
CA GLU B 930 28.31 17.91 -36.02
C GLU B 930 29.78 17.66 -36.00
N ALA B 931 30.56 18.72 -35.95
CA ALA B 931 32.01 18.63 -35.88
C ALA B 931 32.51 17.91 -37.08
N GLN B 932 31.70 17.89 -38.11
CA GLN B 932 32.00 17.16 -39.30
C GLN B 932 32.08 15.68 -39.08
N LYS B 933 31.23 15.26 -38.16
CA LYS B 933 31.02 13.88 -37.78
C LYS B 933 29.51 13.69 -37.64
N VAL B 934 29.06 12.44 -37.58
CA VAL B 934 27.65 12.17 -37.40
C VAL B 934 27.56 11.69 -35.99
N GLU B 935 26.78 12.40 -35.20
CA GLU B 935 26.63 12.11 -33.81
C GLU B 935 25.25 11.72 -33.54
N ALA B 936 25.07 10.86 -32.56
CA ALA B 936 23.78 10.33 -32.22
C ALA B 936 23.29 10.88 -30.92
N SER B 937 22.01 11.21 -30.87
CA SER B 937 21.40 11.76 -29.66
C SER B 937 20.02 11.16 -29.42
N LEU B 938 19.70 10.91 -28.16
CA LEU B 938 18.41 10.34 -27.79
C LEU B 938 17.26 11.26 -28.20
N GLU B 939 16.20 10.66 -28.74
CA GLU B 939 15.03 11.42 -29.17
C GLU B 939 13.83 11.16 -28.26
N SER B 940 13.02 10.18 -28.64
CA SER B 940 11.84 9.82 -27.86
C SER B 940 11.87 8.35 -27.44
N CYS B 941 11.39 8.08 -26.24
CA CYS B 941 11.36 6.71 -25.72
C CYS B 941 9.92 6.24 -25.48
N THR B 942 9.51 5.22 -26.23
CA THR B 942 8.17 4.68 -26.12
C THR B 942 8.19 3.27 -25.53
N TYR B 943 7.40 3.07 -24.46
CA TYR B 943 7.34 1.79 -23.81
C TYR B 943 6.09 1.15 -24.32
N SER B 944 6.18 -0.07 -24.83
CA SER B 944 5.04 -0.75 -25.37
C SER B 944 4.92 -2.13 -24.79
N ILE B 945 3.71 -2.64 -24.72
CA ILE B 945 3.45 -3.95 -24.16
C ILE B 945 2.78 -4.78 -25.22
N ALA B 946 3.26 -5.98 -25.49
CA ALA B 946 2.63 -6.82 -26.46
C ALA B 946 1.93 -7.90 -25.76
N VAL B 947 0.63 -7.99 -25.92
CA VAL B 947 -0.12 -9.03 -25.26
C VAL B 947 -0.78 -9.95 -26.24
N PRO B 948 -0.49 -11.23 -26.15
CA PRO B 948 -1.07 -12.28 -26.95
C PRO B 948 -2.43 -12.60 -26.46
N ILE B 949 -3.45 -12.77 -27.26
CA ILE B 949 -4.77 -13.09 -26.76
C ILE B 949 -5.04 -14.44 -27.29
N ARG B 950 -5.33 -15.43 -26.49
CA ARG B 950 -5.58 -16.75 -27.00
C ARG B 950 -7.00 -16.90 -27.28
N TYR B 951 -7.31 -17.26 -28.48
CA TYR B 951 -8.67 -17.30 -28.83
C TYR B 951 -9.16 -18.67 -28.76
N HIS B 952 -9.89 -19.00 -27.73
CA HIS B 952 -10.47 -20.30 -27.67
C HIS B 952 -11.52 -20.25 -28.71
N LEU B 953 -11.29 -20.77 -29.89
CA LEU B 953 -12.27 -20.73 -30.94
C LEU B 953 -12.60 -22.14 -30.86
N GLU B 954 -13.48 -22.46 -29.95
CA GLU B 954 -13.84 -23.79 -29.75
C GLU B 954 -15.07 -23.28 -29.17
N GLU B 955 -15.95 -22.92 -30.07
CA GLU B 955 -17.30 -22.49 -29.93
C GLU B 955 -18.06 -22.77 -31.18
N PRO B 956 -19.23 -23.34 -31.08
CA PRO B 956 -19.90 -23.71 -32.31
C PRO B 956 -21.19 -22.97 -32.43
N LYS B 957 -21.84 -23.15 -33.57
CA LYS B 957 -23.12 -22.50 -33.85
C LYS B 957 -23.94 -23.42 -34.73
N VAL B 958 -24.99 -22.89 -35.34
CA VAL B 958 -25.79 -23.71 -36.23
C VAL B 958 -24.87 -24.12 -37.36
N SER B 959 -24.64 -25.41 -37.50
CA SER B 959 -23.75 -25.88 -38.54
C SER B 959 -24.23 -25.66 -39.96
N ASN B 960 -23.29 -25.70 -40.89
CA ASN B 960 -23.57 -25.49 -42.30
C ASN B 960 -22.33 -25.86 -43.07
N GLN B 961 -22.47 -26.18 -44.35
CA GLN B 961 -21.33 -26.51 -45.14
C GLN B 961 -21.34 -25.73 -46.40
N PHE B 962 -20.21 -25.66 -47.05
CA PHE B 962 -20.14 -24.94 -48.28
C PHE B 962 -20.92 -25.69 -49.29
N GLU B 963 -21.68 -24.99 -50.10
CA GLU B 963 -22.46 -25.63 -51.12
C GLU B 963 -21.95 -25.25 -52.49
N ASN B 964 -21.67 -23.96 -52.65
CA ASN B 964 -21.17 -23.40 -53.89
C ASN B 964 -19.67 -23.33 -54.03
N VAL B 965 -19.16 -23.20 -55.25
CA VAL B 965 -17.73 -23.15 -55.53
C VAL B 965 -17.32 -21.78 -55.99
N LEU B 966 -16.32 -21.19 -55.36
CA LEU B 966 -15.88 -19.85 -55.75
C LEU B 966 -14.61 -19.93 -56.55
N ALA B 967 -14.71 -19.58 -57.82
CA ALA B 967 -13.60 -19.61 -58.71
C ALA B 967 -13.00 -18.26 -58.71
N ILE B 968 -11.69 -18.18 -58.62
CA ILE B 968 -11.03 -16.89 -58.56
C ILE B 968 -9.95 -16.67 -59.56
N ALA B 969 -10.05 -15.56 -60.27
CA ALA B 969 -9.08 -15.22 -61.27
C ALA B 969 -8.61 -13.83 -60.99
N GLN B 970 -7.32 -13.60 -61.16
CA GLN B 970 -6.73 -12.33 -60.82
C GLN B 970 -6.38 -11.38 -61.91
N GLY B 971 -7.18 -10.34 -61.99
CA GLY B 971 -7.01 -9.29 -62.94
C GLY B 971 -5.94 -8.34 -62.50
N GLU B 972 -5.36 -7.66 -63.47
CA GLU B 972 -4.28 -6.73 -63.25
C GLU B 972 -4.74 -5.49 -62.55
N ALA B 973 -6.06 -5.34 -62.40
CA ALA B 973 -6.61 -4.21 -61.68
C ALA B 973 -7.75 -4.61 -60.79
N GLY B 974 -7.64 -5.76 -60.16
CA GLY B 974 -8.69 -6.25 -59.30
C GLY B 974 -8.68 -7.73 -59.41
N LEU B 975 -9.85 -8.35 -59.29
CA LEU B 975 -9.96 -9.80 -59.38
C LEU B 975 -11.38 -10.23 -59.77
N ALA B 976 -11.47 -11.32 -60.52
CA ALA B 976 -12.76 -11.83 -60.98
C ALA B 976 -13.17 -13.06 -60.17
N TYR B 977 -14.44 -13.42 -60.25
CA TYR B 977 -14.96 -14.58 -59.52
C TYR B 977 -16.15 -15.20 -60.23
N ALA B 978 -16.26 -16.52 -60.17
CA ALA B 978 -17.35 -17.23 -60.81
C ALA B 978 -17.96 -18.25 -59.85
N VAL B 979 -19.18 -17.98 -59.39
CA VAL B 979 -19.87 -18.88 -58.47
C VAL B 979 -20.56 -20.02 -59.20
N PHE B 980 -20.37 -21.23 -58.70
CA PHE B 980 -20.96 -22.42 -59.30
C PHE B 980 -21.70 -23.24 -58.25
N SER B 981 -22.77 -23.93 -58.67
CA SER B 981 -23.55 -24.75 -57.77
C SER B 981 -22.93 -26.13 -57.58
N LEU B 982 -23.07 -26.67 -56.38
CA LEU B 982 -22.53 -27.99 -56.07
C LEU B 982 -23.47 -29.10 -56.50
N LYS B 983 -24.72 -28.72 -56.75
CA LYS B 983 -25.74 -29.69 -57.18
C LYS B 983 -25.87 -29.70 -58.70
N SER B 984 -25.00 -28.96 -59.37
CA SER B 984 -25.02 -28.89 -60.83
C SER B 984 -23.69 -29.36 -61.42
N ILE B 985 -23.36 -30.62 -61.19
CA ILE B 985 -22.12 -31.20 -61.69
C ILE B 985 -22.31 -32.11 -63.00
N GLY B 986 -23.50 -31.86 -63.55
CA GLY B 986 -23.93 -32.51 -64.77
C GLY B 986 -23.02 -31.86 -65.80
N GLU B 987 -22.69 -32.60 -66.84
CA GLU B 987 -21.83 -32.10 -67.90
C GLU B 987 -22.49 -30.96 -68.65
N ALA B 988 -23.80 -31.06 -68.85
CA ALA B 988 -24.56 -30.04 -69.55
C ALA B 988 -25.21 -29.07 -68.58
N GLU B 989 -24.87 -29.20 -67.31
CA GLU B 989 -25.42 -28.34 -66.26
C GLU B 989 -24.35 -27.39 -65.72
N THR B 990 -23.31 -27.16 -66.50
CA THR B 990 -22.22 -26.28 -66.10
C THR B 990 -22.55 -24.82 -66.32
N LYS B 991 -23.22 -24.22 -65.33
CA LYS B 991 -23.61 -22.82 -65.40
C LYS B 991 -23.39 -22.14 -64.07
N PRO B 992 -22.58 -21.06 -64.06
CA PRO B 992 -22.28 -20.33 -62.84
C PRO B 992 -23.45 -19.56 -62.36
N ILE B 993 -23.64 -19.54 -61.05
CA ILE B 993 -24.71 -18.82 -60.45
C ILE B 993 -24.58 -17.34 -60.65
N ALA B 994 -23.34 -16.86 -60.55
CA ALA B 994 -23.06 -15.45 -60.76
C ALA B 994 -21.61 -15.27 -61.16
N VAL B 995 -21.31 -14.10 -61.70
CA VAL B 995 -19.99 -13.74 -62.15
C VAL B 995 -19.80 -12.24 -61.91
N GLY B 996 -18.56 -11.79 -61.72
CA GLY B 996 -18.28 -10.38 -61.46
C GLY B 996 -16.82 -10.04 -61.30
N THR B 997 -16.51 -8.78 -60.97
CA THR B 997 -15.14 -8.35 -60.75
C THR B 997 -15.16 -7.28 -59.67
N ILE B 998 -14.09 -7.17 -58.89
CA ILE B 998 -14.00 -6.12 -57.88
C ILE B 998 -12.98 -5.08 -58.28
N ARG B 999 -12.80 -4.04 -57.46
CA ARG B 999 -11.85 -2.97 -57.76
C ARG B 999 -10.37 -3.24 -57.50
N ILE B 1000 -10.05 -3.55 -56.25
CA ILE B 1000 -8.68 -3.84 -55.84
C ILE B 1000 -7.69 -2.77 -56.30
N PRO B 1001 -7.82 -1.56 -55.75
CA PRO B 1001 -6.96 -0.42 -56.08
C PRO B 1001 -5.48 -0.69 -55.79
N SER B 1002 -5.21 -1.41 -54.70
CA SER B 1002 -3.84 -1.73 -54.31
C SER B 1002 -3.04 -2.39 -55.43
N ILE B 1003 -3.66 -3.36 -56.11
CA ILE B 1003 -3.01 -4.07 -57.21
C ILE B 1003 -2.36 -3.17 -58.26
N ARG B 1004 -3.14 -2.22 -58.79
CA ARG B 1004 -2.62 -1.29 -59.79
C ARG B 1004 -1.59 -0.33 -59.20
N ARG B 1005 -1.80 0.02 -57.93
CA ARG B 1005 -0.88 0.91 -57.22
C ARG B 1005 0.43 0.16 -57.11
N LEU B 1006 0.35 -1.13 -56.81
CA LEU B 1006 1.54 -1.97 -56.67
C LEU B 1006 2.28 -2.06 -58.00
N ILE B 1007 1.53 -2.33 -59.06
CA ILE B 1007 2.12 -2.43 -60.40
C ILE B 1007 2.86 -1.15 -60.76
N HIS B 1008 2.16 -0.02 -60.61
CA HIS B 1008 2.75 1.28 -60.93
C HIS B 1008 3.88 1.68 -59.98
N SER B 1009 3.65 1.56 -58.69
CA SER B 1009 4.61 2.01 -57.70
C SER B 1009 6.06 1.53 -57.67
N VAL B 1010 6.33 0.36 -57.13
CA VAL B 1010 7.71 -0.09 -56.93
C VAL B 1010 8.64 0.01 -58.13
N SER B 1011 8.12 -0.38 -59.27
CA SER B 1011 8.84 -0.35 -60.53
C SER B 1011 9.43 1.03 -60.71
N THR B 1012 8.55 2.02 -60.71
CA THR B 1012 8.92 3.43 -60.87
C THR B 1012 9.67 4.03 -59.69
N TYR B 1013 10.97 4.21 -59.91
CA TYR B 1013 11.89 4.75 -58.91
C TYR B 1013 11.56 6.11 -58.32
N ARG B 1014 11.22 6.13 -57.04
CA ARG B 1014 10.89 7.37 -56.36
C ARG B 1014 11.71 7.56 -55.09
N LYS B 1015 11.09 8.27 -54.16
CA LYS B 1015 11.66 8.56 -52.86
C LYS B 1015 11.26 7.48 -51.88
N LYS B 1016 10.03 6.98 -52.00
CA LYS B 1016 9.49 5.92 -51.14
C LYS B 1016 9.67 6.21 -49.65
N LYS B 1017 9.09 7.31 -49.19
CA LYS B 1017 9.20 7.76 -47.81
C LYS B 1017 9.01 6.68 -46.75
N GLN B 1018 10.12 6.21 -46.19
CA GLN B 1018 10.14 5.18 -45.16
C GLN B 1018 9.85 5.69 -43.75
N ARG B 1019 9.86 4.78 -42.79
CA ARG B 1019 9.54 5.13 -41.43
C ARG B 1019 10.70 4.92 -40.51
N LEU B 1020 10.41 4.68 -39.25
CA LEU B 1020 11.44 4.49 -38.28
C LEU B 1020 11.87 3.08 -38.35
N GLN B 1021 13.14 2.91 -38.56
CA GLN B 1021 13.74 1.62 -38.72
C GLN B 1021 14.49 1.24 -37.51
N ASN B 1022 14.74 -0.03 -37.33
CA ASN B 1022 15.59 -0.45 -36.27
C ASN B 1022 16.98 -0.12 -36.68
N PHE B 1023 17.84 0.11 -35.72
CA PHE B 1023 19.18 0.40 -36.05
C PHE B 1023 19.82 -0.79 -36.68
N LYS B 1024 19.43 -1.97 -36.26
CA LYS B 1024 20.01 -3.19 -36.78
C LYS B 1024 19.74 -3.41 -38.25
N GLN B 1025 18.59 -2.96 -38.69
CA GLN B 1025 18.19 -3.11 -40.06
C GLN B 1025 19.06 -2.29 -40.92
N ASN B 1026 19.55 -2.89 -41.99
CA ASN B 1026 20.39 -2.21 -42.95
C ASN B 1026 19.75 -2.19 -44.31
N TYR B 1027 18.47 -2.46 -44.40
CA TYR B 1027 17.83 -2.47 -45.68
C TYR B 1027 16.43 -1.95 -45.55
N ASP B 1028 15.87 -1.46 -46.64
CA ASP B 1028 14.55 -0.90 -46.65
C ASP B 1028 13.50 -1.95 -46.77
N SER B 1029 12.52 -1.89 -45.90
CA SER B 1029 11.44 -2.85 -45.87
C SER B 1029 10.19 -2.23 -46.38
N THR B 1030 10.32 -1.11 -47.03
CA THR B 1030 9.17 -0.38 -47.50
C THR B 1030 8.38 -1.23 -48.46
N ALA B 1031 9.08 -1.97 -49.27
CA ALA B 1031 8.48 -2.86 -50.23
C ALA B 1031 7.77 -4.02 -49.64
N PHE B 1032 8.33 -4.62 -48.61
CA PHE B 1032 7.74 -5.80 -48.04
C PHE B 1032 6.42 -5.51 -47.49
N ILE B 1033 6.32 -4.40 -46.83
CA ILE B 1033 5.08 -4.11 -46.21
C ILE B 1033 3.95 -4.01 -47.16
N MSE B 1034 4.12 -3.29 -48.25
CA MSE B 1034 3.06 -3.07 -49.17
C MSE B 1034 2.56 -4.32 -49.73
O MSE B 1034 1.38 -4.38 -50.01
CB MSE B 1034 3.45 -2.18 -50.29
CG MSE B 1034 2.82 -0.86 -50.01
SE MSE B 1034 2.21 -0.24 -51.74
CE MSE B 1034 3.92 0.22 -52.55
N ARG B 1035 3.40 -5.29 -50.02
CA ARG B 1035 2.94 -6.54 -50.56
C ARG B 1035 2.06 -7.18 -49.54
N GLU B 1036 2.40 -6.97 -48.28
CA GLU B 1036 1.64 -7.51 -47.20
C GLU B 1036 0.30 -6.90 -47.16
N ASN B 1037 0.24 -5.61 -47.35
CA ASN B 1037 -1.03 -4.94 -47.32
C ASN B 1037 -1.87 -5.33 -48.44
N VAL B 1038 -1.32 -5.29 -49.62
CA VAL B 1038 -2.06 -5.59 -50.82
C VAL B 1038 -2.51 -6.99 -50.70
N THR B 1039 -1.67 -7.85 -50.18
CA THR B 1039 -2.02 -9.23 -50.05
C THR B 1039 -3.28 -9.35 -49.25
N GLY B 1040 -3.37 -8.61 -48.17
CA GLY B 1040 -4.52 -8.69 -47.34
C GLY B 1040 -5.80 -8.31 -47.96
N ASP B 1041 -5.80 -7.21 -48.69
CA ASP B 1041 -7.02 -6.74 -49.34
C ASP B 1041 -7.46 -7.76 -50.31
N VAL B 1042 -6.54 -8.39 -50.99
CA VAL B 1042 -6.94 -9.36 -51.94
C VAL B 1042 -7.65 -10.49 -51.26
N CYS B 1043 -7.12 -10.99 -50.18
CA CYS B 1043 -7.75 -12.06 -49.50
C CYS B 1043 -9.07 -11.69 -48.95
N ALA B 1044 -9.24 -10.45 -48.59
CA ALA B 1044 -10.46 -10.03 -47.94
C ALA B 1044 -11.66 -10.23 -48.76
N LYS B 1045 -11.53 -9.90 -50.03
CA LYS B 1045 -12.58 -10.01 -51.01
C LYS B 1045 -12.96 -11.42 -51.21
N ILE B 1046 -11.95 -12.23 -51.38
CA ILE B 1046 -12.16 -13.61 -51.60
C ILE B 1046 -12.91 -14.10 -50.42
N VAL B 1047 -12.51 -13.62 -49.24
CA VAL B 1047 -13.16 -14.03 -47.99
C VAL B 1047 -14.59 -13.52 -47.91
N GLY B 1048 -14.84 -12.37 -48.54
CA GLY B 1048 -16.17 -11.78 -48.55
C GLY B 1048 -17.14 -12.52 -49.43
N LEU B 1049 -16.70 -12.87 -50.63
CA LEU B 1049 -17.53 -13.59 -51.59
C LEU B 1049 -17.95 -14.95 -51.05
N MSE B 1050 -17.03 -15.63 -50.38
CA MSE B 1050 -17.30 -16.94 -49.80
C MSE B 1050 -18.49 -16.86 -48.89
O MSE B 1050 -19.43 -17.68 -49.01
CB MSE B 1050 -16.09 -17.42 -49.03
CG MSE B 1050 -14.88 -17.57 -49.94
SE MSE B 1050 -13.26 -17.83 -48.84
CE MSE B 1050 -13.71 -19.58 -48.09
N LYS B 1051 -18.47 -15.90 -47.98
CA LYS B 1051 -19.57 -15.73 -47.02
C LYS B 1051 -20.90 -15.53 -47.74
N GLU B 1052 -20.96 -14.50 -48.58
CA GLU B 1052 -22.18 -14.19 -49.32
C GLU B 1052 -22.65 -15.38 -50.16
N PHE B 1053 -21.71 -16.00 -50.86
CA PHE B 1053 -22.03 -17.15 -51.70
C PHE B 1053 -21.88 -18.46 -50.95
N ASN B 1054 -21.57 -18.39 -49.67
CA ASN B 1054 -21.34 -19.59 -48.89
C ASN B 1054 -20.62 -20.66 -49.65
N ALA B 1055 -19.41 -20.35 -50.08
CA ALA B 1055 -18.58 -21.29 -50.83
C ALA B 1055 -17.09 -21.15 -50.60
N PHE B 1056 -16.37 -22.17 -51.04
CA PHE B 1056 -14.94 -22.26 -50.94
C PHE B 1056 -14.36 -21.94 -52.27
N PRO B 1057 -13.16 -21.37 -52.29
CA PRO B 1057 -12.43 -20.87 -53.44
C PRO B 1057 -11.60 -21.85 -54.24
N VAL B 1058 -11.25 -21.44 -55.44
CA VAL B 1058 -10.43 -22.24 -56.32
C VAL B 1058 -9.45 -21.30 -56.98
N LEU B 1059 -8.18 -21.44 -56.66
CA LEU B 1059 -7.21 -20.52 -57.18
C LEU B 1059 -6.18 -21.22 -58.01
N GLU B 1060 -5.76 -20.55 -59.04
CA GLU B 1060 -4.80 -21.12 -59.95
C GLU B 1060 -3.40 -20.99 -59.50
N TYR B 1061 -2.66 -22.08 -59.56
CA TYR B 1061 -1.26 -22.07 -59.22
C TYR B 1061 -0.56 -21.14 -60.17
N ASP B 1062 0.31 -20.28 -59.67
CA ASP B 1062 1.03 -19.32 -60.50
C ASP B 1062 1.74 -19.91 -61.71
N SER B 1070 4.74 -7.45 -64.07
CA SER B 1070 4.13 -7.48 -62.75
C SER B 1070 4.78 -8.51 -61.82
N ARG B 1071 5.93 -8.17 -61.25
CA ARG B 1071 6.63 -9.06 -60.35
C ARG B 1071 6.09 -9.00 -58.92
N GLN B 1072 5.97 -7.78 -58.38
CA GLN B 1072 5.48 -7.56 -57.02
C GLN B 1072 4.08 -8.17 -57.10
N LEU B 1073 3.45 -7.98 -58.25
CA LEU B 1073 2.12 -8.54 -58.49
C LEU B 1073 2.27 -10.05 -58.26
N SER B 1074 3.24 -10.64 -58.95
CA SER B 1074 3.53 -12.06 -58.80
C SER B 1074 3.75 -12.52 -57.36
N ALA B 1075 4.61 -11.82 -56.64
CA ALA B 1075 4.90 -12.14 -55.26
C ALA B 1075 3.63 -12.21 -54.41
N VAL B 1076 2.83 -11.15 -54.47
CA VAL B 1076 1.59 -11.08 -53.72
C VAL B 1076 0.67 -12.21 -54.03
N TYR B 1077 0.54 -12.54 -55.29
CA TYR B 1077 -0.36 -13.57 -55.66
C TYR B 1077 0.09 -14.82 -55.06
N LYS B 1078 1.39 -15.01 -54.97
CA LYS B 1078 1.88 -16.24 -54.40
C LYS B 1078 1.47 -16.37 -53.00
N ALA B 1079 1.62 -15.27 -52.26
CA ALA B 1079 1.30 -15.18 -50.84
C ALA B 1079 -0.13 -15.41 -50.55
N VAL B 1080 -0.98 -14.83 -51.37
CA VAL B 1080 -2.40 -14.91 -51.25
C VAL B 1080 -2.86 -16.32 -51.33
N ASN B 1081 -2.14 -17.14 -52.07
CA ASN B 1081 -2.46 -18.53 -52.20
C ASN B 1081 -2.15 -19.25 -50.93
N SER B 1082 -1.22 -18.71 -50.19
CA SER B 1082 -0.75 -19.31 -48.96
C SER B 1082 -1.80 -19.38 -47.93
N HIS B 1083 -2.62 -18.36 -47.91
CA HIS B 1083 -3.68 -18.18 -46.98
C HIS B 1083 -4.78 -19.17 -47.19
N PHE B 1084 -5.10 -19.47 -48.43
CA PHE B 1084 -6.13 -20.42 -48.79
C PHE B 1084 -5.70 -21.85 -49.05
N LEU B 1085 -4.73 -22.03 -49.91
CA LEU B 1085 -4.22 -23.35 -50.23
C LEU B 1085 -3.42 -24.07 -49.19
N TYR B 1086 -3.21 -25.37 -49.36
CA TYR B 1086 -2.48 -26.09 -48.36
C TYR B 1086 -1.09 -26.35 -48.78
N PHE B 1087 -0.15 -25.99 -47.94
CA PHE B 1087 1.24 -26.22 -48.18
C PHE B 1087 1.87 -26.71 -46.92
N LYS B 1088 2.87 -27.56 -47.07
CA LYS B 1088 3.58 -28.11 -45.95
C LYS B 1088 4.43 -27.13 -45.23
N GLU B 1089 4.98 -26.20 -45.99
CA GLU B 1089 5.91 -25.26 -45.45
C GLU B 1089 5.34 -24.45 -44.36
N PRO B 1090 6.09 -24.32 -43.28
CA PRO B 1090 5.67 -23.62 -42.09
C PRO B 1090 5.38 -22.22 -42.46
N GLY B 1091 6.14 -21.66 -43.36
CA GLY B 1091 5.91 -20.29 -43.74
C GLY B 1091 4.62 -20.02 -44.44
N ARG B 1092 4.32 -20.83 -45.43
CA ARG B 1092 3.11 -20.71 -46.18
C ARG B 1092 1.97 -21.08 -45.32
N ASP B 1093 2.18 -22.07 -44.47
CA ASP B 1093 1.18 -22.59 -43.57
C ASP B 1093 0.75 -21.66 -42.49
N ALA B 1094 1.71 -20.97 -41.95
CA ALA B 1094 1.50 -20.08 -40.85
C ALA B 1094 0.59 -19.00 -41.25
N LEU B 1095 0.64 -18.61 -42.50
CA LEU B 1095 -0.21 -17.59 -43.02
C LEU B 1095 -1.62 -18.05 -43.00
N ARG B 1096 -1.83 -19.29 -43.37
CA ARG B 1096 -3.15 -19.86 -43.43
C ARG B 1096 -3.87 -19.98 -42.15
N LYS B 1097 -3.22 -20.52 -41.14
CA LYS B 1097 -3.81 -20.68 -39.85
C LYS B 1097 -4.20 -19.40 -39.22
N GLN B 1098 -3.46 -18.36 -39.49
CA GLN B 1098 -3.73 -17.07 -38.93
C GLN B 1098 -5.04 -16.51 -39.38
N LEU B 1099 -5.30 -16.63 -40.68
CA LEU B 1099 -6.53 -16.17 -41.28
C LEU B 1099 -7.73 -16.94 -40.83
N TRP B 1100 -7.58 -18.24 -40.79
CA TRP B 1100 -8.64 -19.17 -40.48
C TRP B 1100 -8.64 -19.66 -39.08
N TYR B 1101 -8.01 -18.90 -38.22
CA TYR B 1101 -8.02 -19.16 -36.82
C TYR B 1101 -7.60 -20.52 -36.41
N GLY B 1102 -6.56 -21.03 -37.02
CA GLY B 1102 -6.04 -22.32 -36.67
C GLY B 1102 -6.72 -23.51 -37.27
N GLY B 1103 -7.73 -23.29 -38.07
CA GLY B 1103 -8.46 -24.38 -38.64
C GLY B 1103 -7.57 -25.15 -39.56
N ASP B 1104 -7.74 -26.46 -39.65
CA ASP B 1104 -6.91 -27.25 -40.53
C ASP B 1104 -7.45 -27.60 -41.90
N SER B 1105 -8.64 -28.17 -41.91
CA SER B 1105 -9.31 -28.52 -43.13
C SER B 1105 -10.77 -28.64 -42.90
N TRP B 1106 -11.54 -28.40 -43.95
CA TRP B 1106 -12.98 -28.56 -43.89
C TRP B 1106 -13.31 -29.53 -45.01
N THR B 1107 -14.08 -30.58 -44.75
CA THR B 1107 -14.43 -31.53 -45.79
C THR B 1107 -15.90 -31.52 -46.11
N ILE B 1108 -16.23 -31.42 -47.38
CA ILE B 1108 -17.59 -31.35 -47.82
C ILE B 1108 -18.15 -32.71 -47.98
N ASP B 1109 -19.17 -33.01 -47.19
CA ASP B 1109 -19.77 -34.32 -47.22
C ASP B 1109 -20.48 -34.65 -48.51
N GLY B 1110 -20.24 -35.85 -49.00
CA GLY B 1110 -20.87 -36.34 -50.20
C GLY B 1110 -20.26 -35.98 -51.53
N ILE B 1111 -19.18 -35.23 -51.50
CA ILE B 1111 -18.50 -34.86 -52.73
C ILE B 1111 -17.15 -35.50 -52.68
N GLU B 1112 -16.64 -35.92 -53.81
CA GLU B 1112 -15.35 -36.54 -53.80
C GLU B 1112 -14.52 -36.03 -54.93
N ILE B 1113 -13.25 -36.34 -54.94
CA ILE B 1113 -12.41 -35.80 -55.97
C ILE B 1113 -11.40 -36.79 -56.49
N VAL B 1114 -10.97 -36.58 -57.73
CA VAL B 1114 -10.03 -37.46 -58.38
C VAL B 1114 -8.64 -37.01 -58.11
N THR B 1115 -7.83 -37.93 -57.60
CA THR B 1115 -6.43 -37.63 -57.29
C THR B 1115 -5.45 -38.44 -58.12
N ARG B 1116 -4.59 -37.78 -58.87
CA ARG B 1116 -3.60 -38.48 -59.69
C ARG B 1116 -2.24 -38.11 -59.14
N GLU B 1117 -1.46 -39.11 -58.75
CA GLU B 1117 -0.14 -38.85 -58.20
C GLU B 1117 0.98 -39.24 -59.16
N ARG B 1118 1.78 -38.27 -59.52
CA ARG B 1118 2.89 -38.49 -60.41
C ARG B 1118 4.00 -39.22 -59.66
N LYS B 1119 5.02 -39.66 -60.37
CA LYS B 1119 6.10 -40.37 -59.74
C LYS B 1119 7.49 -39.97 -60.16
N GLU B 1120 8.51 -40.54 -59.53
CA GLU B 1120 9.90 -40.18 -59.83
C GLU B 1120 10.23 -40.31 -61.33
N ASP B 1121 9.92 -41.49 -61.85
CA ASP B 1121 10.28 -41.87 -63.22
C ASP B 1121 9.92 -41.18 -64.53
N GLY B 1122 8.81 -40.49 -64.52
CA GLY B 1122 8.32 -39.95 -65.77
C GLY B 1122 7.20 -40.87 -66.24
N LYS B 1123 6.70 -41.63 -65.27
CA LYS B 1123 5.56 -42.49 -65.46
C LYS B 1123 4.55 -42.04 -64.42
N GLU B 1124 3.28 -42.04 -64.80
CA GLU B 1124 2.21 -41.55 -63.94
C GLU B 1124 1.94 -42.44 -62.76
N GLY B 1125 1.11 -41.92 -61.85
CA GLY B 1125 0.74 -42.65 -60.65
C GLY B 1125 -0.58 -43.38 -60.78
N VAL B 1126 -1.62 -42.81 -60.19
CA VAL B 1126 -2.95 -43.40 -60.24
C VAL B 1126 -4.03 -42.34 -60.23
N GLU B 1127 -5.25 -42.75 -60.62
CA GLU B 1127 -6.38 -41.83 -60.65
C GLU B 1127 -7.42 -42.21 -59.61
N LYS B 1128 -7.04 -42.12 -58.35
CA LYS B 1128 -7.94 -42.45 -57.24
C LYS B 1128 -8.96 -41.41 -56.88
N ILE B 1129 -10.06 -41.85 -56.32
CA ILE B 1129 -11.05 -40.92 -55.86
C ILE B 1129 -11.12 -40.85 -54.37
N VAL B 1130 -11.04 -39.63 -53.86
CA VAL B 1130 -11.03 -39.38 -52.45
C VAL B 1130 -12.08 -38.36 -52.12
N PRO B 1131 -12.53 -38.36 -50.88
CA PRO B 1131 -13.56 -37.45 -50.46
C PRO B 1131 -12.98 -36.06 -50.55
N LEU B 1132 -13.80 -35.07 -50.87
CA LEU B 1132 -13.29 -33.73 -51.02
C LEU B 1132 -12.92 -33.09 -49.72
N LYS B 1133 -11.78 -32.40 -49.72
CA LYS B 1133 -11.27 -31.67 -48.56
C LYS B 1133 -10.87 -30.30 -49.08
N VAL B 1134 -11.14 -29.29 -48.29
CA VAL B 1134 -10.81 -27.95 -48.69
C VAL B 1134 -10.08 -27.32 -47.54
N PHE B 1135 -9.09 -26.51 -47.83
CA PHE B 1135 -8.30 -25.90 -46.78
C PHE B 1135 -8.37 -24.40 -46.51
N PRO B 1136 -9.48 -23.74 -46.71
CA PRO B 1136 -10.79 -23.91 -47.33
C PRO B 1136 -10.67 -24.13 -48.80
N GLY B 1137 -9.75 -23.42 -49.40
CA GLY B 1137 -9.52 -23.46 -50.82
C GLY B 1137 -8.81 -24.64 -51.38
N ARG B 1138 -8.84 -24.74 -52.70
CA ARG B 1138 -8.22 -25.81 -53.46
C ARG B 1138 -7.54 -25.27 -54.73
N SER B 1139 -6.68 -26.04 -55.35
CA SER B 1139 -5.99 -25.55 -56.53
C SER B 1139 -6.24 -26.27 -57.82
N VAL B 1140 -6.16 -25.52 -58.91
CA VAL B 1140 -6.39 -26.02 -60.24
C VAL B 1140 -5.27 -25.56 -61.14
N SER B 1141 -4.82 -26.37 -62.08
CA SER B 1141 -3.73 -25.89 -62.90
C SER B 1141 -4.29 -25.05 -63.98
N ALA B 1142 -3.97 -23.77 -63.93
CA ALA B 1142 -4.53 -22.83 -64.88
C ALA B 1142 -3.82 -22.83 -66.18
N ARG B 1143 -3.88 -23.93 -66.91
CA ARG B 1143 -3.23 -23.88 -68.21
C ARG B 1143 -4.25 -23.49 -69.25
N PHE B 1144 -4.00 -22.32 -69.77
CA PHE B 1144 -4.82 -21.76 -70.79
C PHE B 1144 -6.29 -21.78 -70.47
N THR B 1145 -6.52 -21.40 -69.25
CA THR B 1145 -7.84 -21.11 -68.77
C THR B 1145 -8.22 -19.85 -69.51
N SER B 1146 -7.22 -19.00 -69.65
CA SER B 1146 -7.35 -17.73 -70.31
C SER B 1146 -7.68 -17.87 -71.77
N LYS B 1147 -7.16 -18.89 -72.44
CA LYS B 1147 -7.46 -19.13 -73.87
C LYS B 1147 -8.88 -19.51 -74.31
N THR B 1148 -9.57 -20.31 -73.53
CA THR B 1148 -10.89 -20.83 -73.86
C THR B 1148 -12.08 -19.83 -73.94
N CYS B 1149 -12.98 -20.01 -74.91
CA CYS B 1149 -14.16 -19.18 -75.01
C CYS B 1149 -14.95 -19.68 -73.82
N SER B 1150 -15.22 -18.80 -72.87
CA SER B 1150 -15.87 -19.27 -71.65
C SER B 1150 -17.30 -19.69 -71.89
N CYS B 1151 -17.95 -18.92 -72.75
CA CYS B 1151 -19.26 -19.21 -73.22
C CYS B 1151 -19.36 -20.11 -74.46
N CYS B 1152 -18.47 -19.87 -75.43
CA CYS B 1152 -18.40 -20.61 -76.72
C CYS B 1152 -17.78 -22.08 -76.64
N GLY B 1153 -17.55 -22.33 -75.36
CA GLY B 1153 -17.16 -23.61 -74.80
C GLY B 1153 -16.01 -24.35 -75.41
N ARG B 1154 -15.15 -23.64 -76.14
CA ARG B 1154 -13.99 -24.26 -76.78
C ARG B 1154 -12.73 -23.45 -76.53
N ASN B 1155 -11.60 -23.95 -77.03
CA ASN B 1155 -10.33 -23.27 -76.86
C ASN B 1155 -9.46 -23.39 -78.11
N VAL B 1156 -8.94 -22.31 -78.63
CA VAL B 1156 -8.22 -22.36 -79.91
C VAL B 1156 -6.96 -23.19 -80.09
N PHE B 1157 -6.60 -24.04 -79.16
CA PHE B 1157 -5.33 -24.72 -79.30
C PHE B 1157 -5.37 -26.15 -79.84
N ASP B 1158 -6.57 -26.63 -80.17
CA ASP B 1158 -6.74 -27.98 -80.68
C ASP B 1158 -6.05 -28.15 -82.00
N TRP B 1159 -6.60 -27.50 -83.03
CA TRP B 1159 -6.10 -27.50 -84.39
C TRP B 1159 -4.64 -27.16 -84.30
N LEU B 1160 -4.41 -25.96 -83.77
CA LEU B 1160 -3.11 -25.38 -83.54
C LEU B 1160 -2.08 -26.35 -83.04
N PHE B 1161 -2.38 -27.08 -81.98
CA PHE B 1161 -1.38 -28.01 -81.53
C PHE B 1161 -1.25 -29.11 -82.55
N THR B 1162 -2.35 -29.82 -82.78
CA THR B 1162 -2.37 -30.96 -83.67
C THR B 1162 -1.66 -30.77 -84.99
N GLU B 1163 -2.21 -29.92 -85.86
CA GLU B 1163 -1.59 -29.69 -87.15
C GLU B 1163 -0.20 -29.16 -86.88
N LYS B 1164 -0.02 -28.43 -85.79
CA LYS B 1164 1.31 -27.93 -85.50
C LYS B 1164 2.35 -29.04 -85.65
N LYS B 1165 2.02 -30.23 -85.14
CA LYS B 1165 2.93 -31.37 -85.22
C LYS B 1165 2.51 -32.33 -86.33
N ALA B 1166 1.88 -31.78 -87.36
CA ALA B 1166 1.44 -32.58 -88.50
C ALA B 1166 2.54 -32.70 -89.55
N PHE B 1172 -4.82 -22.46 -93.88
CA PHE B 1172 -3.82 -21.93 -94.77
C PHE B 1172 -4.42 -20.91 -95.69
N ASN B 1173 -5.36 -20.13 -95.17
CA ASN B 1173 -6.05 -19.16 -95.99
C ASN B 1173 -6.84 -18.29 -95.07
N VAL B 1174 -7.52 -17.32 -95.67
CA VAL B 1174 -8.48 -16.42 -95.08
C VAL B 1174 -9.07 -15.65 -96.26
N ASN B 1175 -10.41 -15.66 -96.37
CA ASN B 1175 -11.08 -15.08 -97.52
C ASN B 1175 -11.37 -13.58 -97.48
N SER B 1176 -12.33 -13.16 -98.29
CA SER B 1176 -12.73 -11.75 -98.37
C SER B 1176 -13.05 -11.21 -96.97
N LYS B 1177 -13.42 -12.11 -96.08
CA LYS B 1177 -13.74 -11.74 -94.72
C LYS B 1177 -12.66 -12.18 -93.77
N GLY B 1178 -11.72 -12.97 -94.26
CA GLY B 1178 -10.71 -13.45 -93.36
C GLY B 1178 -11.43 -14.43 -92.47
N GLU B 1179 -11.98 -15.45 -93.10
CA GLU B 1179 -12.69 -16.48 -92.38
C GLU B 1179 -11.85 -17.74 -92.50
N LEU B 1180 -11.67 -18.44 -91.39
CA LEU B 1180 -10.87 -19.66 -91.39
C LEU B 1180 -11.68 -20.89 -91.03
N THR B 1181 -11.20 -22.03 -91.47
CA THR B 1181 -11.88 -23.27 -91.30
C THR B 1181 -11.14 -24.22 -90.38
N THR B 1182 -11.76 -24.51 -89.25
CA THR B 1182 -11.19 -25.39 -88.27
C THR B 1182 -11.88 -26.72 -88.25
N ALA B 1183 -11.84 -27.35 -87.09
CA ALA B 1183 -12.46 -28.63 -86.88
C ALA B 1183 -13.67 -28.39 -86.05
N ASP B 1184 -13.55 -27.50 -85.10
CA ASP B 1184 -14.65 -27.25 -84.21
C ASP B 1184 -15.42 -26.00 -84.55
N GLY B 1185 -15.09 -25.35 -85.65
CA GLY B 1185 -15.83 -24.15 -85.99
C GLY B 1185 -15.19 -23.16 -86.91
N VAL B 1186 -15.69 -21.95 -86.94
CA VAL B 1186 -15.12 -20.95 -87.80
C VAL B 1186 -14.65 -19.72 -87.05
N ILE B 1187 -13.34 -19.57 -87.04
CA ILE B 1187 -12.65 -18.47 -86.38
C ILE B 1187 -12.40 -17.37 -87.38
N GLN B 1188 -12.52 -16.13 -86.95
CA GLN B 1188 -12.36 -14.99 -87.82
C GLN B 1188 -11.39 -14.00 -87.24
N LEU B 1189 -10.26 -13.82 -87.89
CA LEU B 1189 -9.26 -12.91 -87.41
C LEU B 1189 -9.36 -11.54 -88.01
N PHE B 1190 -9.59 -10.54 -87.16
CA PHE B 1190 -9.71 -9.15 -87.62
C PHE B 1190 -8.37 -8.49 -87.32
N GLU B 1191 -8.07 -7.43 -88.05
CA GLU B 1191 -6.86 -6.64 -87.83
C GLU B 1191 -7.19 -5.18 -87.63
N ALA B 1192 -6.18 -4.32 -87.59
CA ALA B 1192 -6.39 -2.90 -87.39
C ALA B 1192 -7.40 -2.20 -88.29
N ASP B 1193 -8.23 -1.35 -87.70
CA ASP B 1193 -9.24 -0.61 -88.45
C ASP B 1193 -8.63 0.42 -89.38
N ARG B 1194 -8.92 0.30 -90.67
CA ARG B 1194 -8.40 1.21 -91.68
C ARG B 1194 -9.53 1.96 -92.37
N SER B 1195 -10.50 2.41 -91.60
CA SER B 1195 -11.64 3.15 -92.14
C SER B 1195 -11.99 4.34 -91.25
N LYS B 1196 -11.34 4.42 -90.11
CA LYS B 1196 -11.57 5.52 -89.17
C LYS B 1196 -10.59 6.66 -89.40
N GLY B 1197 -9.31 6.36 -89.32
CA GLY B 1197 -8.27 7.36 -89.51
C GLY B 1197 -7.12 7.21 -88.53
N PRO B 1198 -5.96 7.78 -88.88
CA PRO B 1198 -4.77 7.71 -88.02
C PRO B 1198 -4.91 8.58 -86.79
N LYS B 1199 -5.07 9.89 -86.98
CA LYS B 1199 -5.23 10.80 -85.91
C LYS B 1199 -6.62 10.73 -85.37
N PHE B 1200 -7.50 10.06 -86.08
CA PHE B 1200 -8.85 9.99 -85.56
C PHE B 1200 -8.95 9.32 -84.23
N TYR B 1201 -8.28 8.18 -84.08
CA TYR B 1201 -8.32 7.52 -82.80
C TYR B 1201 -7.60 8.25 -81.64
N ALA B 1202 -6.49 8.91 -81.95
CA ALA B 1202 -5.75 9.62 -80.93
C ALA B 1202 -6.65 10.69 -80.38
N ARG B 1203 -7.24 11.43 -81.29
CA ARG B 1203 -8.10 12.53 -80.94
C ARG B 1203 -9.29 12.06 -80.18
N ARG B 1204 -9.81 10.90 -80.55
CA ARG B 1204 -10.97 10.39 -79.86
C ARG B 1204 -10.64 9.65 -78.59
N LYS B 1205 -9.34 9.48 -78.36
CA LYS B 1205 -8.86 8.78 -77.19
C LYS B 1205 -9.38 7.36 -77.06
N GLU B 1206 -9.26 6.59 -78.14
CA GLU B 1206 -9.73 5.21 -78.15
C GLU B 1206 -8.84 4.02 -78.51
N ARG B 1207 -7.65 4.30 -79.02
CA ARG B 1207 -6.70 3.29 -79.44
C ARG B 1207 -6.92 2.24 -80.54
N THR B 1208 -7.48 2.64 -81.69
CA THR B 1208 -7.60 1.74 -82.86
C THR B 1208 -8.18 0.33 -82.74
N PRO B 1209 -9.48 0.18 -82.56
CA PRO B 1209 -10.08 -1.14 -82.40
C PRO B 1209 -9.94 -1.96 -83.66
N LEU B 1210 -9.89 -3.29 -83.54
CA LEU B 1210 -9.71 -4.14 -84.70
C LEU B 1210 -10.98 -4.47 -85.46
N THR B 1211 -11.66 -3.44 -85.90
CA THR B 1211 -12.89 -3.58 -86.67
C THR B 1211 -12.69 -4.18 -88.07
N LYS B 1212 -11.66 -3.75 -88.76
CA LYS B 1212 -11.43 -4.21 -90.12
C LYS B 1212 -10.70 -5.52 -90.24
N PRO B 1213 -11.36 -6.51 -90.87
CA PRO B 1213 -10.79 -7.85 -91.07
C PRO B 1213 -9.44 -7.88 -91.78
N ILE B 1214 -8.75 -9.01 -91.71
CA ILE B 1214 -7.46 -9.18 -92.38
C ILE B 1214 -7.32 -10.41 -93.26
N ALA B 1215 -7.50 -10.22 -94.57
CA ALA B 1215 -7.41 -11.32 -95.53
C ALA B 1215 -6.29 -11.13 -96.55
N LYS B 1216 -5.74 -12.25 -97.01
CA LYS B 1216 -4.65 -12.22 -97.99
C LYS B 1216 -4.73 -13.42 -98.93
N GLY B 1217 -5.39 -14.48 -98.48
CA GLY B 1217 -5.54 -15.69 -99.27
C GLY B 1217 -4.57 -16.77 -98.85
N SER B 1218 -3.38 -16.37 -98.42
CA SER B 1218 -2.36 -17.32 -97.99
C SER B 1218 -1.59 -16.80 -96.78
N TYR B 1219 -1.61 -17.57 -95.70
CA TYR B 1219 -0.92 -17.20 -94.47
C TYR B 1219 -0.20 -18.40 -93.86
N SER B 1220 1.11 -18.27 -93.69
CA SER B 1220 1.92 -19.35 -93.12
C SER B 1220 1.38 -19.61 -91.73
N LEU B 1221 1.59 -20.81 -91.21
CA LEU B 1221 0.99 -21.18 -89.93
C LEU B 1221 1.37 -20.30 -88.77
N GLU B 1222 2.63 -19.92 -88.69
CA GLU B 1222 3.09 -19.15 -87.55
C GLU B 1222 2.26 -17.90 -87.49
N GLU B 1223 1.98 -17.39 -88.68
CA GLU B 1223 1.24 -16.15 -88.79
C GLU B 1223 -0.10 -16.34 -88.14
N ILE B 1224 -0.57 -17.57 -88.17
CA ILE B 1224 -1.82 -17.88 -87.52
C ILE B 1224 -1.70 -17.70 -86.02
N GLU B 1225 -0.58 -18.10 -85.43
CA GLU B 1225 -0.47 -17.98 -84.00
C GLU B 1225 -0.56 -16.57 -83.54
N ARG B 1226 0.31 -15.73 -84.09
CA ARG B 1226 0.40 -14.35 -83.66
C ARG B 1226 -0.89 -13.66 -83.88
N ARG B 1227 -1.43 -13.89 -85.05
CA ARG B 1227 -2.69 -13.30 -85.39
C ARG B 1227 -3.76 -13.71 -84.42
N VAL B 1228 -3.65 -14.94 -83.99
CA VAL B 1228 -4.56 -15.50 -83.03
C VAL B 1228 -4.36 -15.00 -81.59
N ARG B 1229 -3.10 -14.74 -81.28
CA ARG B 1229 -2.68 -14.21 -80.00
C ARG B 1229 -3.24 -12.83 -79.91
N THR B 1230 -3.07 -12.10 -80.98
CA THR B 1230 -3.48 -10.72 -80.99
C THR B 1230 -4.93 -10.55 -80.70
N ASN B 1231 -5.73 -11.38 -81.33
CA ASN B 1231 -7.15 -11.33 -81.21
C ASN B 1231 -7.87 -11.64 -79.91
N LEU B 1232 -7.38 -12.62 -79.17
CA LEU B 1232 -7.98 -12.97 -77.88
C LEU B 1232 -7.80 -11.88 -76.83
N ARG B 1233 -6.59 -11.78 -76.30
CA ARG B 1233 -6.27 -10.76 -75.31
C ARG B 1233 -6.27 -9.38 -75.98
N ARG B 1234 -7.17 -8.52 -75.56
CA ARG B 1234 -7.27 -7.18 -76.13
C ARG B 1234 -7.18 -6.08 -75.07
N ALA B 1235 -7.06 -4.85 -75.53
CA ALA B 1235 -6.97 -3.70 -74.63
C ALA B 1235 -8.27 -2.95 -74.43
N PRO B 1236 -8.11 -1.79 -73.81
CA PRO B 1236 -8.97 -0.76 -73.27
C PRO B 1236 -9.85 -0.10 -74.28
N LYS B 1237 -11.02 0.16 -73.75
CA LYS B 1237 -12.07 0.80 -74.45
C LYS B 1237 -11.53 2.18 -74.53
N SER B 1238 -11.03 2.64 -73.39
CA SER B 1238 -10.51 3.95 -73.31
C SER B 1238 -9.06 4.04 -73.13
N LYS B 1239 -8.47 4.98 -73.82
CA LYS B 1239 -7.04 5.13 -73.77
C LYS B 1239 -6.80 5.53 -72.35
N GLN B 1240 -7.71 6.34 -71.81
CA GLN B 1240 -7.57 6.80 -70.44
C GLN B 1240 -8.15 5.80 -69.49
N SER B 1241 -7.57 4.64 -69.52
CA SER B 1241 -7.98 3.61 -68.67
C SER B 1241 -6.70 3.42 -67.94
N ARG B 1242 -6.82 3.12 -66.67
CA ARG B 1242 -5.65 2.80 -65.90
C ARG B 1242 -5.07 1.40 -66.24
N ASP B 1243 -5.94 0.58 -66.81
CA ASP B 1243 -5.58 -0.74 -67.25
C ASP B 1243 -4.66 -0.53 -68.42
N THR B 1244 -3.54 -1.21 -68.45
CA THR B 1244 -2.64 -1.15 -69.59
C THR B 1244 -2.47 -2.51 -70.25
N SER B 1245 -2.73 -3.53 -69.45
CA SER B 1245 -2.68 -4.89 -69.90
C SER B 1245 -3.89 -5.17 -70.73
N GLN B 1246 -3.93 -6.28 -71.42
CA GLN B 1246 -5.08 -6.55 -72.23
C GLN B 1246 -6.18 -7.24 -71.47
N SER B 1247 -7.11 -6.43 -70.99
CA SER B 1247 -8.22 -6.91 -70.18
C SER B 1247 -9.33 -7.62 -70.94
N GLN B 1248 -9.64 -7.18 -72.15
CA GLN B 1248 -10.72 -7.84 -72.86
C GLN B 1248 -10.31 -8.97 -73.79
N TYR B 1249 -11.05 -10.07 -73.70
CA TYR B 1249 -10.80 -11.24 -74.55
C TYR B 1249 -12.03 -11.65 -75.36
N PHE B 1250 -11.87 -11.76 -76.67
CA PHE B 1250 -12.99 -12.13 -77.54
C PHE B 1250 -12.94 -13.59 -77.99
N CYS B 1251 -14.01 -14.04 -78.65
CA CYS B 1251 -14.10 -15.42 -79.14
C CYS B 1251 -13.85 -15.34 -80.64
N VAL B 1252 -13.11 -16.31 -81.17
CA VAL B 1252 -12.80 -16.36 -82.59
C VAL B 1252 -13.95 -16.95 -83.40
N TYR B 1253 -14.62 -17.94 -82.82
CA TYR B 1253 -15.74 -18.58 -83.48
C TYR B 1253 -16.86 -17.59 -83.78
N LYS B 1254 -17.44 -17.70 -84.97
CA LYS B 1254 -18.51 -16.83 -85.36
C LYS B 1254 -19.68 -16.92 -84.40
N ASP B 1255 -19.86 -18.10 -83.87
CA ASP B 1255 -20.86 -18.34 -82.88
C ASP B 1255 -20.86 -17.84 -81.40
N CYS B 1256 -19.76 -18.06 -80.65
CA CYS B 1256 -19.76 -17.65 -79.21
C CYS B 1256 -20.07 -16.20 -79.39
N ALA B 1257 -20.97 -15.66 -78.58
CA ALA B 1257 -21.35 -14.25 -78.67
C ALA B 1257 -20.20 -13.30 -78.36
N LEU B 1258 -19.19 -13.85 -77.70
CA LEU B 1258 -18.01 -13.12 -77.23
C LEU B 1258 -17.29 -12.34 -78.33
N HIS B 1259 -17.11 -13.10 -79.39
CA HIS B 1259 -16.49 -12.72 -80.65
C HIS B 1259 -16.56 -11.27 -80.99
N PHE B 1260 -17.79 -10.82 -81.08
CA PHE B 1260 -18.15 -9.46 -81.31
C PHE B 1260 -18.22 -8.42 -80.23
N SER B 1261 -18.90 -8.82 -79.16
CA SER B 1261 -19.05 -7.98 -77.99
C SER B 1261 -17.78 -8.02 -77.18
N GLY B 1262 -17.36 -9.19 -76.75
CA GLY B 1262 -16.17 -9.29 -75.96
C GLY B 1262 -16.47 -9.35 -74.48
N MSE B 1263 -15.55 -9.93 -73.70
CA MSE B 1263 -15.72 -10.08 -72.27
C MSE B 1263 -14.41 -9.89 -71.54
O MSE B 1263 -13.35 -10.10 -72.16
CB MSE B 1263 -16.19 -11.50 -72.11
CG MSE B 1263 -16.74 -11.78 -70.75
SE MSE B 1263 -16.63 -13.72 -70.75
CE MSE B 1263 -17.86 -14.07 -69.29
N GLN B 1264 -14.47 -9.53 -70.25
CA GLN B 1264 -13.30 -9.30 -69.41
C GLN B 1264 -12.50 -10.56 -69.31
N ALA B 1265 -11.19 -10.47 -69.41
CA ALA B 1265 -10.41 -11.67 -69.37
C ALA B 1265 -10.57 -12.45 -68.10
N ASP B 1266 -10.54 -11.76 -66.98
CA ASP B 1266 -10.60 -12.43 -65.69
C ASP B 1266 -11.85 -13.19 -65.63
N GLU B 1267 -12.90 -12.54 -66.10
CA GLU B 1267 -14.23 -13.06 -66.05
C GLU B 1267 -14.22 -14.32 -66.82
N ASN B 1268 -13.50 -14.35 -67.91
CA ASN B 1268 -13.45 -15.57 -68.68
C ASN B 1268 -12.72 -16.67 -67.95
N ALA B 1269 -11.54 -16.35 -67.47
CA ALA B 1269 -10.71 -17.34 -66.82
C ALA B 1269 -11.37 -17.90 -65.61
N ALA B 1270 -12.11 -17.06 -64.91
CA ALA B 1270 -12.74 -17.49 -63.70
C ALA B 1270 -13.60 -18.61 -64.08
N ILE B 1271 -14.38 -18.43 -65.13
CA ILE B 1271 -15.31 -19.46 -65.56
C ILE B 1271 -14.63 -20.75 -65.90
N ASN B 1272 -13.56 -20.67 -66.65
CA ASN B 1272 -12.85 -21.86 -67.02
C ASN B 1272 -12.32 -22.56 -65.83
N ILE B 1273 -11.88 -21.82 -64.83
CA ILE B 1273 -11.39 -22.50 -63.66
C ILE B 1273 -12.53 -23.29 -63.08
N GLY B 1274 -13.70 -22.69 -62.99
CA GLY B 1274 -14.82 -23.37 -62.39
C GLY B 1274 -15.17 -24.61 -63.15
N ARG B 1275 -15.24 -24.49 -64.45
CA ARG B 1275 -15.59 -25.63 -65.23
C ARG B 1275 -14.51 -26.65 -65.05
N ARG B 1276 -13.28 -26.18 -65.04
CA ARG B 1276 -12.19 -27.09 -64.90
C ARG B 1276 -12.24 -27.82 -63.59
N PHE B 1277 -12.48 -27.12 -62.51
CA PHE B 1277 -12.52 -27.80 -61.24
C PHE B 1277 -13.63 -28.78 -61.10
N LEU B 1278 -14.81 -28.35 -61.51
CA LEU B 1278 -16.04 -29.10 -61.37
C LEU B 1278 -16.01 -30.44 -62.06
N THR B 1279 -15.32 -30.48 -63.18
CA THR B 1279 -15.25 -31.69 -63.93
C THR B 1279 -14.64 -32.72 -63.05
N ALA B 1280 -13.58 -32.27 -62.39
CA ALA B 1280 -12.69 -33.06 -61.57
C ALA B 1280 -13.46 -33.69 -60.47
N LEU B 1281 -14.51 -33.03 -60.02
CA LEU B 1281 -15.27 -33.60 -58.95
C LEU B 1281 -16.21 -34.63 -59.47
N ARG B 1282 -15.59 -35.68 -59.95
CA ARG B 1282 -16.23 -36.83 -60.59
C ARG B 1282 -16.94 -37.66 -59.58
N LYS B 1283 -17.72 -37.01 -58.76
CA LYS B 1283 -18.47 -37.73 -57.78
C LYS B 1283 -19.48 -36.85 -57.12
N ASN B 1284 -20.19 -37.47 -56.18
CA ASN B 1284 -21.22 -36.86 -55.40
C ASN B 1284 -21.56 -37.79 -54.25
ZN ZN I . 9.90 24.98 80.60
ZN ZN J . -16.08 -18.44 -77.82
#